data_1M32
#
_entry.id   1M32
#
_cell.length_a   49.6
_cell.length_b   155.3
_cell.length_c   168.6
_cell.angle_alpha   90.0
_cell.angle_beta   90.6
_cell.angle_gamma   90.0
#
_symmetry.space_group_name_H-M   'P 1 21 1'
#
loop_
_entity.id
_entity.type
_entity.pdbx_description
1 polymer '2-aminoethylphosphonate-pyruvate aminotransferase'
2 non-polymer "PYRIDOXAL-5'-PHOSPHATE"
3 non-polymer PHOSPHONOACETALDEHYDE
4 non-polymer 'PHOSPHATE ION'
5 water water
#
_entity_poly.entity_id   1
_entity_poly.type   'polypeptide(L)'
_entity_poly.pdbx_seq_one_letter_code
;TSRNYLLLTPGPLTTSRTVKEA(MSE)LFDSCTWDDDYNIGVVEQIRQQLTALATASEGYTSVLLQGSGSYAVEAVLGSA
LGPQDKVLIVSNGAYGAR(MSE)VE(MSE)AGL(MSE)GIAHHAYDCGEVARPDVQAIDAILNADPTISHIA(MSE)VHS
ETTTG(MSE)LNPIDEVGALAHRYGKTYIVDA(MSE)SSFGGIP(MSE)DIAALHIDYLISSANKCIQGVPGFAFVIARE
QKLAACKGHSRSLSLDLYAQWRC(MSE)EDNHGKWRFTSPTHTVLAFAQALKELAKEGGVAARHQRYQQNQRSLVAG
(MSE)RALGFNTLLDDELHSPIITAFYSPEDPQYRFSEFYRRLKEQGFVIYPGKVSQSDCFRIGNIGEVYAADITALLTA
IRTA(MSE)YWTK
;
_entity_poly.pdbx_strand_id   A,B,C,D,E,F
#
# COMPACT_ATOMS: atom_id res chain seq x y z
N TYR A 5 -17.47 -20.16 -30.34
CA TYR A 5 -18.14 -18.83 -30.44
C TYR A 5 -19.03 -18.75 -31.67
N LEU A 6 -20.24 -18.21 -31.48
CA LEU A 6 -21.14 -18.02 -32.60
C LEU A 6 -20.97 -16.54 -32.96
N LEU A 7 -20.62 -16.28 -34.20
CA LEU A 7 -20.40 -14.90 -34.65
C LEU A 7 -21.66 -14.22 -35.17
N LEU A 8 -22.33 -13.46 -34.31
CA LEU A 8 -23.53 -12.73 -34.71
C LEU A 8 -23.06 -11.40 -35.30
N THR A 9 -22.22 -11.50 -36.32
CA THR A 9 -21.67 -10.34 -37.00
C THR A 9 -22.27 -10.27 -38.40
N PRO A 10 -21.95 -9.21 -39.14
CA PRO A 10 -22.48 -9.08 -40.51
C PRO A 10 -21.55 -9.78 -41.49
N GLY A 11 -20.61 -10.55 -40.96
CA GLY A 11 -19.65 -11.26 -41.79
C GLY A 11 -18.32 -10.54 -41.77
N PRO A 12 -17.17 -11.25 -41.66
CA PRO A 12 -16.98 -12.69 -41.56
C PRO A 12 -17.83 -13.27 -40.43
N LEU A 13 -18.49 -14.39 -40.72
CA LEU A 13 -19.36 -15.02 -39.74
C LEU A 13 -19.00 -16.47 -39.45
N THR A 14 -19.88 -17.17 -38.73
CA THR A 14 -19.65 -18.57 -38.41
C THR A 14 -20.06 -19.38 -39.63
N THR A 15 -19.07 -19.94 -40.32
CA THR A 15 -19.33 -20.74 -41.51
C THR A 15 -19.60 -22.17 -41.10
N SER A 16 -20.22 -22.93 -41.98
CA SER A 16 -20.52 -24.33 -41.70
C SER A 16 -19.20 -25.10 -41.73
N ARG A 17 -19.18 -26.24 -41.06
CA ARG A 17 -17.98 -27.06 -41.01
C ARG A 17 -17.66 -27.63 -42.39
N THR A 18 -18.69 -27.89 -43.19
CA THR A 18 -18.48 -28.43 -44.53
C THR A 18 -17.88 -27.37 -45.46
N VAL A 19 -18.22 -26.10 -45.21
CA VAL A 19 -17.66 -25.03 -46.01
C VAL A 19 -16.15 -24.95 -45.71
N LYS A 20 -15.79 -25.11 -44.45
CA LYS A 20 -14.38 -25.06 -44.06
C LYS A 20 -13.61 -26.26 -44.63
N GLU A 21 -14.19 -27.45 -44.52
CA GLU A 21 -13.54 -28.66 -45.01
C GLU A 21 -13.19 -28.58 -46.50
N ALA A 22 -13.97 -27.82 -47.26
CA ALA A 22 -13.73 -27.66 -48.70
C ALA A 22 -12.45 -26.87 -49.02
N LEU A 24 -9.57 -27.52 -47.60
CA LEU A 24 -8.44 -28.45 -47.42
C LEU A 24 -7.84 -29.09 -48.68
N PHE A 25 -7.65 -28.29 -49.73
CA PHE A 25 -7.08 -28.76 -50.97
C PHE A 25 -6.22 -27.66 -51.59
N ASP A 26 -5.15 -28.06 -52.28
CA ASP A 26 -4.29 -27.10 -52.95
C ASP A 26 -4.60 -27.18 -54.44
N SER A 27 -4.98 -26.07 -55.04
CA SER A 27 -5.33 -26.04 -56.46
C SER A 27 -4.24 -25.39 -57.33
N CYS A 28 -4.16 -25.82 -58.58
CA CYS A 28 -3.20 -25.23 -59.52
C CYS A 28 -3.98 -24.22 -60.35
N THR A 29 -3.56 -22.96 -60.29
CA THR A 29 -4.23 -21.87 -61.00
C THR A 29 -4.25 -21.96 -62.52
N TRP A 30 -3.36 -22.77 -63.08
CA TRP A 30 -3.29 -22.92 -64.53
C TRP A 30 -4.16 -24.08 -65.01
N ASP A 31 -4.48 -24.98 -64.09
CA ASP A 31 -5.26 -26.18 -64.42
C ASP A 31 -6.76 -25.96 -64.61
N ASP A 32 -7.33 -26.67 -65.58
CA ASP A 32 -8.76 -26.58 -65.85
C ASP A 32 -9.61 -27.13 -64.71
N ASP A 33 -9.02 -28.01 -63.90
CA ASP A 33 -9.76 -28.58 -62.77
C ASP A 33 -10.26 -27.42 -61.91
N TYR A 34 -9.44 -26.39 -61.79
CA TYR A 34 -9.77 -25.22 -60.99
C TYR A 34 -10.55 -24.18 -61.79
N ASN A 35 -9.99 -23.73 -62.90
CA ASN A 35 -10.65 -22.72 -63.70
C ASN A 35 -12.01 -23.12 -64.26
N ILE A 36 -12.09 -24.31 -64.83
CA ILE A 36 -13.37 -24.78 -65.38
C ILE A 36 -14.18 -25.51 -64.32
N GLY A 37 -13.52 -26.43 -63.62
CA GLY A 37 -14.19 -27.20 -62.59
C GLY A 37 -14.73 -26.42 -61.42
N VAL A 38 -14.12 -25.27 -61.12
CA VAL A 38 -14.57 -24.46 -59.99
C VAL A 38 -14.97 -23.04 -60.34
N VAL A 39 -14.05 -22.28 -60.90
CA VAL A 39 -14.31 -20.88 -61.25
C VAL A 39 -15.49 -20.68 -62.19
N GLU A 40 -15.49 -21.36 -63.33
CA GLU A 40 -16.59 -21.21 -64.29
C GLU A 40 -17.93 -21.63 -63.68
N GLN A 41 -17.92 -22.62 -62.80
CA GLN A 41 -19.15 -23.06 -62.17
C GLN A 41 -19.69 -21.98 -61.23
N ILE A 42 -18.78 -21.34 -60.49
CA ILE A 42 -19.17 -20.28 -59.59
C ILE A 42 -19.76 -19.11 -60.39
N ARG A 43 -19.08 -18.71 -61.46
CA ARG A 43 -19.55 -17.61 -62.28
C ARG A 43 -20.96 -17.84 -62.82
N GLN A 44 -21.19 -19.02 -63.39
CA GLN A 44 -22.48 -19.38 -63.95
C GLN A 44 -23.58 -19.36 -62.89
N GLN A 45 -23.28 -19.92 -61.72
CA GLN A 45 -24.25 -19.98 -60.63
C GLN A 45 -24.58 -18.60 -60.07
N LEU A 46 -23.59 -17.72 -60.02
CA LEU A 46 -23.82 -16.37 -59.51
C LEU A 46 -24.78 -15.61 -60.41
N THR A 47 -24.54 -15.67 -61.72
CA THR A 47 -25.39 -14.99 -62.68
C THR A 47 -26.82 -15.51 -62.60
N ALA A 48 -26.97 -16.83 -62.57
CA ALA A 48 -28.29 -17.45 -62.49
C ALA A 48 -28.99 -17.07 -61.18
N LEU A 49 -28.19 -16.93 -60.14
CA LEU A 49 -28.70 -16.57 -58.82
C LEU A 49 -29.17 -15.11 -58.81
N ALA A 50 -28.52 -14.28 -59.61
CA ALA A 50 -28.87 -12.86 -59.68
C ALA A 50 -30.06 -12.55 -60.58
N THR A 51 -30.27 -13.37 -61.60
CA THR A 51 -31.37 -13.13 -62.52
C THR A 51 -31.66 -14.32 -63.42
N ALA A 52 -32.88 -14.34 -63.96
CA ALA A 52 -33.29 -15.40 -64.86
C ALA A 52 -33.04 -14.94 -66.30
N SER A 53 -32.79 -13.65 -66.47
CA SER A 53 -32.55 -13.08 -67.79
C SER A 53 -31.16 -13.35 -68.35
N GLU A 54 -31.05 -13.18 -69.67
CA GLU A 54 -29.79 -13.36 -70.37
C GLU A 54 -29.12 -11.99 -70.42
N GLY A 55 -27.88 -11.94 -70.89
CA GLY A 55 -27.19 -10.67 -70.99
C GLY A 55 -26.35 -10.25 -69.80
N TYR A 56 -26.27 -11.10 -68.78
CA TYR A 56 -25.46 -10.78 -67.61
C TYR A 56 -24.24 -11.69 -67.51
N THR A 57 -23.23 -11.22 -66.80
CA THR A 57 -21.99 -11.98 -66.63
C THR A 57 -21.37 -11.69 -65.27
N SER A 58 -20.56 -12.61 -64.78
CA SER A 58 -19.92 -12.46 -63.48
C SER A 58 -18.42 -12.29 -63.55
N VAL A 59 -17.88 -11.53 -62.61
CA VAL A 59 -16.44 -11.30 -62.54
C VAL A 59 -16.05 -11.34 -61.07
N LEU A 60 -15.01 -12.12 -60.77
CA LEU A 60 -14.52 -12.26 -59.40
C LEU A 60 -13.25 -11.44 -59.24
N LEU A 61 -13.06 -10.86 -58.06
CA LEU A 61 -11.90 -10.01 -57.80
C LEU A 61 -11.28 -10.26 -56.44
N GLN A 62 -9.96 -10.42 -56.40
CA GLN A 62 -9.25 -10.66 -55.14
C GLN A 62 -9.35 -9.43 -54.25
N GLY A 63 -9.42 -9.65 -52.94
CA GLY A 63 -9.51 -8.55 -51.99
C GLY A 63 -10.84 -8.52 -51.24
N SER A 64 -11.12 -7.41 -50.57
CA SER A 64 -12.37 -7.28 -49.82
C SER A 64 -13.45 -6.66 -50.71
N GLY A 65 -14.67 -6.57 -50.18
CA GLY A 65 -15.77 -5.99 -50.94
C GLY A 65 -15.49 -4.59 -51.43
N SER A 66 -14.82 -3.78 -50.60
CA SER A 66 -14.50 -2.41 -50.98
C SER A 66 -13.67 -2.36 -52.26
N TYR A 67 -12.79 -3.35 -52.44
CA TYR A 67 -11.95 -3.40 -53.63
C TYR A 67 -12.85 -3.46 -54.86
N ALA A 68 -13.89 -4.29 -54.79
CA ALA A 68 -14.84 -4.45 -55.89
C ALA A 68 -15.63 -3.16 -56.11
N VAL A 69 -15.98 -2.48 -55.03
CA VAL A 69 -16.71 -1.23 -55.15
C VAL A 69 -15.80 -0.22 -55.86
N GLU A 70 -14.54 -0.18 -55.44
CA GLU A 70 -13.59 0.73 -56.04
C GLU A 70 -13.34 0.38 -57.50
N ALA A 71 -13.25 -0.92 -57.78
CA ALA A 71 -13.02 -1.38 -59.15
C ALA A 71 -14.16 -0.98 -60.09
N VAL A 72 -15.39 -1.04 -59.59
CA VAL A 72 -16.54 -0.67 -60.41
C VAL A 72 -16.52 0.84 -60.68
N LEU A 73 -16.20 1.62 -59.66
CA LEU A 73 -16.14 3.08 -59.82
C LEU A 73 -15.07 3.48 -60.81
N GLY A 74 -13.94 2.78 -60.80
CA GLY A 74 -12.87 3.11 -61.71
C GLY A 74 -12.93 2.43 -63.06
N SER A 75 -13.72 1.36 -63.16
CA SER A 75 -13.84 0.60 -64.41
C SER A 75 -15.15 0.82 -65.16
N ALA A 76 -16.25 0.95 -64.44
CA ALA A 76 -17.55 1.14 -65.07
C ALA A 76 -17.78 2.57 -65.60
N LEU A 77 -17.01 3.53 -65.09
CA LEU A 77 -17.15 4.91 -65.55
C LEU A 77 -15.97 5.36 -66.39
N GLY A 78 -16.26 6.07 -67.48
CA GLY A 78 -15.22 6.60 -68.34
C GLY A 78 -14.87 8.00 -67.88
N PRO A 79 -13.91 8.67 -68.54
CA PRO A 79 -13.51 10.04 -68.16
C PRO A 79 -14.57 11.12 -68.34
N GLN A 80 -15.66 10.80 -69.02
CA GLN A 80 -16.72 11.78 -69.25
C GLN A 80 -17.98 11.43 -68.45
N ASP A 81 -17.89 10.38 -67.64
CA ASP A 81 -19.03 9.93 -66.83
C ASP A 81 -19.11 10.62 -65.48
N LYS A 82 -20.30 10.61 -64.88
CA LYS A 82 -20.53 11.24 -63.59
C LYS A 82 -21.55 10.39 -62.82
N VAL A 83 -21.23 10.06 -61.58
CA VAL A 83 -22.14 9.22 -60.81
C VAL A 83 -22.84 9.89 -59.62
N LEU A 84 -24.16 9.69 -59.55
CA LEU A 84 -24.94 10.21 -58.45
C LEU A 84 -24.78 9.16 -57.36
N ILE A 85 -24.18 9.56 -56.25
CA ILE A 85 -23.95 8.63 -55.15
C ILE A 85 -24.86 8.91 -53.97
N VAL A 86 -25.74 7.96 -53.67
CA VAL A 86 -26.65 8.10 -52.54
C VAL A 86 -25.86 7.72 -51.30
N SER A 87 -25.85 8.60 -50.31
CA SER A 87 -25.11 8.33 -49.08
C SER A 87 -26.00 8.44 -47.86
N ASN A 88 -26.20 7.32 -47.17
CA ASN A 88 -27.02 7.31 -45.96
C ASN A 88 -26.44 6.28 -45.00
N GLY A 89 -25.12 6.24 -44.93
CA GLY A 89 -24.43 5.31 -44.06
C GLY A 89 -22.94 5.26 -44.40
N ALA A 90 -22.19 4.52 -43.60
CA ALA A 90 -20.74 4.40 -43.81
C ALA A 90 -20.32 3.93 -45.19
N TYR A 91 -21.05 2.97 -45.74
CA TYR A 91 -20.70 2.43 -47.05
C TYR A 91 -21.07 3.32 -48.21
N GLY A 92 -22.11 4.13 -48.04
CA GLY A 92 -22.48 5.06 -49.09
C GLY A 92 -21.41 6.14 -49.05
N ALA A 93 -21.04 6.54 -47.84
CA ALA A 93 -20.03 7.58 -47.65
C ALA A 93 -18.66 7.14 -48.17
N ARG A 94 -18.37 5.86 -48.09
CA ARG A 94 -17.09 5.36 -48.58
C ARG A 94 -17.01 5.49 -50.10
N VAL A 96 -18.40 7.87 -51.80
CA VAL A 96 -18.15 9.29 -52.05
C VAL A 96 -16.65 9.55 -51.80
N GLU A 97 -16.13 8.94 -50.74
CA GLU A 97 -14.72 9.09 -50.39
C GLU A 97 -13.84 8.59 -51.54
N ALA A 99 -14.65 8.22 -54.75
CA ALA A 99 -14.82 9.09 -55.91
C ALA A 99 -13.94 10.33 -55.80
N GLY A 100 -13.90 10.92 -54.60
CA GLY A 100 -13.08 12.11 -54.39
C GLY A 100 -11.61 11.82 -54.55
N LEU A 101 -11.15 10.70 -54.00
CA LEU A 101 -9.75 10.32 -54.09
C LEU A 101 -9.32 10.03 -55.52
N GLY A 103 -10.70 11.16 -58.19
CA GLY A 103 -10.97 12.26 -59.10
C GLY A 103 -12.11 11.97 -60.05
N ILE A 104 -13.07 11.16 -59.60
CA ILE A 104 -14.22 10.80 -60.41
C ILE A 104 -15.38 11.78 -60.22
N ALA A 105 -15.92 12.30 -61.32
CA ALA A 105 -17.03 13.25 -61.29
C ALA A 105 -18.22 12.62 -60.60
N HIS A 106 -18.85 13.38 -59.70
CA HIS A 106 -19.99 12.85 -58.97
C HIS A 106 -20.83 13.92 -58.28
N HIS A 107 -21.95 13.46 -57.74
CA HIS A 107 -22.86 14.29 -56.98
C HIS A 107 -23.32 13.43 -55.81
N ALA A 108 -23.02 13.88 -54.60
CA ALA A 108 -23.39 13.13 -53.40
C ALA A 108 -24.73 13.59 -52.83
N TYR A 109 -25.63 12.64 -52.63
CA TYR A 109 -26.94 12.95 -52.06
C TYR A 109 -27.01 12.27 -50.70
N ASP A 110 -26.72 13.03 -49.65
CA ASP A 110 -26.73 12.53 -48.28
C ASP A 110 -28.07 12.84 -47.64
N CYS A 111 -28.66 11.84 -46.99
CA CYS A 111 -29.95 12.03 -46.33
C CYS A 111 -29.97 11.58 -44.87
N GLY A 112 -28.81 11.31 -44.30
CA GLY A 112 -28.78 10.88 -42.91
C GLY A 112 -28.75 9.38 -42.76
N GLU A 113 -28.21 8.91 -41.64
CA GLU A 113 -28.10 7.48 -41.37
C GLU A 113 -29.39 6.77 -41.01
N VAL A 114 -30.33 7.49 -40.42
CA VAL A 114 -31.60 6.88 -40.04
C VAL A 114 -32.75 7.39 -40.90
N ALA A 115 -32.41 7.91 -42.07
CA ALA A 115 -33.43 8.42 -42.98
C ALA A 115 -33.41 7.65 -44.30
N ARG A 116 -34.58 7.15 -44.68
CA ARG A 116 -34.71 6.41 -45.94
C ARG A 116 -34.57 7.42 -47.07
N PRO A 117 -33.81 7.07 -48.13
CA PRO A 117 -33.61 7.97 -49.27
C PRO A 117 -34.93 8.48 -49.87
N ASP A 118 -34.95 9.77 -50.19
CA ASP A 118 -36.14 10.41 -50.78
C ASP A 118 -36.09 10.22 -52.30
N VAL A 119 -36.87 9.28 -52.81
CA VAL A 119 -36.89 9.00 -54.25
C VAL A 119 -37.28 10.22 -55.10
N GLN A 120 -38.21 11.02 -54.60
CA GLN A 120 -38.64 12.21 -55.33
C GLN A 120 -37.49 13.20 -55.43
N ALA A 121 -36.69 13.29 -54.36
CA ALA A 121 -35.54 14.18 -54.33
C ALA A 121 -34.50 13.70 -55.34
N ILE A 122 -34.34 12.38 -55.44
CA ILE A 122 -33.37 11.80 -56.38
C ILE A 122 -33.87 12.07 -57.79
N ASP A 123 -35.18 11.97 -57.99
CA ASP A 123 -35.79 12.21 -59.28
C ASP A 123 -35.51 13.64 -59.74
N ALA A 124 -35.61 14.60 -58.82
CA ALA A 124 -35.37 16.00 -59.14
C ALA A 124 -33.91 16.25 -59.51
N ILE A 125 -33.00 15.62 -58.78
CA ILE A 125 -31.58 15.78 -59.07
C ILE A 125 -31.28 15.28 -60.48
N LEU A 126 -31.82 14.11 -60.83
CA LEU A 126 -31.59 13.55 -62.15
C LEU A 126 -32.22 14.42 -63.24
N ASN A 127 -33.33 15.07 -62.90
CA ASN A 127 -34.01 15.94 -63.85
C ASN A 127 -33.25 17.23 -64.08
N ALA A 128 -32.63 17.77 -63.02
CA ALA A 128 -31.88 19.02 -63.12
C ALA A 128 -30.45 18.89 -63.64
N ASP A 129 -29.93 17.66 -63.69
CA ASP A 129 -28.57 17.46 -64.17
C ASP A 129 -28.42 16.22 -65.04
N PRO A 130 -28.70 16.35 -66.35
CA PRO A 130 -28.60 15.25 -67.32
C PRO A 130 -27.17 14.72 -67.47
N THR A 131 -26.20 15.49 -66.98
CA THR A 131 -24.80 15.10 -67.03
C THR A 131 -24.56 13.83 -66.23
N ILE A 132 -25.39 13.62 -65.22
CA ILE A 132 -25.27 12.41 -64.41
C ILE A 132 -25.50 11.23 -65.35
N SER A 133 -24.54 10.31 -65.40
CA SER A 133 -24.66 9.14 -66.27
C SER A 133 -24.84 7.85 -65.49
N HIS A 134 -24.45 7.88 -64.21
CA HIS A 134 -24.54 6.70 -63.35
C HIS A 134 -25.18 7.03 -62.01
N ILE A 135 -25.79 6.01 -61.40
CA ILE A 135 -26.41 6.13 -60.10
C ILE A 135 -25.86 4.99 -59.25
N ALA A 136 -25.39 5.32 -58.06
CA ALA A 136 -24.84 4.32 -57.15
C ALA A 136 -25.53 4.42 -55.80
N VAL A 138 -26.28 1.92 -51.95
CA VAL A 138 -26.13 0.72 -51.16
C VAL A 138 -27.52 0.14 -50.93
N HIS A 139 -27.68 -1.17 -51.09
CA HIS A 139 -28.97 -1.79 -50.88
C HIS A 139 -29.23 -1.96 -49.38
N SER A 140 -28.31 -2.67 -48.72
CA SER A 140 -28.42 -2.92 -47.29
C SER A 140 -27.32 -2.20 -46.53
N GLU A 141 -27.66 -1.11 -45.85
CA GLU A 141 -26.68 -0.37 -45.08
C GLU A 141 -26.42 -1.05 -43.75
N THR A 142 -25.47 -1.97 -43.76
CA THR A 142 -25.10 -2.74 -42.58
C THR A 142 -24.81 -1.85 -41.39
N THR A 143 -24.48 -0.60 -41.67
CA THR A 143 -24.18 0.39 -40.63
C THR A 143 -25.30 0.46 -39.61
N THR A 144 -26.52 0.67 -40.08
CA THR A 144 -27.68 0.80 -39.22
C THR A 144 -28.70 -0.30 -39.42
N GLY A 145 -28.45 -1.18 -40.37
CA GLY A 145 -29.38 -2.26 -40.66
C GLY A 145 -30.54 -1.81 -41.52
N LEU A 147 -32.57 -0.82 -45.05
CA LEU A 147 -32.66 -1.35 -46.40
C LEU A 147 -33.16 -0.23 -47.30
N ASN A 148 -32.37 0.13 -48.31
CA ASN A 148 -32.74 1.20 -49.23
C ASN A 148 -33.62 0.72 -50.39
N PRO A 149 -34.42 1.62 -50.96
CA PRO A 149 -35.33 1.32 -52.07
C PRO A 149 -34.66 1.16 -53.43
N ILE A 150 -33.91 0.07 -53.61
CA ILE A 150 -33.23 -0.16 -54.87
C ILE A 150 -34.19 -0.31 -56.04
N ASP A 151 -35.41 -0.78 -55.76
CA ASP A 151 -36.40 -0.96 -56.81
C ASP A 151 -36.84 0.37 -57.39
N GLU A 152 -37.26 1.29 -56.53
CA GLU A 152 -37.70 2.61 -56.98
C GLU A 152 -36.58 3.36 -57.70
N VAL A 153 -35.39 3.41 -57.10
CA VAL A 153 -34.28 4.10 -57.73
C VAL A 153 -33.94 3.40 -59.05
N GLY A 154 -34.13 2.08 -59.08
CA GLY A 154 -33.88 1.33 -60.30
C GLY A 154 -34.83 1.77 -61.40
N ALA A 155 -36.08 2.00 -61.03
CA ALA A 155 -37.09 2.45 -61.99
C ALA A 155 -36.67 3.84 -62.50
N LEU A 156 -36.05 4.60 -61.61
CA LEU A 156 -35.59 5.95 -61.94
C LEU A 156 -34.45 5.88 -62.95
N ALA A 157 -33.54 4.93 -62.72
CA ALA A 157 -32.40 4.75 -63.61
C ALA A 157 -32.88 4.36 -65.01
N HIS A 158 -33.90 3.51 -65.07
CA HIS A 158 -34.44 3.08 -66.35
C HIS A 158 -35.18 4.21 -67.06
N ARG A 159 -35.90 5.02 -66.31
CA ARG A 159 -36.65 6.14 -66.90
C ARG A 159 -35.70 7.14 -67.54
N TYR A 160 -34.61 7.46 -66.85
CA TYR A 160 -33.63 8.43 -67.35
C TYR A 160 -32.50 7.82 -68.16
N GLY A 161 -32.52 6.51 -68.35
CA GLY A 161 -31.47 5.86 -69.12
C GLY A 161 -30.09 5.95 -68.49
N LYS A 162 -30.01 5.74 -67.18
CA LYS A 162 -28.72 5.82 -66.49
C LYS A 162 -28.21 4.42 -66.16
N THR A 163 -26.90 4.31 -65.94
CA THR A 163 -26.28 3.04 -65.60
C THR A 163 -26.39 2.92 -64.08
N TYR A 164 -27.06 1.88 -63.63
CA TYR A 164 -27.32 1.66 -62.20
C TYR A 164 -26.34 0.71 -61.50
N ILE A 165 -25.71 1.21 -60.44
CA ILE A 165 -24.74 0.45 -59.65
C ILE A 165 -25.32 0.22 -58.26
N VAL A 166 -25.30 -1.02 -57.80
CA VAL A 166 -25.83 -1.35 -56.47
C VAL A 166 -24.87 -2.14 -55.61
N ASP A 167 -24.60 -1.62 -54.41
CA ASP A 167 -23.74 -2.31 -53.47
C ASP A 167 -24.65 -3.20 -52.64
N ALA A 168 -24.72 -4.47 -52.98
CA ALA A 168 -25.56 -5.44 -52.28
C ALA A 168 -24.69 -6.38 -51.46
N SER A 170 -24.27 -6.84 -48.28
CA SER A 170 -24.96 -7.58 -47.21
C SER A 170 -26.39 -7.97 -47.50
N SER A 171 -26.74 -8.10 -48.78
CA SER A 171 -28.10 -8.49 -49.13
C SER A 171 -28.17 -9.57 -50.19
N PHE A 172 -27.29 -9.51 -51.20
CA PHE A 172 -27.30 -10.53 -52.24
C PHE A 172 -27.11 -11.91 -51.63
N GLY A 173 -28.05 -12.81 -51.92
CA GLY A 173 -27.99 -14.15 -51.39
C GLY A 173 -28.93 -14.33 -50.22
N GLY A 174 -29.34 -13.21 -49.61
CA GLY A 174 -30.22 -13.27 -48.45
C GLY A 174 -31.54 -12.56 -48.64
N ILE A 175 -31.69 -11.82 -49.73
CA ILE A 175 -32.93 -11.11 -50.02
C ILE A 175 -33.26 -11.37 -51.49
N PRO A 176 -34.49 -11.83 -51.77
CA PRO A 176 -34.88 -12.10 -53.15
C PRO A 176 -34.65 -10.88 -54.05
N ASP A 178 -33.95 -9.87 -58.60
CA ASP A 178 -33.63 -10.19 -59.98
C ASP A 178 -33.11 -8.86 -60.51
N ILE A 179 -31.80 -8.75 -60.60
CA ILE A 179 -31.17 -7.51 -61.04
C ILE A 179 -31.62 -6.96 -62.39
N ALA A 180 -32.04 -7.84 -63.30
CA ALA A 180 -32.50 -7.39 -64.59
C ALA A 180 -33.82 -6.63 -64.41
N ALA A 181 -34.74 -7.23 -63.66
CA ALA A 181 -36.02 -6.60 -63.40
C ALA A 181 -35.84 -5.32 -62.60
N LEU A 182 -34.74 -5.25 -61.84
CA LEU A 182 -34.44 -4.07 -61.04
C LEU A 182 -33.65 -3.04 -61.84
N HIS A 183 -33.33 -3.38 -63.09
CA HIS A 183 -32.57 -2.50 -63.98
C HIS A 183 -31.18 -2.21 -63.42
N ILE A 184 -30.59 -3.18 -62.75
CA ILE A 184 -29.25 -3.00 -62.19
C ILE A 184 -28.21 -3.46 -63.22
N ASP A 185 -27.22 -2.62 -63.45
CA ASP A 185 -26.16 -2.94 -64.41
C ASP A 185 -24.93 -3.51 -63.74
N TYR A 186 -24.71 -3.16 -62.48
CA TYR A 186 -23.57 -3.68 -61.73
C TYR A 186 -23.98 -4.01 -60.33
N LEU A 187 -24.03 -5.29 -60.01
CA LEU A 187 -24.40 -5.73 -58.67
C LEU A 187 -23.12 -6.16 -57.97
N ILE A 188 -22.79 -5.48 -56.89
CA ILE A 188 -21.58 -5.80 -56.14
C ILE A 188 -21.95 -6.54 -54.87
N SER A 189 -21.23 -7.62 -54.56
CA SER A 189 -21.52 -8.35 -53.33
C SER A 189 -20.31 -9.10 -52.77
N SER A 190 -20.45 -9.57 -51.53
CA SER A 190 -19.40 -10.26 -50.80
C SER A 190 -19.46 -11.78 -50.86
N ALA A 191 -18.33 -12.41 -50.61
CA ALA A 191 -18.25 -13.87 -50.60
C ALA A 191 -18.55 -14.36 -49.19
N ASN A 192 -18.42 -13.47 -48.20
CA ASN A 192 -18.59 -13.85 -46.81
C ASN A 192 -19.77 -13.29 -46.00
N LYS A 193 -20.90 -13.02 -46.64
CA LYS A 193 -22.05 -12.55 -45.88
C LYS A 193 -23.22 -13.49 -46.13
N CYS A 194 -24.29 -13.02 -46.78
CA CYS A 194 -25.44 -13.87 -47.04
C CYS A 194 -25.16 -15.19 -47.73
N ILE A 195 -24.12 -15.24 -48.57
CA ILE A 195 -23.79 -16.49 -49.25
C ILE A 195 -23.14 -17.42 -48.24
N GLN A 196 -22.55 -16.85 -47.20
CA GLN A 196 -21.92 -17.59 -46.11
C GLN A 196 -20.58 -18.27 -46.41
N GLY A 197 -19.80 -17.69 -47.32
CA GLY A 197 -18.49 -18.24 -47.61
C GLY A 197 -17.49 -17.54 -46.70
N VAL A 198 -16.21 -17.65 -47.02
CA VAL A 198 -15.18 -16.99 -46.21
C VAL A 198 -14.58 -15.82 -47.00
N PRO A 199 -13.93 -14.88 -46.33
CA PRO A 199 -13.32 -13.72 -47.01
C PRO A 199 -12.19 -14.16 -47.93
N GLY A 200 -11.84 -13.32 -48.90
CA GLY A 200 -10.78 -13.65 -49.81
C GLY A 200 -10.91 -12.90 -51.14
N PHE A 201 -12.15 -12.79 -51.60
CA PHE A 201 -12.44 -12.10 -52.84
C PHE A 201 -13.87 -11.61 -52.80
N ALA A 202 -14.22 -10.75 -53.75
CA ALA A 202 -15.57 -10.22 -53.88
C ALA A 202 -15.94 -10.43 -55.34
N PHE A 203 -17.15 -10.06 -55.71
CA PHE A 203 -17.55 -10.25 -57.10
C PHE A 203 -18.55 -9.22 -57.55
N VAL A 204 -18.69 -9.12 -58.87
CA VAL A 204 -19.62 -8.19 -59.48
C VAL A 204 -20.34 -8.95 -60.57
N ILE A 205 -21.66 -8.87 -60.56
CA ILE A 205 -22.48 -9.51 -61.58
C ILE A 205 -22.92 -8.32 -62.41
N ALA A 206 -22.56 -8.29 -63.69
CA ALA A 206 -22.90 -7.15 -64.52
C ALA A 206 -23.59 -7.41 -65.84
N ARG A 207 -24.26 -6.37 -66.35
CA ARG A 207 -24.92 -6.42 -67.63
C ARG A 207 -23.74 -6.44 -68.58
N GLU A 208 -23.60 -7.50 -69.36
CA GLU A 208 -22.46 -7.61 -70.26
C GLU A 208 -22.33 -6.45 -71.24
N GLN A 209 -23.44 -6.05 -71.84
CA GLN A 209 -23.43 -4.95 -72.79
C GLN A 209 -22.78 -3.70 -72.21
N LYS A 210 -22.96 -3.49 -70.92
CA LYS A 210 -22.37 -2.34 -70.24
C LYS A 210 -20.89 -2.56 -69.96
N LEU A 211 -20.58 -3.70 -69.34
CA LEU A 211 -19.20 -4.03 -68.99
C LEU A 211 -18.29 -4.10 -70.21
N ALA A 212 -18.80 -4.67 -71.30
CA ALA A 212 -18.05 -4.83 -72.54
C ALA A 212 -17.51 -3.54 -73.15
N ALA A 213 -18.01 -2.40 -72.70
CA ALA A 213 -17.57 -1.11 -73.23
C ALA A 213 -16.62 -0.39 -72.28
N CYS A 214 -16.10 -1.10 -71.29
CA CYS A 214 -15.23 -0.48 -70.30
C CYS A 214 -13.72 -0.65 -70.45
N LYS A 215 -13.26 -1.09 -71.61
CA LYS A 215 -11.82 -1.26 -71.81
C LYS A 215 -11.11 0.08 -71.72
N GLY A 216 -10.01 0.12 -70.97
CA GLY A 216 -9.24 1.34 -70.83
C GLY A 216 -9.72 2.32 -69.78
N HIS A 217 -10.86 2.06 -69.16
CA HIS A 217 -11.40 2.95 -68.13
C HIS A 217 -10.56 3.01 -66.85
N SER A 218 -10.13 1.84 -66.37
CA SER A 218 -9.36 1.78 -65.13
C SER A 218 -7.92 2.26 -65.22
N ARG A 219 -7.51 3.04 -64.23
CA ARG A 219 -6.14 3.53 -64.17
C ARG A 219 -5.37 2.57 -63.26
N SER A 220 -6.08 1.59 -62.72
CA SER A 220 -5.50 0.57 -61.85
C SER A 220 -5.47 -0.76 -62.58
N LEU A 221 -4.29 -1.39 -62.63
CA LEU A 221 -4.17 -2.68 -63.28
C LEU A 221 -4.87 -3.71 -62.41
N SER A 222 -4.52 -3.70 -61.13
CA SER A 222 -5.09 -4.64 -60.16
C SER A 222 -6.61 -4.60 -60.09
N LEU A 223 -7.18 -3.40 -60.11
CA LEU A 223 -8.62 -3.26 -60.01
C LEU A 223 -9.36 -3.02 -61.33
N ASP A 224 -8.75 -3.39 -62.44
CA ASP A 224 -9.37 -3.21 -63.75
C ASP A 224 -10.39 -4.33 -63.97
N LEU A 225 -11.64 -4.04 -63.65
CA LEU A 225 -12.72 -5.00 -63.76
C LEU A 225 -12.88 -5.53 -65.18
N TYR A 226 -12.69 -4.67 -66.17
CA TYR A 226 -12.83 -5.09 -67.56
C TYR A 226 -11.77 -6.13 -67.93
N ALA A 227 -10.50 -5.81 -67.67
CA ALA A 227 -9.41 -6.72 -67.99
C ALA A 227 -9.59 -8.04 -67.26
N GLN A 228 -10.01 -7.97 -65.99
CA GLN A 228 -10.23 -9.17 -65.21
C GLN A 228 -11.31 -10.02 -65.87
N TRP A 229 -12.41 -9.38 -66.24
CA TRP A 229 -13.52 -10.08 -66.89
C TRP A 229 -13.10 -10.69 -68.22
N ARG A 230 -12.45 -9.90 -69.06
CA ARG A 230 -12.01 -10.39 -70.36
C ARG A 230 -11.13 -11.63 -70.25
N CYS A 231 -10.23 -11.64 -69.26
CA CYS A 231 -9.35 -12.78 -69.09
C CYS A 231 -10.15 -14.02 -68.72
N GLU A 233 -13.30 -14.53 -69.44
CA GLU A 233 -14.09 -14.83 -70.62
C GLU A 233 -13.30 -15.54 -71.72
N ASP A 234 -12.08 -15.08 -71.97
CA ASP A 234 -11.22 -15.66 -73.01
C ASP A 234 -10.42 -16.88 -72.58
N ASN A 235 -10.22 -17.06 -71.28
CA ASN A 235 -9.43 -18.18 -70.82
C ASN A 235 -10.08 -19.14 -69.85
N HIS A 236 -11.35 -19.43 -70.09
CA HIS A 236 -12.10 -20.37 -69.27
C HIS A 236 -12.10 -20.11 -67.76
N GLY A 237 -12.31 -18.86 -67.37
CA GLY A 237 -12.38 -18.52 -65.96
C GLY A 237 -11.08 -18.10 -65.29
N LYS A 238 -9.96 -18.26 -65.99
CA LYS A 238 -8.66 -17.90 -65.45
C LYS A 238 -8.61 -16.49 -64.85
N TRP A 239 -7.97 -16.39 -63.68
CA TRP A 239 -7.80 -15.11 -63.00
C TRP A 239 -6.46 -14.55 -63.50
N ARG A 240 -6.40 -13.27 -63.83
CA ARG A 240 -5.15 -12.67 -64.32
C ARG A 240 -3.99 -12.94 -63.35
N PHE A 241 -4.22 -12.67 -62.07
CA PHE A 241 -3.20 -12.88 -61.04
C PHE A 241 -3.60 -13.99 -60.09
N THR A 242 -2.72 -14.31 -59.15
CA THR A 242 -3.01 -15.35 -58.17
C THR A 242 -4.34 -15.11 -57.48
N SER A 243 -5.13 -16.17 -57.35
CA SER A 243 -6.42 -16.08 -56.70
C SER A 243 -6.37 -16.87 -55.40
N PRO A 244 -7.21 -16.50 -54.42
CA PRO A 244 -7.24 -17.21 -53.13
C PRO A 244 -8.01 -18.50 -53.32
N THR A 245 -7.38 -19.44 -54.02
CA THR A 245 -7.99 -20.73 -54.34
C THR A 245 -8.75 -21.43 -53.22
N HIS A 246 -8.18 -21.49 -52.03
CA HIS A 246 -8.83 -22.15 -50.92
C HIS A 246 -10.15 -21.50 -50.54
N THR A 247 -10.19 -20.16 -50.60
CA THR A 247 -11.41 -19.45 -50.26
C THR A 247 -12.42 -19.60 -51.38
N VAL A 248 -11.93 -19.79 -52.61
CA VAL A 248 -12.79 -19.98 -53.77
C VAL A 248 -13.46 -21.36 -53.67
N LEU A 249 -12.71 -22.35 -53.19
CA LEU A 249 -13.26 -23.69 -53.02
C LEU A 249 -14.34 -23.62 -51.94
N ALA A 250 -14.07 -22.82 -50.91
CA ALA A 250 -15.03 -22.64 -49.83
C ALA A 250 -16.30 -22.00 -50.37
N PHE A 251 -16.15 -21.06 -51.30
CA PHE A 251 -17.31 -20.38 -51.87
C PHE A 251 -18.16 -21.33 -52.69
N ALA A 252 -17.52 -22.19 -53.47
CA ALA A 252 -18.25 -23.17 -54.28
C ALA A 252 -19.12 -24.01 -53.35
N GLN A 253 -18.57 -24.40 -52.21
CA GLN A 253 -19.32 -25.22 -51.25
C GLN A 253 -20.46 -24.42 -50.63
N ALA A 254 -20.21 -23.14 -50.33
CA ALA A 254 -21.22 -22.29 -49.74
C ALA A 254 -22.41 -22.15 -50.70
N LEU A 255 -22.10 -22.02 -51.99
CA LEU A 255 -23.16 -21.91 -53.00
C LEU A 255 -24.01 -23.16 -53.04
N LYS A 256 -23.35 -24.32 -52.91
CA LYS A 256 -24.08 -25.58 -52.93
C LYS A 256 -25.01 -25.68 -51.74
N GLU A 257 -24.55 -25.26 -50.57
CA GLU A 257 -25.37 -25.30 -49.37
C GLU A 257 -26.53 -24.30 -49.46
N LEU A 258 -26.33 -23.22 -50.20
CA LEU A 258 -27.39 -22.23 -50.38
C LEU A 258 -28.46 -22.88 -51.24
N ALA A 259 -28.03 -23.53 -52.31
CA ALA A 259 -28.96 -24.22 -53.21
C ALA A 259 -29.72 -25.29 -52.43
N LYS A 260 -29.00 -26.06 -51.61
CA LYS A 260 -29.59 -27.13 -50.82
C LYS A 260 -30.65 -26.60 -49.86
N GLU A 261 -30.38 -25.43 -49.27
CA GLU A 261 -31.33 -24.83 -48.33
C GLU A 261 -32.63 -24.46 -49.03
N GLY A 262 -32.55 -24.24 -50.33
CA GLY A 262 -33.74 -23.85 -51.09
C GLY A 262 -33.58 -22.51 -51.80
N GLY A 263 -32.33 -22.07 -51.94
CA GLY A 263 -32.08 -20.80 -52.61
C GLY A 263 -32.31 -19.57 -51.75
N VAL A 264 -32.21 -18.39 -52.37
CA VAL A 264 -32.40 -17.15 -51.66
C VAL A 264 -33.75 -17.07 -50.93
N ALA A 265 -34.79 -17.60 -51.57
CA ALA A 265 -36.12 -17.57 -50.98
C ALA A 265 -36.16 -18.24 -49.61
N ALA A 266 -35.50 -19.38 -49.48
CA ALA A 266 -35.49 -20.11 -48.22
C ALA A 266 -34.54 -19.47 -47.20
N ARG A 267 -33.36 -19.05 -47.65
CA ARG A 267 -32.41 -18.41 -46.76
C ARG A 267 -32.99 -17.13 -46.20
N HIS A 268 -33.70 -16.39 -47.06
CA HIS A 268 -34.34 -15.13 -46.69
C HIS A 268 -35.34 -15.38 -45.56
N GLN A 269 -36.15 -16.42 -45.72
CA GLN A 269 -37.15 -16.78 -44.70
C GLN A 269 -36.47 -17.08 -43.36
N ARG A 270 -35.36 -17.81 -43.38
CA ARG A 270 -34.65 -18.14 -42.15
C ARG A 270 -34.12 -16.87 -41.49
N TYR A 271 -33.44 -16.04 -42.27
CA TYR A 271 -32.90 -14.79 -41.76
C TYR A 271 -34.00 -13.92 -41.13
N GLN A 272 -35.11 -13.75 -41.85
CA GLN A 272 -36.22 -12.96 -41.35
C GLN A 272 -36.74 -13.50 -40.04
N GLN A 273 -36.92 -14.82 -39.98
CA GLN A 273 -37.43 -15.46 -38.77
C GLN A 273 -36.46 -15.26 -37.62
N ASN A 274 -35.16 -15.49 -37.87
CA ASN A 274 -34.14 -15.32 -36.84
C ASN A 274 -34.24 -13.93 -36.23
N GLN A 275 -34.34 -12.93 -37.10
CA GLN A 275 -34.42 -11.55 -36.67
C GLN A 275 -35.72 -11.26 -35.91
N ARG A 276 -36.83 -11.73 -36.46
CA ARG A 276 -38.14 -11.53 -35.84
C ARG A 276 -38.10 -12.03 -34.40
N SER A 277 -37.57 -13.24 -34.22
CA SER A 277 -37.47 -13.85 -32.90
C SER A 277 -36.50 -13.09 -32.00
N LEU A 278 -35.34 -12.73 -32.55
CA LEU A 278 -34.32 -12.01 -31.77
C LEU A 278 -34.88 -10.70 -31.27
N VAL A 279 -35.44 -9.91 -32.18
CA VAL A 279 -36.01 -8.61 -31.84
C VAL A 279 -37.09 -8.70 -30.78
N ALA A 280 -38.00 -9.66 -30.91
CA ALA A 280 -39.07 -9.83 -29.94
C ALA A 280 -38.45 -10.14 -28.59
N GLY A 281 -37.49 -11.04 -28.57
CA GLY A 281 -36.83 -11.41 -27.34
C GLY A 281 -36.06 -10.28 -26.69
N ARG A 283 -36.65 -7.03 -27.03
CA ARG A 283 -37.60 -6.05 -26.52
C ARG A 283 -38.20 -6.56 -25.21
N ALA A 284 -38.33 -7.88 -25.09
CA ALA A 284 -38.87 -8.47 -23.87
C ALA A 284 -37.88 -8.22 -22.74
N LEU A 285 -36.61 -8.06 -23.11
CA LEU A 285 -35.56 -7.82 -22.12
C LEU A 285 -35.29 -6.34 -21.88
N GLY A 286 -36.10 -5.47 -22.46
CA GLY A 286 -35.92 -4.04 -22.26
C GLY A 286 -35.10 -3.27 -23.27
N PHE A 287 -34.59 -3.95 -24.30
CA PHE A 287 -33.79 -3.27 -25.32
C PHE A 287 -34.71 -2.62 -26.36
N ASN A 288 -34.20 -1.57 -27.01
CA ASN A 288 -34.96 -0.87 -28.04
C ASN A 288 -34.18 -0.83 -29.33
N THR A 289 -34.90 -1.00 -30.44
CA THR A 289 -34.28 -0.98 -31.75
C THR A 289 -34.06 0.44 -32.23
N LEU A 290 -32.98 0.66 -32.95
CA LEU A 290 -32.66 1.98 -33.47
C LEU A 290 -33.68 2.39 -34.53
N LEU A 291 -34.09 1.43 -35.35
CA LEU A 291 -35.05 1.70 -36.41
C LEU A 291 -36.37 0.98 -36.20
N ASP A 292 -37.40 1.47 -36.88
CA ASP A 292 -38.72 0.85 -36.81
C ASP A 292 -38.64 -0.41 -37.67
N ASP A 293 -39.46 -1.40 -37.35
CA ASP A 293 -39.48 -2.66 -38.09
C ASP A 293 -39.59 -2.52 -39.61
N GLU A 294 -40.17 -1.42 -40.08
CA GLU A 294 -40.33 -1.20 -41.51
C GLU A 294 -39.04 -1.01 -42.31
N LEU A 295 -38.04 -0.39 -41.70
CA LEU A 295 -36.77 -0.11 -42.37
C LEU A 295 -35.71 -1.21 -42.23
N HIS A 296 -36.02 -2.21 -41.43
CA HIS A 296 -35.09 -3.31 -41.15
C HIS A 296 -34.60 -4.18 -42.30
N SER A 297 -33.31 -4.50 -42.26
CA SER A 297 -32.68 -5.38 -43.22
C SER A 297 -32.84 -6.71 -42.47
N PRO A 298 -32.88 -7.84 -43.19
CA PRO A 298 -33.04 -9.10 -42.45
C PRO A 298 -31.74 -9.79 -42.03
N ILE A 299 -30.61 -9.10 -42.13
CA ILE A 299 -29.35 -9.74 -41.76
C ILE A 299 -28.70 -9.20 -40.49
N ILE A 300 -29.11 -8.02 -40.04
CA ILE A 300 -28.55 -7.44 -38.83
C ILE A 300 -29.51 -6.43 -38.22
N THR A 301 -29.41 -6.20 -36.92
CA THR A 301 -30.28 -5.26 -36.22
C THR A 301 -29.51 -4.40 -35.23
N ALA A 302 -29.76 -3.09 -35.27
CA ALA A 302 -29.10 -2.16 -34.35
C ALA A 302 -30.00 -1.85 -33.18
N PHE A 303 -29.43 -1.90 -31.97
CA PHE A 303 -30.18 -1.62 -30.74
C PHE A 303 -29.52 -0.46 -30.00
N TYR A 304 -30.32 0.41 -29.40
CA TYR A 304 -29.77 1.52 -28.63
C TYR A 304 -29.03 0.92 -27.44
N SER A 305 -27.91 1.53 -27.06
CA SER A 305 -27.16 1.04 -25.92
C SER A 305 -27.97 1.36 -24.66
N PRO A 306 -27.94 0.48 -23.66
CA PRO A 306 -28.68 0.71 -22.43
C PRO A 306 -28.28 2.08 -21.84
N GLU A 307 -29.24 2.77 -21.25
CA GLU A 307 -28.98 4.09 -20.67
C GLU A 307 -28.34 4.04 -19.27
N ASP A 308 -28.43 2.88 -18.63
CA ASP A 308 -27.85 2.72 -17.30
C ASP A 308 -26.41 3.22 -17.32
N PRO A 309 -26.08 4.17 -16.44
CA PRO A 309 -24.72 4.73 -16.38
C PRO A 309 -23.61 3.70 -16.17
N GLN A 310 -23.98 2.50 -15.74
CA GLN A 310 -23.01 1.44 -15.49
C GLN A 310 -22.78 0.55 -16.72
N TYR A 311 -23.63 0.68 -17.73
CA TYR A 311 -23.50 -0.10 -18.95
C TYR A 311 -22.25 0.27 -19.76
N ARG A 312 -21.57 -0.76 -20.27
CA ARG A 312 -20.40 -0.57 -21.11
C ARG A 312 -20.40 -1.69 -22.14
N PHE A 313 -20.28 -1.33 -23.41
CA PHE A 313 -20.29 -2.36 -24.45
C PHE A 313 -19.12 -3.32 -24.28
N SER A 314 -17.98 -2.79 -23.86
CA SER A 314 -16.80 -3.63 -23.66
C SER A 314 -17.10 -4.77 -22.69
N GLU A 315 -17.79 -4.45 -21.60
CA GLU A 315 -18.13 -5.44 -20.60
C GLU A 315 -19.28 -6.36 -21.06
N PHE A 316 -20.30 -5.78 -21.67
CA PHE A 316 -21.43 -6.54 -22.18
C PHE A 316 -20.90 -7.57 -23.18
N TYR A 317 -20.07 -7.09 -24.09
CA TYR A 317 -19.46 -7.93 -25.13
C TYR A 317 -18.64 -9.08 -24.56
N ARG A 318 -17.78 -8.79 -23.58
CA ARG A 318 -16.93 -9.81 -22.98
C ARG A 318 -17.76 -10.90 -22.29
N ARG A 319 -18.79 -10.48 -21.55
CA ARG A 319 -19.63 -11.43 -20.85
C ARG A 319 -20.45 -12.31 -21.82
N LEU A 320 -20.86 -11.75 -22.95
CA LEU A 320 -21.60 -12.53 -23.93
C LEU A 320 -20.64 -13.52 -24.58
N LYS A 321 -19.44 -13.04 -24.89
CA LYS A 321 -18.43 -13.89 -25.52
C LYS A 321 -18.08 -15.05 -24.60
N GLU A 322 -17.95 -14.77 -23.30
CA GLU A 322 -17.62 -15.81 -22.33
C GLU A 322 -18.68 -16.92 -22.39
N GLN A 323 -19.89 -16.57 -22.80
CA GLN A 323 -20.96 -17.56 -22.91
C GLN A 323 -21.01 -18.18 -24.30
N GLY A 324 -20.11 -17.75 -25.18
CA GLY A 324 -20.06 -18.30 -26.52
C GLY A 324 -20.71 -17.50 -27.63
N PHE A 325 -21.04 -16.24 -27.36
CA PHE A 325 -21.67 -15.41 -28.38
C PHE A 325 -20.92 -14.11 -28.59
N VAL A 326 -20.62 -13.81 -29.85
CA VAL A 326 -19.91 -12.59 -30.19
C VAL A 326 -20.83 -11.63 -30.94
N ILE A 327 -21.16 -10.51 -30.32
CA ILE A 327 -22.00 -9.53 -30.98
C ILE A 327 -21.12 -8.51 -31.68
N TYR A 328 -21.71 -7.38 -32.08
CA TYR A 328 -20.96 -6.39 -32.83
C TYR A 328 -21.13 -4.97 -32.34
N PRO A 329 -20.08 -4.15 -32.41
CA PRO A 329 -20.20 -2.76 -31.96
C PRO A 329 -21.03 -1.96 -32.96
N GLY A 330 -21.66 -0.91 -32.48
CA GLY A 330 -22.46 -0.08 -33.36
C GLY A 330 -21.69 1.17 -33.71
N LYS A 331 -21.71 1.57 -34.98
CA LYS A 331 -21.00 2.77 -35.39
C LYS A 331 -21.94 3.78 -36.04
N VAL A 332 -22.91 4.23 -35.28
CA VAL A 332 -23.88 5.22 -35.74
C VAL A 332 -23.46 6.53 -35.07
N SER A 333 -23.14 7.53 -35.86
CA SER A 333 -22.70 8.82 -35.34
C SER A 333 -23.68 9.52 -34.41
N GLN A 334 -24.95 9.57 -34.80
CA GLN A 334 -25.97 10.25 -33.99
C GLN A 334 -26.52 9.48 -32.79
N SER A 335 -26.28 8.17 -32.73
CA SER A 335 -26.80 7.38 -31.62
C SER A 335 -25.85 6.30 -31.11
N ASP A 336 -25.85 6.11 -29.80
CA ASP A 336 -25.01 5.09 -29.18
C ASP A 336 -25.75 3.77 -29.30
N CYS A 337 -25.23 2.88 -30.15
CA CYS A 337 -25.88 1.59 -30.37
C CYS A 337 -24.88 0.44 -30.42
N PHE A 338 -25.42 -0.76 -30.50
CA PHE A 338 -24.63 -1.97 -30.64
C PHE A 338 -25.43 -2.80 -31.64
N ARG A 339 -24.78 -3.75 -32.30
CA ARG A 339 -25.48 -4.55 -33.29
C ARG A 339 -25.39 -6.06 -33.08
N ILE A 340 -26.41 -6.76 -33.59
CA ILE A 340 -26.47 -8.20 -33.49
C ILE A 340 -26.89 -8.74 -34.85
N GLY A 341 -25.99 -9.48 -35.51
CA GLY A 341 -26.33 -10.03 -36.81
C GLY A 341 -27.05 -11.35 -36.60
N ASN A 342 -27.70 -11.87 -37.65
CA ASN A 342 -28.39 -13.15 -37.52
C ASN A 342 -28.22 -14.03 -38.75
N ILE A 343 -27.07 -13.90 -39.41
CA ILE A 343 -26.79 -14.70 -40.60
C ILE A 343 -25.66 -15.69 -40.31
N GLY A 344 -25.38 -16.56 -41.27
CA GLY A 344 -24.35 -17.56 -41.08
C GLY A 344 -25.01 -18.76 -40.43
N GLU A 345 -24.26 -19.51 -39.62
CA GLU A 345 -24.80 -20.68 -38.95
C GLU A 345 -25.67 -20.29 -37.77
N VAL A 346 -26.76 -19.56 -38.04
CA VAL A 346 -27.66 -19.14 -36.98
C VAL A 346 -29.07 -19.67 -37.23
N TYR A 347 -29.56 -20.45 -36.27
CA TYR A 347 -30.89 -21.02 -36.38
C TYR A 347 -31.71 -20.70 -35.15
N ALA A 348 -32.97 -21.12 -35.15
CA ALA A 348 -33.89 -20.86 -34.05
C ALA A 348 -33.29 -21.11 -32.67
N ALA A 349 -32.71 -22.29 -32.47
CA ALA A 349 -32.11 -22.64 -31.18
C ALA A 349 -31.02 -21.66 -30.77
N ASP A 350 -30.24 -21.20 -31.74
CA ASP A 350 -29.17 -20.25 -31.46
C ASP A 350 -29.72 -18.93 -30.93
N ILE A 351 -30.81 -18.45 -31.52
CA ILE A 351 -31.43 -17.20 -31.08
C ILE A 351 -31.89 -17.34 -29.63
N THR A 352 -32.49 -18.48 -29.31
CA THR A 352 -32.98 -18.74 -27.96
C THR A 352 -31.82 -18.79 -26.97
N ALA A 353 -30.74 -19.48 -27.34
CA ALA A 353 -29.58 -19.57 -26.46
C ALA A 353 -28.93 -18.19 -26.29
N LEU A 354 -28.98 -17.39 -27.36
CA LEU A 354 -28.43 -16.04 -27.35
C LEU A 354 -29.17 -15.18 -26.32
N LEU A 355 -30.50 -15.21 -26.37
CA LEU A 355 -31.32 -14.43 -25.45
C LEU A 355 -31.08 -14.79 -23.99
N THR A 356 -30.82 -16.07 -23.73
CA THR A 356 -30.55 -16.51 -22.37
C THR A 356 -29.19 -15.95 -21.94
N ALA A 357 -28.24 -15.91 -22.86
CA ALA A 357 -26.91 -15.39 -22.58
C ALA A 357 -26.97 -13.88 -22.37
N ILE A 358 -27.87 -13.22 -23.11
CA ILE A 358 -28.04 -11.77 -23.01
C ILE A 358 -28.57 -11.42 -21.62
N ARG A 359 -29.62 -12.11 -21.20
CA ARG A 359 -30.21 -11.88 -19.89
C ARG A 359 -29.14 -12.05 -18.83
N THR A 360 -28.34 -13.10 -18.99
CA THR A 360 -27.26 -13.40 -18.06
C THR A 360 -26.14 -12.35 -18.08
N ALA A 361 -25.90 -11.77 -19.24
CA ALA A 361 -24.86 -10.76 -19.38
C ALA A 361 -25.29 -9.36 -18.93
N TYR A 363 -25.39 -7.43 -16.57
CA TYR A 363 -24.84 -7.23 -15.23
C TYR A 363 -25.31 -5.94 -14.57
N TRP A 364 -25.76 -4.96 -15.36
CA TRP A 364 -26.20 -3.69 -14.81
C TRP A 364 -27.62 -3.72 -14.26
N THR A 365 -28.36 -4.79 -14.56
CA THR A 365 -29.72 -4.91 -14.07
C THR A 365 -29.71 -5.60 -12.71
N ASN B 4 -3.66 -37.23 -55.63
CA ASN B 4 -2.20 -37.32 -55.34
C ASN B 4 -1.42 -36.40 -56.27
N TYR B 5 -1.40 -35.10 -55.97
CA TYR B 5 -0.68 -34.15 -56.82
C TYR B 5 0.32 -33.27 -56.07
N LEU B 6 1.54 -33.18 -56.59
CA LEU B 6 2.57 -32.33 -56.00
C LEU B 6 2.67 -31.15 -56.98
N LEU B 7 2.57 -29.93 -56.47
CA LEU B 7 2.62 -28.76 -57.32
C LEU B 7 4.01 -28.17 -57.49
N LEU B 8 4.63 -28.44 -58.63
CA LEU B 8 5.95 -27.92 -58.93
C LEU B 8 5.74 -26.62 -59.69
N THR B 9 5.06 -25.69 -59.03
CA THR B 9 4.76 -24.40 -59.62
C THR B 9 5.39 -23.27 -58.81
N PRO B 10 5.27 -22.03 -59.28
CA PRO B 10 5.86 -20.91 -58.53
C PRO B 10 4.97 -20.50 -57.35
N GLY B 11 3.76 -21.05 -57.30
CA GLY B 11 2.81 -20.73 -56.24
C GLY B 11 1.55 -20.14 -56.84
N PRO B 12 0.35 -20.45 -56.31
CA PRO B 12 0.08 -21.33 -55.16
C PRO B 12 0.74 -22.69 -55.35
N LEU B 13 1.16 -23.29 -54.25
CA LEU B 13 1.86 -24.56 -54.29
C LEU B 13 1.32 -25.56 -53.28
N THR B 14 2.06 -26.67 -53.10
CA THR B 14 1.66 -27.69 -52.16
C THR B 14 2.06 -27.29 -50.75
N THR B 15 1.05 -27.07 -49.90
CA THR B 15 1.29 -26.69 -48.52
C THR B 15 1.12 -27.91 -47.62
N SER B 16 1.58 -27.80 -46.38
CA SER B 16 1.45 -28.91 -45.45
C SER B 16 -0.02 -29.07 -45.04
N ARG B 17 -0.37 -30.24 -44.54
CA ARG B 17 -1.73 -30.50 -44.09
C ARG B 17 -2.06 -29.59 -42.91
N THR B 18 -1.06 -29.35 -42.06
CA THR B 18 -1.24 -28.51 -40.88
C THR B 18 -1.47 -27.04 -41.22
N VAL B 19 -0.83 -26.54 -42.27
CA VAL B 19 -1.02 -25.15 -42.67
C VAL B 19 -2.48 -24.98 -43.11
N LYS B 20 -3.01 -25.99 -43.79
CA LYS B 20 -4.39 -25.92 -44.24
C LYS B 20 -5.38 -26.09 -43.09
N GLU B 21 -5.11 -27.03 -42.18
CA GLU B 21 -6.02 -27.25 -41.05
C GLU B 21 -6.05 -26.04 -40.13
N ALA B 22 -5.04 -25.18 -40.23
CA ALA B 22 -5.01 -23.97 -39.41
C ALA B 22 -6.07 -22.97 -39.87
N LEU B 24 -9.18 -23.84 -40.51
CA LEU B 24 -10.47 -24.33 -39.99
C LEU B 24 -11.02 -23.63 -38.74
N PHE B 25 -10.97 -22.30 -38.76
CA PHE B 25 -11.46 -21.50 -37.63
C PHE B 25 -11.98 -20.15 -38.15
N ASP B 26 -13.09 -19.69 -37.60
CA ASP B 26 -13.64 -18.40 -38.00
C ASP B 26 -13.14 -17.36 -37.00
N SER B 27 -12.84 -16.16 -37.49
CA SER B 27 -12.35 -15.10 -36.62
C SER B 27 -13.23 -13.86 -36.71
N CYS B 28 -13.29 -13.10 -35.63
CA CYS B 28 -14.05 -11.86 -35.64
C CYS B 28 -13.01 -10.78 -35.88
N THR B 29 -13.15 -10.06 -36.99
CA THR B 29 -12.21 -9.02 -37.37
C THR B 29 -12.10 -7.85 -36.40
N TRP B 30 -13.02 -7.77 -35.45
CA TRP B 30 -13.02 -6.68 -34.47
C TRP B 30 -12.45 -7.10 -33.11
N ASP B 31 -12.19 -8.39 -32.94
CA ASP B 31 -11.70 -8.89 -31.66
C ASP B 31 -10.17 -8.98 -31.54
N ASP B 32 -9.66 -8.70 -30.35
CA ASP B 32 -8.21 -8.76 -30.12
C ASP B 32 -7.62 -10.14 -30.35
N ASP B 33 -8.41 -11.19 -30.15
CA ASP B 33 -7.94 -12.55 -30.38
C ASP B 33 -7.30 -12.65 -31.76
N TYR B 34 -7.90 -11.95 -32.71
CA TYR B 34 -7.42 -11.96 -34.09
C TYR B 34 -6.36 -10.91 -34.34
N ASN B 35 -6.73 -9.65 -34.12
CA ASN B 35 -5.82 -8.54 -34.35
C ASN B 35 -4.52 -8.58 -33.55
N ILE B 36 -4.59 -8.82 -32.25
CA ILE B 36 -3.36 -8.87 -31.45
C ILE B 36 -2.79 -10.28 -31.39
N GLY B 37 -3.67 -11.26 -31.19
CA GLY B 37 -3.24 -12.64 -31.09
C GLY B 37 -2.65 -13.24 -32.35
N VAL B 38 -3.09 -12.77 -33.51
CA VAL B 38 -2.58 -13.31 -34.76
C VAL B 38 -1.87 -12.27 -35.63
N VAL B 39 -2.59 -11.22 -36.01
CA VAL B 39 -2.04 -10.19 -36.87
C VAL B 39 -0.73 -9.56 -36.36
N GLU B 40 -0.75 -9.00 -35.15
CA GLU B 40 0.43 -8.38 -34.59
C GLU B 40 1.59 -9.36 -34.53
N GLN B 41 1.28 -10.60 -34.17
CA GLN B 41 2.29 -11.65 -34.10
C GLN B 41 2.97 -11.77 -35.44
N ILE B 42 2.16 -11.88 -36.49
CA ILE B 42 2.66 -12.01 -37.85
C ILE B 42 3.51 -10.80 -38.24
N ARG B 43 2.98 -9.60 -38.02
CA ARG B 43 3.71 -8.39 -38.38
C ARG B 43 5.09 -8.40 -37.72
N GLN B 44 5.12 -8.71 -36.43
CA GLN B 44 6.38 -8.74 -35.68
C GLN B 44 7.35 -9.77 -36.26
N GLN B 45 6.85 -10.96 -36.57
CA GLN B 45 7.70 -12.02 -37.11
C GLN B 45 8.24 -11.69 -38.50
N LEU B 46 7.42 -11.09 -39.36
CA LEU B 46 7.87 -10.75 -40.70
C LEU B 46 9.05 -9.77 -40.65
N THR B 47 8.95 -8.76 -39.80
CA THR B 47 10.01 -7.76 -39.68
C THR B 47 11.31 -8.42 -39.21
N ALA B 48 11.22 -9.28 -38.21
CA ALA B 48 12.40 -9.97 -37.67
C ALA B 48 13.01 -10.89 -38.72
N LEU B 49 12.17 -11.49 -39.57
CA LEU B 49 12.65 -12.38 -40.62
C LEU B 49 13.43 -11.62 -41.70
N ALA B 50 13.02 -10.39 -41.95
CA ALA B 50 13.63 -9.57 -42.98
C ALA B 50 14.92 -8.87 -42.55
N THR B 51 15.05 -8.56 -41.27
CA THR B 51 16.25 -7.87 -40.79
C THR B 51 16.37 -7.93 -39.27
N ALA B 52 17.59 -7.76 -38.79
CA ALA B 52 17.85 -7.77 -37.36
C ALA B 52 17.96 -6.35 -36.82
N SER B 53 17.72 -5.37 -37.68
CA SER B 53 17.81 -3.97 -37.26
C SER B 53 16.45 -3.35 -36.97
N GLU B 54 16.49 -2.19 -36.31
CA GLU B 54 15.28 -1.45 -35.96
C GLU B 54 14.93 -0.56 -37.14
N GLY B 55 13.83 0.17 -37.02
CA GLY B 55 13.44 1.09 -38.08
C GLY B 55 12.54 0.54 -39.17
N TYR B 56 12.18 -0.74 -39.10
CA TYR B 56 11.31 -1.33 -40.11
C TYR B 56 9.95 -1.73 -39.56
N THR B 57 8.96 -1.80 -40.44
CA THR B 57 7.61 -2.17 -40.03
C THR B 57 6.92 -2.96 -41.14
N SER B 58 5.91 -3.74 -40.76
CA SER B 58 5.19 -4.57 -41.71
C SER B 58 3.76 -4.11 -41.94
N VAL B 59 3.32 -4.22 -43.19
CA VAL B 59 1.95 -3.86 -43.54
C VAL B 59 1.39 -5.00 -44.39
N LEU B 60 0.21 -5.48 -44.01
CA LEU B 60 -0.44 -6.57 -44.73
C LEU B 60 -1.54 -5.98 -45.61
N LEU B 61 -1.71 -6.53 -46.80
CA LEU B 61 -2.71 -6.02 -47.75
C LEU B 61 -3.51 -7.14 -48.40
N GLN B 62 -4.82 -7.00 -48.42
CA GLN B 62 -5.69 -8.01 -49.04
C GLN B 62 -5.45 -8.03 -50.55
N GLY B 63 -5.52 -9.21 -51.15
CA GLY B 63 -5.32 -9.33 -52.59
C GLY B 63 -4.11 -10.18 -52.96
N SER B 64 -3.75 -10.16 -54.24
CA SER B 64 -2.59 -10.93 -54.70
C SER B 64 -1.34 -10.08 -54.51
N GLY B 65 -0.18 -10.66 -54.80
CA GLY B 65 1.06 -9.93 -54.64
C GLY B 65 1.15 -8.69 -55.50
N SER B 66 0.56 -8.74 -56.69
CA SER B 66 0.59 -7.59 -57.60
C SER B 66 -0.09 -6.38 -56.99
N TYR B 67 -1.07 -6.62 -56.12
CA TYR B 67 -1.79 -5.54 -55.46
C TYR B 67 -0.82 -4.77 -54.58
N ALA B 68 0.04 -5.50 -53.88
CA ALA B 68 1.03 -4.89 -53.00
C ALA B 68 2.05 -4.10 -53.82
N VAL B 69 2.48 -4.65 -54.95
CA VAL B 69 3.41 -3.95 -55.80
C VAL B 69 2.78 -2.64 -56.25
N GLU B 70 1.52 -2.70 -56.65
CA GLU B 70 0.81 -1.51 -57.08
C GLU B 70 0.66 -0.53 -55.92
N ALA B 71 0.36 -1.05 -54.72
CA ALA B 71 0.19 -0.20 -53.55
C ALA B 71 1.48 0.56 -53.24
N VAL B 72 2.62 -0.09 -53.47
CA VAL B 72 3.91 0.55 -53.22
C VAL B 72 4.15 1.66 -54.26
N LEU B 73 3.91 1.34 -55.52
CA LEU B 73 4.09 2.34 -56.59
C LEU B 73 3.18 3.55 -56.38
N GLY B 74 1.95 3.31 -55.92
CA GLY B 74 1.02 4.40 -55.72
C GLY B 74 1.07 5.07 -54.35
N SER B 75 1.79 4.49 -53.41
CA SER B 75 1.87 5.05 -52.07
C SER B 75 3.25 5.56 -51.66
N ALA B 76 4.30 4.91 -52.15
CA ALA B 76 5.67 5.29 -51.79
C ALA B 76 6.22 6.47 -52.57
N LEU B 77 5.54 6.86 -53.65
CA LEU B 77 6.03 7.98 -54.46
C LEU B 77 5.27 9.28 -54.30
N GLY B 78 6.02 10.38 -54.30
CA GLY B 78 5.43 11.70 -54.18
C GLY B 78 5.14 12.27 -55.57
N PRO B 79 4.61 13.49 -55.65
CA PRO B 79 4.28 14.16 -56.91
C PRO B 79 5.45 14.38 -57.88
N GLN B 80 6.59 14.83 -57.37
CA GLN B 80 7.75 15.07 -58.23
C GLN B 80 8.71 13.88 -58.29
N ASP B 81 8.29 12.75 -57.74
CA ASP B 81 9.15 11.56 -57.73
C ASP B 81 9.15 10.84 -59.07
N LYS B 82 10.19 10.05 -59.29
CA LYS B 82 10.36 9.29 -60.53
C LYS B 82 11.06 7.99 -60.18
N VAL B 83 10.56 6.87 -60.71
CA VAL B 83 11.16 5.58 -60.40
C VAL B 83 11.84 4.92 -61.59
N LEU B 84 13.02 4.38 -61.34
CA LEU B 84 13.77 3.66 -62.37
C LEU B 84 13.32 2.21 -62.20
N ILE B 85 12.68 1.68 -63.22
CA ILE B 85 12.19 0.30 -63.18
C ILE B 85 12.99 -0.60 -64.09
N VAL B 86 13.77 -1.51 -63.49
CA VAL B 86 14.54 -2.43 -64.30
C VAL B 86 13.59 -3.56 -64.66
N SER B 87 13.58 -3.94 -65.93
CA SER B 87 12.70 -4.99 -66.39
C SER B 87 13.43 -6.06 -67.18
N ASN B 88 13.41 -7.29 -66.65
CA ASN B 88 14.02 -8.42 -67.32
C ASN B 88 13.13 -9.64 -67.07
N GLY B 89 11.84 -9.45 -67.30
CA GLY B 89 10.85 -10.50 -67.10
C GLY B 89 9.46 -9.90 -66.96
N ALA B 90 8.45 -10.76 -66.93
CA ALA B 90 7.05 -10.33 -66.82
C ALA B 90 6.74 -9.49 -65.60
N TYR B 91 7.43 -9.75 -64.50
CA TYR B 91 7.17 -9.02 -63.27
C TYR B 91 7.85 -7.67 -63.21
N GLY B 92 8.91 -7.51 -63.99
CA GLY B 92 9.57 -6.23 -64.04
C GLY B 92 8.72 -5.43 -65.01
N ALA B 93 8.29 -6.11 -66.08
CA ALA B 93 7.45 -5.49 -67.10
C ALA B 93 6.10 -5.04 -66.55
N ARG B 94 5.57 -5.78 -65.58
CA ARG B 94 4.28 -5.41 -65.01
C ARG B 94 4.37 -4.10 -64.23
N VAL B 96 6.32 -1.64 -64.99
CA VAL B 96 6.38 -0.59 -66.00
C VAL B 96 4.96 -0.36 -66.50
N GLU B 97 4.24 -1.46 -66.71
CA GLU B 97 2.86 -1.39 -67.17
C GLU B 97 2.04 -0.59 -66.16
N ALA B 99 3.10 1.55 -63.87
CA ALA B 99 3.55 2.94 -63.86
C ALA B 99 2.92 3.73 -64.99
N GLY B 100 2.79 3.09 -66.14
CA GLY B 100 2.19 3.74 -67.29
C GLY B 100 0.73 4.08 -67.08
N LEU B 101 -0.04 3.08 -66.64
CA LEU B 101 -1.48 3.26 -66.38
C LEU B 101 -1.76 4.32 -65.33
N GLY B 103 0.16 6.85 -64.63
CA GLY B 103 0.75 8.12 -64.97
C GLY B 103 1.92 8.49 -64.07
N ILE B 104 2.63 7.48 -63.61
CA ILE B 104 3.78 7.69 -62.73
C ILE B 104 5.06 7.89 -63.53
N ALA B 105 5.75 8.99 -63.28
CA ALA B 105 7.00 9.27 -63.98
C ALA B 105 7.95 8.10 -63.71
N HIS B 106 8.60 7.61 -64.75
CA HIS B 106 9.50 6.48 -64.58
C HIS B 106 10.53 6.39 -65.69
N HIS B 107 11.53 5.56 -65.46
CA HIS B 107 12.58 5.32 -66.43
C HIS B 107 12.74 3.81 -66.49
N ALA B 108 12.26 3.22 -67.58
CA ALA B 108 12.34 1.77 -67.75
C ALA B 108 13.67 1.35 -68.31
N TYR B 109 14.31 0.39 -67.63
CA TYR B 109 15.58 -0.15 -68.08
C TYR B 109 15.31 -1.62 -68.42
N ASP B 110 15.09 -1.88 -69.71
CA ASP B 110 14.79 -3.23 -70.16
C ASP B 110 16.01 -3.93 -70.74
N CYS B 111 16.52 -4.93 -70.04
CA CYS B 111 17.69 -5.67 -70.50
C CYS B 111 17.37 -7.06 -71.04
N GLY B 112 16.09 -7.35 -71.25
CA GLY B 112 15.71 -8.65 -71.77
C GLY B 112 15.44 -9.70 -70.71
N GLU B 113 14.68 -10.72 -71.08
CA GLU B 113 14.29 -11.80 -70.18
C GLU B 113 15.37 -12.83 -69.85
N VAL B 114 16.46 -12.86 -70.61
CA VAL B 114 17.51 -13.84 -70.36
C VAL B 114 18.86 -13.21 -70.06
N ALA B 115 18.85 -11.96 -69.62
CA ALA B 115 20.09 -11.27 -69.32
C ALA B 115 20.07 -10.65 -67.92
N ARG B 116 21.17 -10.81 -67.21
CA ARG B 116 21.32 -10.25 -65.87
C ARG B 116 21.47 -8.74 -66.02
N PRO B 117 20.69 -7.95 -65.26
CA PRO B 117 20.82 -6.50 -65.38
C PRO B 117 22.25 -5.99 -65.15
N ASP B 118 22.66 -5.05 -66.00
CA ASP B 118 23.99 -4.45 -65.96
C ASP B 118 24.04 -3.35 -64.90
N VAL B 119 24.76 -3.60 -63.80
CA VAL B 119 24.87 -2.61 -62.74
C VAL B 119 25.54 -1.31 -63.18
N GLN B 120 26.51 -1.41 -64.10
CA GLN B 120 27.19 -0.21 -64.59
C GLN B 120 26.20 0.61 -65.41
N ALA B 121 25.38 -0.07 -66.19
CA ALA B 121 24.37 0.60 -67.03
C ALA B 121 23.39 1.34 -66.13
N ILE B 122 23.02 0.73 -65.01
CA ILE B 122 22.10 1.35 -64.08
C ILE B 122 22.77 2.56 -63.45
N ASP B 123 24.08 2.48 -63.23
CA ASP B 123 24.80 3.59 -62.64
C ASP B 123 24.75 4.76 -63.63
N ALA B 124 25.06 4.48 -64.89
CA ALA B 124 25.05 5.50 -65.93
C ALA B 124 23.68 6.18 -66.00
N ILE B 125 22.62 5.38 -65.97
CA ILE B 125 21.26 5.89 -66.02
C ILE B 125 20.99 6.86 -64.85
N LEU B 126 21.41 6.47 -63.65
CA LEU B 126 21.22 7.30 -62.48
C LEU B 126 21.99 8.62 -62.61
N ASN B 127 23.13 8.56 -63.29
CA ASN B 127 23.95 9.74 -63.50
C ASN B 127 23.33 10.71 -64.51
N ALA B 128 22.77 10.18 -65.58
CA ALA B 128 22.17 11.00 -66.63
C ALA B 128 20.73 11.44 -66.39
N ASP B 129 20.03 10.78 -65.49
CA ASP B 129 18.63 11.11 -65.20
C ASP B 129 18.46 11.44 -63.72
N PRO B 130 18.98 12.60 -63.28
CA PRO B 130 18.91 13.04 -61.88
C PRO B 130 17.51 13.14 -61.26
N THR B 131 16.49 13.19 -62.09
CA THR B 131 15.12 13.30 -61.58
C THR B 131 14.72 12.01 -60.85
N ILE B 132 15.35 10.90 -61.20
CA ILE B 132 15.06 9.62 -60.57
C ILE B 132 15.21 9.72 -59.05
N SER B 133 14.19 9.29 -58.33
CA SER B 133 14.21 9.33 -56.88
C SER B 133 14.07 7.92 -56.31
N HIS B 134 13.47 7.03 -57.09
CA HIS B 134 13.26 5.65 -56.66
C HIS B 134 13.84 4.63 -57.64
N ILE B 135 14.16 3.45 -57.13
CA ILE B 135 14.68 2.36 -57.96
C ILE B 135 13.88 1.10 -57.60
N ALA B 136 13.38 0.40 -58.61
CA ALA B 136 12.59 -0.80 -58.36
C ALA B 136 13.08 -1.97 -59.18
N VAL B 138 12.99 -6.58 -59.40
CA VAL B 138 12.48 -7.87 -58.95
C VAL B 138 13.72 -8.66 -58.50
N HIS B 139 13.60 -9.38 -57.38
CA HIS B 139 14.73 -10.16 -56.89
C HIS B 139 14.83 -11.46 -57.67
N SER B 140 13.82 -12.31 -57.50
CA SER B 140 13.76 -13.58 -58.18
C SER B 140 12.74 -13.47 -59.31
N GLU B 141 13.24 -13.41 -60.55
CA GLU B 141 12.35 -13.30 -61.70
C GLU B 141 11.81 -14.66 -62.07
N THR B 142 10.62 -14.94 -61.55
CA THR B 142 9.94 -16.21 -61.76
C THR B 142 9.66 -16.54 -63.22
N THR B 143 9.74 -15.55 -64.09
CA THR B 143 9.50 -15.76 -65.51
C THR B 143 10.48 -16.79 -66.07
N THR B 144 11.73 -16.70 -65.62
CA THR B 144 12.78 -17.58 -66.11
C THR B 144 13.60 -18.24 -65.01
N GLY B 145 13.34 -17.85 -63.76
CA GLY B 145 14.11 -18.42 -62.66
C GLY B 145 15.36 -17.59 -62.41
N LEU B 147 17.88 -14.78 -61.11
CA LEU B 147 18.10 -14.14 -59.81
C LEU B 147 18.89 -12.85 -60.05
N ASN B 148 18.28 -11.72 -59.73
CA ASN B 148 18.93 -10.42 -59.94
C ASN B 148 19.79 -9.99 -58.76
N PRO B 149 20.81 -9.15 -59.03
CA PRO B 149 21.74 -8.64 -58.03
C PRO B 149 21.17 -7.51 -57.18
N ILE B 150 20.25 -7.84 -56.28
CA ILE B 150 19.65 -6.81 -55.44
C ILE B 150 20.68 -6.17 -54.53
N ASP B 151 21.73 -6.91 -54.16
CA ASP B 151 22.77 -6.38 -53.29
C ASP B 151 23.48 -5.20 -53.95
N GLU B 152 23.99 -5.42 -55.16
CA GLU B 152 24.70 -4.38 -55.90
C GLU B 152 23.84 -3.17 -56.23
N VAL B 153 22.59 -3.42 -56.61
CA VAL B 153 21.68 -2.32 -56.95
C VAL B 153 21.35 -1.53 -55.69
N GLY B 154 21.32 -2.22 -54.56
CA GLY B 154 21.04 -1.56 -53.30
C GLY B 154 22.19 -0.63 -52.92
N ALA B 155 23.41 -1.07 -53.19
CA ALA B 155 24.59 -0.27 -52.88
C ALA B 155 24.54 0.98 -53.76
N LEU B 156 24.09 0.79 -55.00
CA LEU B 156 23.97 1.87 -55.95
C LEU B 156 22.93 2.86 -55.43
N ALA B 157 21.77 2.34 -55.07
CA ALA B 157 20.69 3.17 -54.54
C ALA B 157 21.18 3.98 -53.35
N HIS B 158 21.95 3.33 -52.48
CA HIS B 158 22.46 4.00 -51.29
C HIS B 158 23.46 5.11 -51.66
N ARG B 159 24.31 4.83 -52.64
CA ARG B 159 25.30 5.80 -53.06
C ARG B 159 24.63 7.06 -53.62
N TYR B 160 23.61 6.87 -54.45
CA TYR B 160 22.89 7.99 -55.04
C TYR B 160 21.74 8.50 -54.18
N GLY B 161 21.59 7.95 -52.99
CA GLY B 161 20.53 8.37 -52.10
C GLY B 161 19.13 8.20 -52.67
N LYS B 162 18.86 7.05 -53.29
CA LYS B 162 17.55 6.77 -53.88
C LYS B 162 16.77 5.77 -53.04
N THR B 163 15.44 5.87 -53.07
CA THR B 163 14.58 4.95 -52.34
C THR B 163 14.56 3.65 -53.15
N TYR B 164 14.81 2.53 -52.48
CA TYR B 164 14.90 1.23 -53.13
C TYR B 164 13.74 0.28 -52.84
N ILE B 165 13.04 -0.10 -53.90
CA ILE B 165 11.90 -1.00 -53.84
C ILE B 165 12.31 -2.35 -54.44
N VAL B 166 12.04 -3.43 -53.71
CA VAL B 166 12.39 -4.76 -54.21
C VAL B 166 11.22 -5.74 -54.16
N ASP B 167 10.89 -6.28 -55.32
CA ASP B 167 9.82 -7.26 -55.43
C ASP B 167 10.47 -8.62 -55.14
N ALA B 168 10.32 -9.10 -53.91
CA ALA B 168 10.90 -10.37 -53.51
C ALA B 168 9.80 -11.41 -53.33
N SER B 170 8.94 -14.08 -54.88
CA SER B 170 9.34 -15.47 -54.91
C SER B 170 10.70 -15.78 -54.28
N SER B 171 11.21 -14.88 -53.45
CA SER B 171 12.50 -15.12 -52.81
C SER B 171 12.44 -15.03 -51.30
N PHE B 172 11.74 -14.02 -50.79
CA PHE B 172 11.62 -13.82 -49.35
C PHE B 172 11.12 -15.09 -48.65
N GLY B 173 11.93 -15.58 -47.72
CA GLY B 173 11.58 -16.79 -46.99
C GLY B 173 12.32 -18.00 -47.52
N GLY B 174 12.85 -17.89 -48.73
CA GLY B 174 13.57 -19.00 -49.33
C GLY B 174 15.03 -18.68 -49.66
N ILE B 175 15.39 -17.41 -49.53
CA ILE B 175 16.76 -16.97 -49.79
C ILE B 175 17.12 -15.99 -48.70
N PRO B 176 18.18 -16.28 -47.92
CA PRO B 176 18.57 -15.36 -46.84
C PRO B 176 18.84 -13.94 -47.30
N ASP B 178 19.03 -9.62 -45.50
CA ASP B 178 18.81 -8.64 -44.44
C ASP B 178 18.56 -7.35 -45.20
N ILE B 179 17.30 -6.96 -45.29
CA ILE B 179 16.91 -5.77 -46.04
C ILE B 179 17.57 -4.47 -45.64
N ALA B 180 17.91 -4.33 -44.35
CA ALA B 180 18.57 -3.10 -43.90
C ALA B 180 19.95 -3.02 -44.51
N ALA B 181 20.65 -4.15 -44.55
CA ALA B 181 22.00 -4.22 -45.10
C ALA B 181 21.98 -4.10 -46.63
N LEU B 182 20.85 -4.44 -47.24
CA LEU B 182 20.72 -4.35 -48.69
C LEU B 182 20.20 -2.96 -49.10
N HIS B 183 19.94 -2.12 -48.11
CA HIS B 183 19.45 -0.75 -48.33
C HIS B 183 18.09 -0.73 -49.01
N ILE B 184 17.24 -1.71 -48.67
CA ILE B 184 15.91 -1.81 -49.22
C ILE B 184 14.92 -1.06 -48.34
N ASP B 185 14.20 -0.12 -48.95
CA ASP B 185 13.22 0.67 -48.21
C ASP B 185 11.83 0.02 -48.25
N TYR B 186 11.56 -0.75 -49.29
CA TYR B 186 10.27 -1.42 -49.43
C TYR B 186 10.45 -2.83 -49.97
N LEU B 187 10.21 -3.82 -49.13
CA LEU B 187 10.32 -5.22 -49.53
C LEU B 187 8.91 -5.78 -49.69
N ILE B 188 8.59 -6.16 -50.92
CA ILE B 188 7.27 -6.71 -51.22
C ILE B 188 7.41 -8.23 -51.36
N SER B 189 6.49 -8.96 -50.75
CA SER B 189 6.52 -10.40 -50.85
C SER B 189 5.16 -11.06 -50.69
N SER B 190 5.11 -12.34 -51.06
CA SER B 190 3.90 -13.13 -51.03
C SER B 190 3.73 -13.99 -49.78
N ALA B 191 2.49 -14.41 -49.54
CA ALA B 191 2.17 -15.26 -48.41
C ALA B 191 2.14 -16.72 -48.85
N ASN B 192 2.05 -16.96 -50.16
CA ASN B 192 1.97 -18.34 -50.66
C ASN B 192 3.13 -18.89 -51.48
N LYS B 193 4.33 -18.34 -51.30
CA LYS B 193 5.47 -18.85 -52.04
C LYS B 193 6.49 -19.50 -51.10
N CYS B 194 7.65 -18.87 -50.91
CA CYS B 194 8.70 -19.44 -50.04
C CYS B 194 8.29 -19.67 -48.59
N ILE B 195 7.45 -18.79 -48.04
CA ILE B 195 7.00 -18.96 -46.67
C ILE B 195 6.02 -20.14 -46.62
N GLN B 196 5.54 -20.53 -47.79
CA GLN B 196 4.63 -21.67 -47.95
C GLN B 196 3.25 -21.54 -47.31
N GLY B 197 2.73 -20.33 -47.31
CA GLY B 197 1.40 -20.11 -46.76
C GLY B 197 0.39 -20.29 -47.89
N VAL B 198 -0.79 -19.72 -47.69
CA VAL B 198 -1.89 -19.81 -48.65
C VAL B 198 -2.22 -18.42 -49.21
N PRO B 199 -2.62 -18.34 -50.49
CA PRO B 199 -2.96 -17.04 -51.08
C PRO B 199 -4.15 -16.37 -50.39
N GLY B 200 -4.20 -15.04 -50.47
CA GLY B 200 -5.28 -14.29 -49.85
C GLY B 200 -4.89 -12.86 -49.58
N PHE B 201 -3.60 -12.66 -49.30
CA PHE B 201 -3.08 -11.32 -49.03
C PHE B 201 -1.58 -11.34 -49.30
N ALA B 202 -0.99 -10.16 -49.35
CA ALA B 202 0.45 -10.01 -49.57
C ALA B 202 0.92 -9.02 -48.51
N PHE B 203 2.21 -8.70 -48.51
CA PHE B 203 2.72 -7.77 -47.52
C PHE B 203 3.94 -6.99 -47.97
N VAL B 204 4.18 -5.88 -47.28
CA VAL B 204 5.31 -5.02 -47.57
C VAL B 204 6.03 -4.71 -46.26
N ILE B 205 7.33 -4.96 -46.24
CA ILE B 205 8.13 -4.67 -45.06
C ILE B 205 8.91 -3.43 -45.47
N ALA B 206 8.59 -2.30 -44.83
CA ALA B 206 9.22 -1.04 -45.20
C ALA B 206 9.94 -0.30 -44.08
N ARG B 207 10.84 0.59 -44.47
CA ARG B 207 11.56 1.39 -43.50
C ARG B 207 10.53 2.42 -43.06
N GLU B 208 10.22 2.43 -41.76
CA GLU B 208 9.22 3.34 -41.21
C GLU B 208 9.42 4.79 -41.63
N GLN B 209 10.64 5.27 -41.47
CA GLN B 209 10.97 6.66 -41.80
C GLN B 209 10.53 7.02 -43.22
N LYS B 210 10.56 6.05 -44.12
CA LYS B 210 10.16 6.30 -45.50
C LYS B 210 8.64 6.26 -45.65
N LEU B 211 8.02 5.22 -45.11
CA LEU B 211 6.57 5.07 -45.17
C LEU B 211 5.87 6.21 -44.44
N ALA B 212 6.46 6.64 -43.34
CA ALA B 212 5.89 7.71 -42.52
C ALA B 212 5.60 8.98 -43.31
N ALA B 213 6.30 9.17 -44.42
CA ALA B 213 6.10 10.37 -45.24
C ALA B 213 5.20 10.14 -46.45
N CYS B 214 4.44 9.04 -46.45
CA CYS B 214 3.59 8.73 -47.60
C CYS B 214 2.11 9.04 -47.42
N LYS B 215 1.78 9.83 -46.40
CA LYS B 215 0.38 10.18 -46.16
C LYS B 215 -0.19 10.99 -47.31
N GLY B 216 -1.33 10.56 -47.83
CA GLY B 216 -1.96 11.29 -48.92
C GLY B 216 -1.44 11.00 -50.31
N HIS B 217 -0.42 10.16 -50.43
CA HIS B 217 0.14 9.83 -51.74
C HIS B 217 -0.81 9.01 -52.62
N SER B 218 -1.36 7.94 -52.05
CA SER B 218 -2.25 7.06 -52.79
C SER B 218 -3.55 7.69 -53.27
N ARG B 219 -3.89 7.40 -54.54
CA ARG B 219 -5.13 7.89 -55.13
C ARG B 219 -6.15 6.76 -55.01
N SER B 220 -5.70 5.64 -54.44
CA SER B 220 -6.54 4.47 -54.25
C SER B 220 -6.79 4.26 -52.77
N LEU B 221 -8.06 4.15 -52.39
CA LEU B 221 -8.40 3.94 -51.00
C LEU B 221 -8.00 2.51 -50.62
N SER B 222 -8.44 1.54 -51.42
CA SER B 222 -8.14 0.14 -51.18
C SER B 222 -6.64 -0.15 -51.09
N LEU B 223 -5.87 0.45 -51.98
CA LEU B 223 -4.42 0.24 -52.02
C LEU B 223 -3.55 1.30 -51.34
N ASP B 224 -4.14 2.09 -50.43
CA ASP B 224 -3.37 3.12 -49.73
C ASP B 224 -2.56 2.46 -48.62
N LEU B 225 -1.29 2.18 -48.93
CA LEU B 225 -0.38 1.54 -47.99
C LEU B 225 -0.23 2.29 -46.68
N TYR B 226 -0.12 3.61 -46.77
CA TYR B 226 0.04 4.44 -45.57
C TYR B 226 -1.15 4.30 -44.63
N ALA B 227 -2.36 4.48 -45.17
CA ALA B 227 -3.57 4.37 -44.37
C ALA B 227 -3.67 2.97 -43.75
N GLN B 228 -3.43 1.95 -44.56
CA GLN B 228 -3.48 0.57 -44.08
C GLN B 228 -2.54 0.38 -42.89
N TRP B 229 -1.36 0.98 -43.00
CA TRP B 229 -0.35 0.89 -41.95
C TRP B 229 -0.75 1.63 -40.67
N ARG B 230 -1.21 2.88 -40.82
CA ARG B 230 -1.63 3.68 -39.67
C ARG B 230 -2.72 3.00 -38.86
N CYS B 231 -3.64 2.33 -39.56
CA CYS B 231 -4.73 1.65 -38.88
C CYS B 231 -4.17 0.50 -38.05
N GLU B 233 -1.20 0.17 -36.99
CA GLU B 233 -0.35 0.77 -35.96
C GLU B 233 -1.15 1.38 -34.81
N ASP B 234 -2.23 2.08 -35.12
CA ASP B 234 -3.04 2.71 -34.09
C ASP B 234 -4.06 1.80 -33.42
N ASN B 235 -4.53 0.77 -34.14
CA ASN B 235 -5.54 -0.11 -33.57
C ASN B 235 -5.16 -1.57 -33.40
N HIS B 236 -4.06 -1.86 -33.12
CA HIS B 236 -3.44 -3.12 -32.68
C HIS B 236 -3.59 -4.22 -33.75
N GLY B 237 -3.13 -3.90 -34.96
CA GLY B 237 -3.12 -4.83 -36.11
C GLY B 237 -4.44 -4.86 -36.93
N LYS B 238 -5.41 -4.08 -36.52
CA LYS B 238 -6.72 -4.03 -37.21
C LYS B 238 -6.58 -3.63 -38.69
N TRP B 239 -7.22 -4.43 -39.55
CA TRP B 239 -7.25 -4.17 -41.01
C TRP B 239 -8.42 -3.21 -41.28
N ARG B 240 -8.19 -2.20 -42.10
CA ARG B 240 -9.24 -1.22 -42.41
C ARG B 240 -10.53 -1.95 -42.82
N PHE B 241 -10.37 -2.77 -43.85
CA PHE B 241 -11.51 -3.50 -44.37
C PHE B 241 -11.39 -4.98 -44.01
N THR B 242 -12.39 -5.77 -44.38
CA THR B 242 -12.40 -7.19 -44.10
C THR B 242 -11.13 -7.85 -44.64
N SER B 243 -10.52 -8.71 -43.84
CA SER B 243 -9.31 -9.43 -44.22
C SER B 243 -9.61 -10.91 -44.36
N PRO B 244 -8.78 -11.64 -45.13
CA PRO B 244 -8.98 -13.09 -45.35
C PRO B 244 -8.49 -13.82 -44.09
N THR B 245 -9.22 -13.64 -43.00
CA THR B 245 -8.85 -14.25 -41.72
C THR B 245 -8.31 -15.67 -41.80
N HIS B 246 -9.05 -16.56 -42.46
CA HIS B 246 -8.64 -17.95 -42.57
C HIS B 246 -7.25 -18.12 -43.18
N THR B 247 -6.98 -17.36 -44.24
CA THR B 247 -5.68 -17.43 -44.90
C THR B 247 -4.61 -16.83 -44.00
N VAL B 248 -5.02 -15.93 -43.11
CA VAL B 248 -4.09 -15.28 -42.20
C VAL B 248 -3.67 -16.25 -41.09
N LEU B 249 -4.61 -17.09 -40.66
CA LEU B 249 -4.31 -18.10 -39.65
C LEU B 249 -3.36 -19.12 -40.27
N ALA B 250 -3.57 -19.41 -41.55
CA ALA B 250 -2.73 -20.37 -42.26
C ALA B 250 -1.30 -19.83 -42.33
N PHE B 251 -1.17 -18.54 -42.63
CA PHE B 251 0.14 -17.91 -42.73
C PHE B 251 0.88 -17.97 -41.39
N ALA B 252 0.16 -17.81 -40.29
CA ALA B 252 0.79 -17.87 -38.97
C ALA B 252 1.38 -19.27 -38.77
N GLN B 253 0.62 -20.28 -39.17
CA GLN B 253 1.05 -21.66 -39.05
C GLN B 253 2.26 -21.89 -39.95
N ALA B 254 2.23 -21.28 -41.13
CA ALA B 254 3.31 -21.41 -42.09
C ALA B 254 4.59 -20.83 -41.48
N LEU B 255 4.46 -19.74 -40.75
CA LEU B 255 5.61 -19.11 -40.11
C LEU B 255 6.18 -20.03 -39.03
N LYS B 256 5.30 -20.70 -38.30
CA LYS B 256 5.72 -21.62 -37.24
C LYS B 256 6.52 -22.78 -37.84
N GLU B 257 6.04 -23.28 -38.97
CA GLU B 257 6.70 -24.39 -39.62
C GLU B 257 8.03 -23.97 -40.28
N LEU B 258 8.13 -22.70 -40.66
CA LEU B 258 9.36 -22.21 -41.25
C LEU B 258 10.43 -22.25 -40.15
N ALA B 259 10.07 -21.77 -38.96
CA ALA B 259 10.98 -21.77 -37.83
C ALA B 259 11.36 -23.20 -37.44
N LYS B 260 10.39 -24.10 -37.40
CA LYS B 260 10.64 -25.49 -37.04
C LYS B 260 11.63 -26.15 -38.01
N GLU B 261 11.60 -25.73 -39.27
CA GLU B 261 12.52 -26.29 -40.27
C GLU B 261 13.93 -25.77 -40.03
N GLY B 262 14.03 -24.59 -39.42
CA GLY B 262 15.33 -24.01 -39.15
C GLY B 262 15.48 -22.60 -39.72
N GLY B 263 14.37 -21.98 -40.09
CA GLY B 263 14.44 -20.63 -40.64
C GLY B 263 14.81 -20.61 -42.11
N VAL B 264 14.99 -19.42 -42.65
CA VAL B 264 15.34 -19.24 -44.05
C VAL B 264 16.60 -19.99 -44.46
N ALA B 265 17.60 -20.02 -43.58
CA ALA B 265 18.85 -20.71 -43.89
C ALA B 265 18.57 -22.16 -44.26
N ALA B 266 17.79 -22.83 -43.42
CA ALA B 266 17.47 -24.23 -43.66
C ALA B 266 16.56 -24.43 -44.88
N ARG B 267 15.56 -23.58 -45.04
CA ARG B 267 14.65 -23.70 -46.16
C ARG B 267 15.43 -23.46 -47.45
N HIS B 268 16.30 -22.46 -47.44
CA HIS B 268 17.13 -22.14 -48.60
C HIS B 268 18.00 -23.33 -48.97
N GLN B 269 18.58 -23.98 -47.97
CA GLN B 269 19.42 -25.14 -48.20
C GLN B 269 18.62 -26.20 -48.94
N ARG B 270 17.40 -26.45 -48.47
CA ARG B 270 16.54 -27.44 -49.10
C ARG B 270 16.22 -27.03 -50.54
N TYR B 271 15.80 -25.78 -50.72
CA TYR B 271 15.45 -25.26 -52.04
C TYR B 271 16.57 -25.33 -53.08
N GLN B 272 17.76 -24.81 -52.77
CA GLN B 272 18.78 -24.89 -53.80
C GLN B 272 19.24 -26.32 -54.05
N GLN B 273 19.20 -27.18 -53.03
CA GLN B 273 19.60 -28.58 -53.25
C GLN B 273 18.58 -29.24 -54.18
N ASN B 274 17.29 -28.91 -53.99
CA ASN B 274 16.24 -29.47 -54.85
C ASN B 274 16.50 -29.02 -56.27
N GLN B 275 16.71 -27.71 -56.42
CA GLN B 275 16.95 -27.09 -57.72
C GLN B 275 18.16 -27.67 -58.44
N ARG B 276 19.28 -27.79 -57.74
CA ARG B 276 20.48 -28.34 -58.36
C ARG B 276 20.30 -29.80 -58.76
N SER B 277 19.67 -30.59 -57.91
CA SER B 277 19.43 -32.00 -58.23
C SER B 277 18.51 -32.09 -59.44
N LEU B 278 17.51 -31.22 -59.49
CA LEU B 278 16.56 -31.20 -60.60
C LEU B 278 17.26 -30.91 -61.91
N VAL B 279 18.06 -29.84 -61.93
CA VAL B 279 18.79 -29.46 -63.13
C VAL B 279 19.69 -30.58 -63.63
N ALA B 280 20.46 -31.17 -62.72
CA ALA B 280 21.36 -32.27 -63.08
C ALA B 280 20.58 -33.43 -63.68
N GLY B 281 19.49 -33.81 -63.00
CA GLY B 281 18.69 -34.91 -63.49
C GLY B 281 18.08 -34.63 -64.85
N ARG B 283 19.09 -32.57 -67.13
CA ARG B 283 20.14 -32.53 -68.14
C ARG B 283 20.54 -33.95 -68.53
N ALA B 284 20.51 -34.86 -67.57
CA ALA B 284 20.87 -36.25 -67.85
C ALA B 284 19.80 -36.88 -68.74
N LEU B 285 18.62 -36.27 -68.77
CA LEU B 285 17.51 -36.77 -69.57
C LEU B 285 17.39 -36.07 -70.93
N GLY B 286 18.40 -35.26 -71.27
CA GLY B 286 18.37 -34.57 -72.55
C GLY B 286 17.79 -33.18 -72.57
N PHE B 287 17.32 -32.68 -71.42
CA PHE B 287 16.76 -31.34 -71.37
C PHE B 287 17.85 -30.30 -71.15
N ASN B 288 17.62 -29.09 -71.65
CA ASN B 288 18.57 -28.00 -71.53
C ASN B 288 17.91 -26.82 -70.84
N THR B 289 18.65 -26.19 -69.93
CA THR B 289 18.13 -25.03 -69.21
C THR B 289 18.20 -23.80 -70.10
N LEU B 290 17.24 -22.89 -69.92
CA LEU B 290 17.20 -21.66 -70.68
C LEU B 290 18.41 -20.80 -70.28
N LEU B 291 18.67 -20.76 -68.97
CA LEU B 291 19.76 -19.96 -68.42
C LEU B 291 20.94 -20.81 -67.96
N ASP B 292 22.12 -20.20 -67.90
CA ASP B 292 23.31 -20.90 -67.43
C ASP B 292 23.23 -20.93 -65.91
N ASP B 293 23.88 -21.92 -65.31
CA ASP B 293 23.88 -22.09 -63.86
C ASP B 293 24.11 -20.80 -63.07
N GLU B 294 25.07 -19.99 -63.52
CA GLU B 294 25.43 -18.74 -62.86
C GLU B 294 24.25 -17.80 -62.59
N LEU B 295 23.22 -17.88 -63.41
CA LEU B 295 22.06 -17.00 -63.24
C LEU B 295 20.86 -17.62 -62.53
N HIS B 296 20.95 -18.91 -62.21
CA HIS B 296 19.87 -19.64 -61.55
C HIS B 296 19.47 -19.13 -60.17
N SER B 297 18.19 -19.28 -59.86
CA SER B 297 17.67 -18.93 -58.54
C SER B 297 17.37 -20.30 -57.98
N PRO B 298 17.22 -20.42 -56.65
CA PRO B 298 16.94 -21.74 -56.09
C PRO B 298 15.45 -22.04 -55.95
N ILE B 299 14.61 -21.40 -56.75
CA ILE B 299 13.18 -21.63 -56.60
C ILE B 299 12.42 -22.17 -57.80
N ILE B 300 12.87 -21.85 -59.01
CA ILE B 300 12.20 -22.32 -60.21
C ILE B 300 13.17 -22.30 -61.38
N THR B 301 12.99 -23.23 -62.31
CA THR B 301 13.89 -23.33 -63.46
C THR B 301 13.15 -23.48 -64.78
N ALA B 302 13.63 -22.78 -65.80
CA ALA B 302 13.02 -22.83 -67.12
C ALA B 302 13.85 -23.72 -68.04
N PHE B 303 13.17 -24.64 -68.73
CA PHE B 303 13.84 -25.55 -69.66
C PHE B 303 13.31 -25.33 -71.06
N TYR B 304 14.17 -25.50 -72.06
CA TYR B 304 13.73 -25.34 -73.44
C TYR B 304 12.77 -26.50 -73.72
N SER B 305 11.71 -26.20 -74.46
CA SER B 305 10.75 -27.25 -74.81
C SER B 305 11.43 -28.13 -75.85
N PRO B 306 11.25 -29.46 -75.76
CA PRO B 306 11.90 -30.31 -76.77
C PRO B 306 11.46 -29.93 -78.18
N GLU B 307 12.37 -30.11 -79.14
CA GLU B 307 12.11 -29.75 -80.54
C GLU B 307 11.31 -30.76 -81.35
N ASP B 308 11.21 -31.99 -80.85
CA ASP B 308 10.46 -33.02 -81.55
C ASP B 308 9.08 -32.46 -81.93
N PRO B 309 8.76 -32.48 -83.24
CA PRO B 309 7.51 -31.99 -83.83
C PRO B 309 6.23 -32.51 -83.17
N GLN B 310 6.33 -33.67 -82.53
CA GLN B 310 5.19 -34.29 -81.88
C GLN B 310 4.98 -33.79 -80.44
N TYR B 311 5.99 -33.14 -79.89
CA TYR B 311 5.91 -32.62 -78.52
C TYR B 311 4.82 -31.57 -78.33
N ARG B 312 4.07 -31.71 -77.24
CA ARG B 312 3.01 -30.80 -76.87
C ARG B 312 3.07 -30.65 -75.34
N PHE B 313 3.13 -29.43 -74.85
CA PHE B 313 3.17 -29.23 -73.40
C PHE B 313 1.91 -29.81 -72.78
N SER B 314 0.78 -29.66 -73.46
CA SER B 314 -0.49 -30.17 -72.94
C SER B 314 -0.42 -31.65 -72.62
N GLU B 315 0.19 -32.43 -73.50
CA GLU B 315 0.32 -33.87 -73.28
C GLU B 315 1.37 -34.18 -72.23
N PHE B 316 2.52 -33.51 -72.33
CA PHE B 316 3.60 -33.71 -71.38
C PHE B 316 3.06 -33.41 -69.99
N TYR B 317 2.36 -32.29 -69.87
CA TYR B 317 1.79 -31.85 -68.60
C TYR B 317 0.76 -32.83 -68.04
N ARG B 318 -0.12 -33.33 -68.89
CA ARG B 318 -1.16 -34.25 -68.45
C ARG B 318 -0.58 -35.59 -68.00
N ARG B 319 0.36 -36.13 -68.77
CA ARG B 319 0.97 -37.41 -68.43
C ARG B 319 1.80 -37.32 -67.15
N LEU B 320 2.32 -36.13 -66.84
CA LEU B 320 3.10 -35.95 -65.62
C LEU B 320 2.12 -35.86 -64.46
N LYS B 321 1.06 -35.09 -64.64
CA LYS B 321 0.04 -34.92 -63.61
C LYS B 321 -0.55 -36.28 -63.26
N GLU B 322 -0.78 -37.10 -64.28
CA GLU B 322 -1.34 -38.43 -64.10
C GLU B 322 -0.46 -39.25 -63.16
N GLN B 323 0.83 -38.94 -63.16
CA GLN B 323 1.78 -39.62 -62.30
C GLN B 323 1.92 -38.91 -60.96
N GLY B 324 1.17 -37.82 -60.79
CA GLY B 324 1.22 -37.07 -59.53
C GLY B 324 2.08 -35.83 -59.51
N PHE B 325 2.51 -35.35 -60.67
CA PHE B 325 3.33 -34.15 -60.71
C PHE B 325 2.78 -33.09 -61.65
N VAL B 326 2.59 -31.89 -61.11
CA VAL B 326 2.07 -30.78 -61.89
C VAL B 326 3.18 -29.75 -62.12
N ILE B 327 3.56 -29.57 -63.38
CA ILE B 327 4.58 -28.60 -63.69
C ILE B 327 3.94 -27.32 -64.21
N TYR B 328 4.73 -26.40 -64.74
CA TYR B 328 4.18 -25.14 -65.21
C TYR B 328 4.63 -24.74 -66.61
N PRO B 329 3.74 -24.08 -67.36
CA PRO B 329 4.10 -23.66 -68.72
C PRO B 329 5.11 -22.53 -68.68
N GLY B 330 5.75 -22.27 -69.80
CA GLY B 330 6.73 -21.19 -69.86
C GLY B 330 6.18 -20.06 -70.70
N LYS B 331 6.46 -18.83 -70.30
CA LYS B 331 6.00 -17.67 -71.06
C LYS B 331 7.18 -16.75 -71.35
N VAL B 332 8.17 -17.28 -72.04
CA VAL B 332 9.35 -16.51 -72.40
C VAL B 332 9.10 -15.94 -73.79
N SER B 333 9.31 -14.63 -73.93
CA SER B 333 9.10 -13.95 -75.20
C SER B 333 9.88 -14.55 -76.35
N GLN B 334 11.21 -14.59 -76.22
CA GLN B 334 12.05 -15.12 -77.29
C GLN B 334 12.55 -16.56 -77.06
N SER B 335 11.63 -17.47 -76.74
CA SER B 335 12.00 -18.86 -76.51
C SER B 335 10.84 -19.72 -76.02
N ASP B 336 10.72 -20.92 -76.57
CA ASP B 336 9.67 -21.84 -76.18
C ASP B 336 10.18 -22.67 -75.01
N CYS B 337 9.67 -22.39 -73.81
CA CYS B 337 10.10 -23.08 -72.60
C CYS B 337 8.94 -23.56 -71.74
N PHE B 338 9.27 -24.33 -70.70
CA PHE B 338 8.32 -24.81 -69.73
C PHE B 338 9.09 -24.68 -68.42
N ARG B 339 8.38 -24.60 -67.30
CA ARG B 339 9.04 -24.44 -66.01
C ARG B 339 8.71 -25.52 -65.01
N ILE B 340 9.62 -25.69 -64.06
CA ILE B 340 9.47 -26.64 -62.98
C ILE B 340 9.96 -25.96 -61.72
N GLY B 341 9.04 -25.61 -60.83
CA GLY B 341 9.42 -24.97 -59.59
C GLY B 341 9.82 -26.05 -58.60
N ASN B 342 10.52 -25.68 -57.53
CA ASN B 342 10.93 -26.66 -56.54
C ASN B 342 10.69 -26.16 -55.11
N ILE B 343 9.70 -25.29 -54.95
CA ILE B 343 9.37 -24.77 -53.63
C ILE B 343 8.05 -25.32 -53.12
N GLY B 344 7.72 -24.99 -51.88
CA GLY B 344 6.50 -25.53 -51.29
C GLY B 344 6.94 -26.80 -50.60
N GLU B 345 6.04 -27.76 -50.43
CA GLU B 345 6.40 -29.02 -49.78
C GLU B 345 7.09 -29.99 -50.73
N VAL B 346 8.26 -29.59 -51.22
CA VAL B 346 9.05 -30.40 -52.14
C VAL B 346 10.37 -30.78 -51.46
N TYR B 347 10.66 -32.07 -51.42
CA TYR B 347 11.91 -32.53 -50.79
C TYR B 347 12.73 -33.38 -51.75
N ALA B 348 13.93 -33.76 -51.30
CA ALA B 348 14.85 -34.55 -52.10
C ALA B 348 14.21 -35.77 -52.78
N ALA B 349 13.48 -36.56 -52.01
CA ALA B 349 12.83 -37.75 -52.56
C ALA B 349 11.84 -37.37 -53.67
N ASP B 350 11.22 -36.21 -53.55
CA ASP B 350 10.25 -35.76 -54.55
C ASP B 350 10.91 -35.49 -55.89
N ILE B 351 12.12 -34.94 -55.86
CA ILE B 351 12.86 -34.65 -57.09
C ILE B 351 13.17 -35.96 -57.82
N THR B 352 13.59 -36.97 -57.06
CA THR B 352 13.91 -38.28 -57.61
C THR B 352 12.68 -38.86 -58.30
N ALA B 353 11.56 -38.85 -57.58
CA ALA B 353 10.31 -39.38 -58.10
C ALA B 353 9.90 -38.64 -59.36
N LEU B 354 10.06 -37.33 -59.35
CA LEU B 354 9.71 -36.49 -60.49
C LEU B 354 10.50 -36.90 -61.74
N LEU B 355 11.81 -37.02 -61.60
CA LEU B 355 12.65 -37.41 -62.73
C LEU B 355 12.19 -38.72 -63.35
N THR B 356 11.80 -39.67 -62.51
CA THR B 356 11.32 -40.96 -63.00
C THR B 356 10.05 -40.70 -63.80
N ALA B 357 9.15 -39.89 -63.24
CA ALA B 357 7.90 -39.56 -63.90
C ALA B 357 8.16 -38.91 -65.25
N ILE B 358 9.16 -38.04 -65.30
CA ILE B 358 9.52 -37.36 -66.55
C ILE B 358 9.87 -38.37 -67.63
N ARG B 359 10.75 -39.31 -67.31
CA ARG B 359 11.13 -40.34 -68.28
C ARG B 359 9.89 -41.01 -68.82
N THR B 360 9.02 -41.43 -67.91
CA THR B 360 7.78 -42.10 -68.27
C THR B 360 6.91 -41.23 -69.16
N ALA B 361 6.94 -39.93 -68.94
CA ALA B 361 6.14 -38.98 -69.69
C ALA B 361 6.72 -38.54 -71.03
N TYR B 363 6.83 -39.22 -74.06
CA TYR B 363 6.17 -40.03 -75.07
C TYR B 363 6.71 -39.87 -76.50
N TRP B 364 7.44 -38.77 -76.75
CA TRP B 364 7.98 -38.52 -78.07
C TRP B 364 9.32 -39.22 -78.31
N THR B 365 9.83 -39.89 -77.28
CA THR B 365 11.11 -40.59 -77.41
C THR B 365 10.89 -42.10 -77.43
N TYR C 5 11.11 -5.72 31.30
CA TYR C 5 12.50 -6.22 31.02
C TYR C 5 13.39 -5.13 30.46
N LEU C 6 14.66 -5.15 30.86
CA LEU C 6 15.64 -4.20 30.36
C LEU C 6 16.59 -5.06 29.54
N LEU C 7 16.67 -4.77 28.25
CA LEU C 7 17.53 -5.53 27.35
C LEU C 7 18.97 -5.05 27.31
N LEU C 8 19.85 -5.74 28.03
CA LEU C 8 21.27 -5.39 28.06
C LEU C 8 21.96 -6.17 26.95
N THR C 9 21.48 -5.99 25.74
CA THR C 9 22.03 -6.67 24.57
C THR C 9 22.64 -5.63 23.66
N PRO C 10 23.25 -6.05 22.54
CA PRO C 10 23.86 -5.10 21.60
C PRO C 10 22.83 -4.55 20.63
N GLY C 11 21.57 -4.95 20.82
CA GLY C 11 20.50 -4.50 19.96
C GLY C 11 20.04 -5.63 19.06
N PRO C 12 18.73 -5.77 18.79
CA PRO C 12 17.62 -4.94 19.26
C PRO C 12 17.68 -4.72 20.76
N LEU C 13 17.29 -3.52 21.19
CA LEU C 13 17.35 -3.17 22.60
C LEU C 13 16.08 -2.52 23.15
N THR C 14 16.18 -1.96 24.35
CA THR C 14 15.05 -1.32 24.98
C THR C 14 14.98 0.12 24.45
N THR C 15 13.96 0.39 23.63
CA THR C 15 13.80 1.73 23.08
C THR C 15 12.85 2.53 23.97
N SER C 16 12.87 3.86 23.80
CA SER C 16 11.99 4.71 24.60
C SER C 16 10.54 4.42 24.22
N ARG C 17 9.60 4.78 25.08
CA ARG C 17 8.21 4.52 24.79
C ARG C 17 7.74 5.45 23.68
N THR C 18 8.37 6.62 23.57
CA THR C 18 8.01 7.58 22.53
C THR C 18 8.53 7.14 21.16
N VAL C 19 9.65 6.42 21.13
CA VAL C 19 10.18 5.96 19.86
C VAL C 19 9.22 4.93 19.27
N LYS C 20 8.72 4.04 20.12
CA LYS C 20 7.78 3.02 19.68
C LYS C 20 6.44 3.63 19.31
N GLU C 21 6.01 4.64 20.06
CA GLU C 21 4.74 5.30 19.79
C GLU C 21 4.72 6.02 18.45
N ALA C 22 5.89 6.38 17.94
CA ALA C 22 5.99 7.06 16.67
C ALA C 22 5.65 6.09 15.53
N LEU C 24 2.97 4.15 15.46
CA LEU C 24 1.52 4.03 15.33
C LEU C 24 0.88 4.87 14.25
N PHE C 25 1.46 4.86 13.05
CA PHE C 25 0.94 5.61 11.92
C PHE C 25 1.20 4.85 10.62
N ASP C 26 0.25 4.90 9.69
CA ASP C 26 0.41 4.24 8.40
C ASP C 26 0.81 5.30 7.38
N SER C 27 1.85 5.01 6.61
CA SER C 27 2.33 5.96 5.61
C SER C 27 2.10 5.44 4.19
N CYS C 28 2.02 6.38 3.23
CA CYS C 28 1.84 6.00 1.83
C CYS C 28 3.24 6.14 1.21
N THR C 29 3.80 5.04 0.75
CA THR C 29 5.15 5.03 0.18
C THR C 29 5.39 5.95 -1.03
N TRP C 30 4.33 6.42 -1.68
CA TRP C 30 4.49 7.29 -2.84
C TRP C 30 4.11 8.75 -2.57
N ASP C 31 3.73 9.04 -1.33
CA ASP C 31 3.35 10.40 -0.96
C ASP C 31 4.55 11.17 -0.43
N ASP C 32 4.64 12.44 -0.82
CA ASP C 32 5.73 13.30 -0.39
C ASP C 32 5.83 13.45 1.13
N ASP C 33 4.70 13.32 1.83
CA ASP C 33 4.72 13.44 3.29
C ASP C 33 5.74 12.46 3.87
N TYR C 34 5.78 11.26 3.31
CA TYR C 34 6.69 10.23 3.77
C TYR C 34 8.10 10.40 3.19
N ASN C 35 8.20 10.40 1.86
CA ASN C 35 9.48 10.53 1.19
C ASN C 35 10.23 11.84 1.50
N ILE C 36 9.55 12.96 1.35
CA ILE C 36 10.19 14.25 1.63
C ILE C 36 10.10 14.63 3.09
N GLY C 37 8.91 14.52 3.67
CA GLY C 37 8.73 14.87 5.06
C GLY C 37 9.51 14.03 6.07
N VAL C 38 9.74 12.76 5.74
CA VAL C 38 10.46 11.89 6.67
C VAL C 38 11.80 11.36 6.16
N VAL C 39 11.78 10.62 5.05
CA VAL C 39 12.99 10.04 4.49
C VAL C 39 14.10 11.06 4.18
N GLU C 40 13.79 12.08 3.37
CA GLU C 40 14.80 13.08 3.03
C GLU C 40 15.39 13.74 4.28
N GLN C 41 14.57 13.95 5.30
CA GLN C 41 15.03 14.57 6.53
C GLN C 41 16.00 13.63 7.24
N ILE C 42 15.67 12.35 7.26
CA ILE C 42 16.55 11.37 7.89
C ILE C 42 17.88 11.34 7.15
N ARG C 43 17.82 11.29 5.82
CA ARG C 43 19.04 11.26 5.01
C ARG C 43 19.95 12.44 5.32
N GLN C 44 19.38 13.63 5.39
CA GLN C 44 20.14 14.84 5.68
C GLN C 44 20.74 14.78 7.09
N GLN C 45 19.96 14.32 8.06
CA GLN C 45 20.43 14.24 9.44
C GLN C 45 21.54 13.20 9.62
N LEU C 46 21.48 12.11 8.87
CA LEU C 46 22.48 11.06 8.97
C LEU C 46 23.84 11.55 8.49
N THR C 47 23.84 12.21 7.33
CA THR C 47 25.07 12.75 6.76
C THR C 47 25.66 13.84 7.63
N ALA C 48 24.81 14.71 8.19
CA ALA C 48 25.27 15.78 9.05
C ALA C 48 25.84 15.20 10.34
N LEU C 49 25.20 14.12 10.80
CA LEU C 49 25.62 13.45 12.02
C LEU C 49 26.99 12.79 11.81
N ALA C 50 27.22 12.28 10.60
CA ALA C 50 28.46 11.60 10.28
C ALA C 50 29.68 12.49 10.03
N THR C 51 29.47 13.67 9.44
CA THR C 51 30.59 14.55 9.15
C THR C 51 30.19 16.02 8.99
N ALA C 52 31.16 16.91 9.16
CA ALA C 52 30.92 18.34 9.02
C ALA C 52 31.25 18.77 7.59
N SER C 53 31.88 17.86 6.84
CA SER C 53 32.28 18.14 5.47
C SER C 53 31.19 17.85 4.45
N GLU C 54 31.30 18.48 3.30
CA GLU C 54 30.37 18.26 2.20
C GLU C 54 30.95 17.08 1.42
N GLY C 55 30.22 16.58 0.44
CA GLY C 55 30.73 15.48 -0.36
C GLY C 55 30.25 14.09 0.02
N TYR C 56 29.39 14.00 1.03
CA TYR C 56 28.86 12.71 1.45
C TYR C 56 27.36 12.64 1.23
N THR C 57 26.83 11.42 1.21
CA THR C 57 25.41 11.20 0.98
C THR C 57 24.96 9.95 1.72
N SER C 58 23.67 9.89 2.04
CA SER C 58 23.12 8.76 2.77
C SER C 58 22.21 7.89 1.92
N VAL C 59 22.29 6.59 2.14
CA VAL C 59 21.44 5.64 1.43
C VAL C 59 20.86 4.66 2.45
N LEU C 60 19.54 4.51 2.42
CA LEU C 60 18.84 3.60 3.34
C LEU C 60 18.52 2.30 2.62
N LEU C 61 18.59 1.18 3.33
CA LEU C 61 18.35 -0.11 2.70
C LEU C 61 17.52 -1.05 3.59
N GLN C 62 16.46 -1.61 3.03
CA GLN C 62 15.60 -2.53 3.79
C GLN C 62 16.41 -3.77 4.20
N GLY C 63 16.12 -4.30 5.38
CA GLY C 63 16.83 -5.47 5.85
C GLY C 63 17.66 -5.23 7.10
N SER C 64 18.44 -6.22 7.50
CA SER C 64 19.29 -6.07 8.68
C SER C 64 20.59 -5.41 8.28
N GLY C 65 21.44 -5.12 9.27
CA GLY C 65 22.72 -4.49 8.99
C GLY C 65 23.60 -5.28 8.04
N SER C 66 23.56 -6.60 8.14
CA SER C 66 24.38 -7.45 7.28
C SER C 66 24.04 -7.25 5.82
N TYR C 67 22.78 -6.93 5.54
CA TYR C 67 22.33 -6.68 4.18
C TYR C 67 23.10 -5.49 3.61
N ALA C 68 23.25 -4.44 4.44
CA ALA C 68 23.95 -3.24 4.04
C ALA C 68 25.44 -3.52 3.80
N VAL C 69 26.03 -4.33 4.66
CA VAL C 69 27.44 -4.67 4.51
C VAL C 69 27.63 -5.43 3.19
N GLU C 70 26.76 -6.39 2.93
CA GLU C 70 26.84 -7.16 1.70
C GLU C 70 26.65 -6.23 0.51
N ALA C 71 25.68 -5.33 0.61
CA ALA C 71 25.38 -4.36 -0.44
C ALA C 71 26.61 -3.52 -0.78
N VAL C 72 27.40 -3.18 0.23
CA VAL C 72 28.62 -2.39 -0.01
C VAL C 72 29.67 -3.23 -0.72
N LEU C 73 29.85 -4.47 -0.29
CA LEU C 73 30.84 -5.36 -0.90
C LEU C 73 30.49 -5.63 -2.37
N GLY C 74 29.20 -5.75 -2.66
CA GLY C 74 28.79 -6.01 -4.03
C GLY C 74 28.57 -4.77 -4.88
N SER C 75 28.56 -3.59 -4.25
CA SER C 75 28.32 -2.35 -4.99
C SER C 75 29.51 -1.41 -5.05
N ALA C 76 30.29 -1.34 -3.98
CA ALA C 76 31.44 -0.44 -3.90
C ALA C 76 32.68 -0.98 -4.62
N LEU C 77 32.66 -2.24 -4.99
CA LEU C 77 33.80 -2.83 -5.68
C LEU C 77 33.49 -3.19 -7.13
N GLY C 78 34.48 -2.99 -7.99
CA GLY C 78 34.32 -3.31 -9.40
C GLY C 78 34.86 -4.69 -9.70
N PRO C 79 34.83 -5.12 -10.97
CA PRO C 79 35.32 -6.44 -11.38
C PRO C 79 36.78 -6.75 -11.02
N GLN C 80 37.66 -5.77 -11.14
CA GLN C 80 39.07 -6.02 -10.83
C GLN C 80 39.54 -5.45 -9.49
N ASP C 81 38.60 -5.19 -8.58
CA ASP C 81 38.94 -4.66 -7.27
C ASP C 81 39.22 -5.81 -6.29
N LYS C 82 39.98 -5.51 -5.24
CA LYS C 82 40.31 -6.50 -4.23
C LYS C 82 40.25 -5.84 -2.86
N VAL C 83 39.58 -6.49 -1.92
CA VAL C 83 39.45 -5.92 -0.59
C VAL C 83 40.21 -6.66 0.50
N LEU C 84 40.93 -5.89 1.31
CA LEU C 84 41.67 -6.42 2.44
C LEU C 84 40.67 -6.36 3.59
N ILE C 85 40.29 -7.52 4.10
CA ILE C 85 39.31 -7.57 5.19
C ILE C 85 39.94 -7.88 6.54
N VAL C 86 39.88 -6.90 7.43
CA VAL C 86 40.42 -7.09 8.78
C VAL C 86 39.42 -7.95 9.52
N SER C 87 39.89 -9.05 10.10
CA SER C 87 39.01 -9.95 10.82
C SER C 87 39.48 -10.27 12.23
N ASN C 88 38.71 -9.82 13.22
CA ASN C 88 39.01 -10.10 14.61
C ASN C 88 37.71 -10.27 15.37
N GLY C 89 36.80 -11.05 14.78
CA GLY C 89 35.50 -11.29 15.38
C GLY C 89 34.52 -11.82 14.35
N ALA C 90 33.32 -12.19 14.79
CA ALA C 90 32.29 -12.74 13.92
C ALA C 90 31.84 -11.83 12.77
N TYR C 91 31.85 -10.52 13.00
CA TYR C 91 31.42 -9.59 11.97
C TYR C 91 32.49 -9.32 10.94
N GLY C 92 33.75 -9.46 11.35
CA GLY C 92 34.82 -9.27 10.39
C GLY C 92 34.84 -10.55 9.58
N ALA C 93 34.60 -11.65 10.28
CA ALA C 93 34.58 -12.98 9.65
C ALA C 93 33.41 -13.09 8.68
N ARG C 94 32.31 -12.43 8.98
CA ARG C 94 31.14 -12.48 8.11
C ARG C 94 31.45 -11.83 6.76
N VAL C 96 34.34 -11.76 5.28
CA VAL C 96 35.18 -12.71 4.55
C VAL C 96 34.27 -13.74 3.92
N GLU C 97 33.34 -14.25 4.71
CA GLU C 97 32.38 -15.24 4.25
C GLU C 97 31.59 -14.70 3.05
N ALA C 99 32.47 -12.27 0.97
CA ALA C 99 33.39 -12.11 -0.15
C ALA C 99 33.61 -13.44 -0.85
N GLY C 100 33.77 -14.49 -0.06
CA GLY C 100 34.00 -15.81 -0.64
C GLY C 100 32.81 -16.26 -1.46
N LEU C 101 31.63 -16.20 -0.87
CA LEU C 101 30.40 -16.60 -1.55
C LEU C 101 30.18 -15.84 -2.85
N GLY C 103 32.53 -14.37 -4.58
CA GLY C 103 33.69 -14.47 -5.46
C GLY C 103 34.26 -13.10 -5.80
N ILE C 104 34.32 -12.23 -4.80
CA ILE C 104 34.79 -10.85 -5.01
C ILE C 104 36.31 -10.60 -5.15
N ALA C 105 37.13 -11.38 -4.46
CA ALA C 105 38.59 -11.22 -4.47
C ALA C 105 38.93 -10.45 -3.22
N HIS C 106 39.75 -11.03 -2.36
CA HIS C 106 40.08 -10.42 -1.10
C HIS C 106 41.23 -11.13 -0.40
N HIS C 107 41.61 -10.57 0.75
CA HIS C 107 42.64 -11.15 1.58
C HIS C 107 42.25 -10.82 3.00
N ALA C 108 42.20 -11.84 3.85
CA ALA C 108 41.82 -11.64 5.23
C ALA C 108 43.03 -11.44 6.14
N TYR C 109 42.94 -10.45 7.02
CA TYR C 109 43.99 -10.18 7.99
C TYR C 109 43.32 -10.59 9.30
N ASP C 110 43.44 -11.87 9.64
CA ASP C 110 42.83 -12.42 10.85
C ASP C 110 43.81 -12.39 12.01
N CYS C 111 43.56 -11.50 12.97
CA CYS C 111 44.43 -11.37 14.13
C CYS C 111 43.85 -11.97 15.41
N GLY C 112 42.76 -12.72 15.28
CA GLY C 112 42.15 -13.32 16.45
C GLY C 112 41.09 -12.46 17.10
N GLU C 113 40.19 -13.12 17.83
CA GLU C 113 39.07 -12.44 18.50
C GLU C 113 39.45 -11.59 19.71
N VAL C 114 40.61 -11.82 20.30
CA VAL C 114 41.02 -11.05 21.46
C VAL C 114 42.25 -10.18 21.21
N ALA C 115 42.58 -9.97 19.94
CA ALA C 115 43.73 -9.16 19.58
C ALA C 115 43.34 -7.91 18.80
N ARG C 116 43.96 -6.80 19.13
CA ARG C 116 43.70 -5.52 18.46
C ARG C 116 44.46 -5.51 17.14
N PRO C 117 43.81 -5.06 16.06
CA PRO C 117 44.47 -5.01 14.75
C PRO C 117 45.78 -4.22 14.83
N ASP C 118 46.86 -4.80 14.30
CA ASP C 118 48.15 -4.13 14.31
C ASP C 118 48.28 -3.28 13.05
N VAL C 119 48.28 -1.97 13.24
CA VAL C 119 48.37 -1.03 12.12
C VAL C 119 49.63 -1.21 11.27
N GLN C 120 50.75 -1.47 11.93
CA GLN C 120 52.01 -1.67 11.21
C GLN C 120 51.94 -2.92 10.35
N ALA C 121 51.25 -3.94 10.85
CA ALA C 121 51.09 -5.19 10.11
C ALA C 121 50.25 -4.93 8.87
N ILE C 122 49.24 -4.09 9.03
CA ILE C 122 48.36 -3.77 7.91
C ILE C 122 49.18 -3.02 6.87
N ASP C 123 50.05 -2.12 7.34
CA ASP C 123 50.91 -1.36 6.46
C ASP C 123 51.76 -2.32 5.63
N ALA C 124 52.34 -3.30 6.30
CA ALA C 124 53.17 -4.29 5.63
C ALA C 124 52.36 -5.00 4.54
N ILE C 125 51.10 -5.30 4.85
CA ILE C 125 50.22 -5.97 3.90
C ILE C 125 50.01 -5.14 2.64
N LEU C 126 49.74 -3.85 2.83
CA LEU C 126 49.50 -2.94 1.71
C LEU C 126 50.73 -2.80 0.82
N ASN C 127 51.92 -2.79 1.41
CA ASN C 127 53.14 -2.67 0.63
C ASN C 127 53.44 -3.97 -0.11
N ALA C 128 53.18 -5.09 0.54
CA ALA C 128 53.43 -6.39 -0.03
C ALA C 128 52.51 -6.76 -1.20
N ASP C 129 51.24 -6.39 -1.09
CA ASP C 129 50.27 -6.70 -2.14
C ASP C 129 49.62 -5.45 -2.71
N PRO C 130 50.21 -4.89 -3.78
CA PRO C 130 49.69 -3.68 -4.44
C PRO C 130 48.31 -3.83 -5.07
N THR C 131 47.91 -5.06 -5.39
CA THR C 131 46.60 -5.28 -6.00
C THR C 131 45.42 -4.99 -5.07
N ILE C 132 45.70 -4.81 -3.78
CA ILE C 132 44.62 -4.51 -2.84
C ILE C 132 44.14 -3.09 -3.13
N SER C 133 42.84 -2.94 -3.33
CA SER C 133 42.27 -1.62 -3.64
C SER C 133 41.35 -1.08 -2.55
N HIS C 134 40.78 -1.98 -1.75
CA HIS C 134 39.87 -1.59 -0.69
C HIS C 134 40.27 -2.17 0.67
N ILE C 135 39.83 -1.50 1.73
CA ILE C 135 40.10 -1.95 3.08
C ILE C 135 38.78 -1.90 3.86
N ALA C 136 38.43 -3.01 4.50
CA ALA C 136 37.22 -3.09 5.28
C ALA C 136 37.57 -3.53 6.70
N VAL C 138 35.79 -3.60 10.96
CA VAL C 138 34.71 -3.32 11.89
C VAL C 138 35.22 -2.31 12.91
N HIS C 139 34.40 -1.32 13.24
CA HIS C 139 34.83 -0.32 14.22
C HIS C 139 34.66 -0.93 15.60
N SER C 140 33.42 -1.18 15.99
CA SER C 140 33.11 -1.77 17.28
C SER C 140 32.77 -3.25 17.06
N GLU C 141 33.67 -4.14 17.44
CA GLU C 141 33.46 -5.57 17.29
C GLU C 141 32.67 -6.10 18.47
N THR C 142 31.35 -6.10 18.31
CA THR C 142 30.39 -6.52 19.33
C THR C 142 30.63 -7.91 19.90
N THR C 143 31.32 -8.76 19.14
CA THR C 143 31.62 -10.12 19.55
C THR C 143 32.32 -10.18 20.92
N THR C 144 33.23 -9.24 21.15
CA THR C 144 33.99 -9.20 22.38
C THR C 144 33.97 -7.85 23.08
N GLY C 145 33.46 -6.83 22.39
CA GLY C 145 33.42 -5.50 22.97
C GLY C 145 34.67 -4.73 22.59
N LEU C 147 37.28 -2.47 20.42
CA LEU C 147 37.17 -1.24 19.65
C LEU C 147 38.40 -1.14 18.75
N ASN C 148 38.20 -1.21 17.45
CA ASN C 148 39.31 -1.15 16.49
C ASN C 148 39.73 0.27 16.11
N PRO C 149 41.02 0.46 15.79
CA PRO C 149 41.62 1.74 15.40
C PRO C 149 41.28 2.21 13.99
N ILE C 150 40.04 2.63 13.79
CA ILE C 150 39.60 3.09 12.47
C ILE C 150 40.35 4.35 12.02
N ASP C 151 40.77 5.16 12.99
CA ASP C 151 41.48 6.39 12.67
C ASP C 151 42.84 6.06 12.03
N GLU C 152 43.63 5.26 12.72
CA GLU C 152 44.95 4.89 12.22
C GLU C 152 44.89 4.15 10.88
N VAL C 153 43.96 3.22 10.75
CA VAL C 153 43.83 2.48 9.50
C VAL C 153 43.35 3.41 8.39
N GLY C 154 42.55 4.41 8.78
CA GLY C 154 42.07 5.36 7.80
C GLY C 154 43.21 6.17 7.22
N ALA C 155 44.21 6.47 8.07
CA ALA C 155 45.37 7.23 7.63
C ALA C 155 46.15 6.38 6.64
N LEU C 156 46.12 5.07 6.85
CA LEU C 156 46.79 4.12 5.98
C LEU C 156 46.10 4.11 4.63
N ALA C 157 44.77 4.05 4.66
CA ALA C 157 43.99 4.04 3.43
C ALA C 157 44.29 5.29 2.62
N HIS C 158 44.34 6.43 3.29
CA HIS C 158 44.61 7.71 2.63
C HIS C 158 46.01 7.70 2.03
N ARG C 159 46.99 7.29 2.83
CA ARG C 159 48.37 7.25 2.38
C ARG C 159 48.55 6.40 1.11
N TYR C 160 47.97 5.21 1.10
CA TYR C 160 48.09 4.32 -0.05
C TYR C 160 46.96 4.47 -1.07
N GLY C 161 46.10 5.45 -0.84
CA GLY C 161 44.99 5.68 -1.77
C GLY C 161 44.05 4.49 -1.94
N LYS C 162 43.59 3.91 -0.83
CA LYS C 162 42.67 2.78 -0.89
C LYS C 162 41.27 3.20 -0.46
N THR C 163 40.24 2.58 -1.02
CA THR C 163 38.86 2.89 -0.65
C THR C 163 38.65 2.24 0.71
N TYR C 164 38.18 3.02 1.67
CA TYR C 164 38.00 2.56 3.04
C TYR C 164 36.55 2.32 3.46
N ILE C 165 36.27 1.08 3.88
CA ILE C 165 34.94 0.67 4.32
C ILE C 165 34.96 0.38 5.81
N VAL C 166 34.02 0.97 6.54
CA VAL C 166 33.95 0.76 7.98
C VAL C 166 32.57 0.35 8.47
N ASP C 167 32.51 -0.82 9.08
CA ASP C 167 31.27 -1.35 9.66
C ASP C 167 31.17 -0.77 11.06
N ALA C 168 30.33 0.24 11.21
CA ALA C 168 30.14 0.88 12.51
C ALA C 168 28.74 0.61 13.06
N SER C 170 27.64 -0.93 15.64
CA SER C 170 27.48 -0.67 17.07
C SER C 170 28.26 0.51 17.65
N SER C 171 28.70 1.43 16.80
CA SER C 171 29.44 2.59 17.30
C SER C 171 28.84 3.91 16.83
N PHE C 172 28.48 3.98 15.55
CA PHE C 172 27.89 5.20 15.01
C PHE C 172 26.69 5.64 15.84
N GLY C 173 26.74 6.87 16.33
CA GLY C 173 25.66 7.40 17.14
C GLY C 173 25.98 7.35 18.62
N GLY C 174 26.95 6.51 18.99
CA GLY C 174 27.33 6.37 20.37
C GLY C 174 28.77 6.77 20.64
N ILE C 175 29.53 6.91 19.57
CA ILE C 175 30.93 7.31 19.67
C ILE C 175 31.17 8.43 18.66
N PRO C 176 31.59 9.61 19.13
CA PRO C 176 31.82 10.73 18.21
C PRO C 176 32.82 10.39 17.11
N ASP C 178 33.92 11.69 12.71
CA ASP C 178 33.70 12.48 11.51
C ASP C 178 34.35 11.64 10.41
N ILE C 179 33.52 10.88 9.70
CA ILE C 179 34.03 9.98 8.67
C ILE C 179 34.89 10.64 7.61
N ALA C 180 34.72 11.94 7.38
CA ALA C 180 35.54 12.62 6.39
C ALA C 180 36.98 12.72 6.92
N ALA C 181 37.11 13.17 8.16
CA ALA C 181 38.42 13.31 8.78
C ALA C 181 39.10 11.95 8.93
N LEU C 182 38.30 10.90 9.09
CA LEU C 182 38.84 9.54 9.24
C LEU C 182 39.10 8.89 7.89
N HIS C 183 38.82 9.62 6.81
CA HIS C 183 39.03 9.12 5.45
C HIS C 183 38.16 7.91 5.11
N ILE C 184 36.99 7.83 5.74
CA ILE C 184 36.07 6.73 5.48
C ILE C 184 35.24 7.00 4.23
N ASP C 185 35.22 6.03 3.31
CA ASP C 185 34.46 6.17 2.07
C ASP C 185 33.05 5.60 2.21
N TYR C 186 32.92 4.54 2.99
CA TYR C 186 31.62 3.91 3.21
C TYR C 186 31.48 3.56 4.68
N LEU C 187 30.54 4.22 5.34
CA LEU C 187 30.26 3.97 6.75
C LEU C 187 28.92 3.25 6.82
N ILE C 188 28.93 2.06 7.39
CA ILE C 188 27.72 1.25 7.50
C ILE C 188 27.30 1.23 8.96
N SER C 189 26.00 1.38 9.21
CA SER C 189 25.50 1.34 10.58
C SER C 189 24.04 0.90 10.68
N SER C 190 23.62 0.63 11.91
CA SER C 190 22.27 0.15 12.21
C SER C 190 21.28 1.22 12.67
N ALA C 191 19.99 0.90 12.52
CA ALA C 191 18.94 1.81 12.93
C ALA C 191 18.56 1.49 14.37
N ASN C 192 18.89 0.28 14.82
CA ASN C 192 18.51 -0.15 16.16
C ASN C 192 19.60 -0.34 17.19
N LYS C 193 20.69 0.43 17.09
CA LYS C 193 21.76 0.31 18.07
C LYS C 193 22.00 1.62 18.81
N CYS C 194 23.14 2.26 18.61
CA CYS C 194 23.41 3.51 19.32
C CYS C 194 22.41 4.64 19.07
N ILE C 195 21.80 4.67 17.89
CA ILE C 195 20.82 5.71 17.59
C ILE C 195 19.51 5.38 18.31
N GLN C 196 19.42 4.14 18.78
CA GLN C 196 18.27 3.65 19.53
C GLN C 196 16.94 3.60 18.79
N GLY C 197 17.02 3.34 17.50
CA GLY C 197 15.81 3.23 16.70
C GLY C 197 15.34 1.79 16.75
N VAL C 198 14.49 1.41 15.80
CA VAL C 198 13.94 0.06 15.75
C VAL C 198 14.44 -0.66 14.49
N PRO C 199 14.65 -1.98 14.57
CA PRO C 199 15.14 -2.74 13.42
C PRO C 199 14.14 -2.74 12.25
N GLY C 200 14.67 -2.84 11.04
CA GLY C 200 13.83 -2.84 9.85
C GLY C 200 14.64 -2.46 8.62
N PHE C 201 15.65 -1.62 8.83
CA PHE C 201 16.51 -1.18 7.75
C PHE C 201 17.86 -0.75 8.32
N ALA C 202 18.86 -0.65 7.46
CA ALA C 202 20.18 -0.21 7.87
C ALA C 202 20.55 0.92 6.89
N PHE C 203 21.72 1.51 7.06
CA PHE C 203 22.11 2.59 6.16
C PHE C 203 23.60 2.71 5.91
N VAL C 204 23.92 3.39 4.82
CA VAL C 204 25.30 3.61 4.45
C VAL C 204 25.48 5.08 4.14
N ILE C 205 26.49 5.69 4.73
CA ILE C 205 26.82 7.09 4.50
C ILE C 205 28.10 7.00 3.68
N ALA C 206 28.02 7.42 2.41
CA ALA C 206 29.16 7.31 1.52
C ALA C 206 29.66 8.59 0.89
N ARG C 207 30.93 8.58 0.49
CA ARG C 207 31.54 9.72 -0.18
C ARG C 207 30.90 9.66 -1.56
N GLU C 208 30.16 10.69 -1.92
CA GLU C 208 29.47 10.70 -3.21
C GLU C 208 30.39 10.40 -4.39
N GLN C 209 31.59 10.97 -4.37
CA GLN C 209 32.55 10.77 -5.45
C GLN C 209 32.81 9.29 -5.73
N LYS C 210 32.75 8.48 -4.68
CA LYS C 210 32.99 7.04 -4.84
C LYS C 210 31.72 6.32 -5.27
N LEU C 211 30.63 6.56 -4.56
CA LEU C 211 29.36 5.92 -4.87
C LEU C 211 28.91 6.19 -6.30
N ALA C 212 29.11 7.42 -6.76
CA ALA C 212 28.72 7.84 -8.10
C ALA C 212 29.31 7.01 -9.24
N ALA C 213 30.41 6.31 -8.97
CA ALA C 213 31.05 5.51 -10.01
C ALA C 213 30.76 4.01 -9.88
N CYS C 214 29.75 3.66 -9.11
CA CYS C 214 29.43 2.25 -8.90
C CYS C 214 28.25 1.68 -9.69
N LYS C 215 27.84 2.37 -10.75
CA LYS C 215 26.72 1.87 -11.54
C LYS C 215 27.08 0.55 -12.23
N GLY C 216 26.21 -0.45 -12.08
CA GLY C 216 26.46 -1.74 -12.70
C GLY C 216 27.34 -2.70 -11.94
N HIS C 217 27.85 -2.28 -10.79
CA HIS C 217 28.71 -3.15 -10.00
C HIS C 217 27.97 -4.32 -9.36
N SER C 218 26.81 -4.05 -8.79
CA SER C 218 26.03 -5.07 -8.11
C SER C 218 25.36 -6.09 -9.02
N ARG C 219 25.45 -7.36 -8.64
CA ARG C 219 24.83 -8.43 -9.38
C ARG C 219 23.47 -8.70 -8.74
N SER C 220 23.20 -8.01 -7.64
CA SER C 220 21.95 -8.14 -6.91
C SER C 220 21.08 -6.90 -7.11
N LEU C 221 19.83 -7.09 -7.48
CA LEU C 221 18.94 -5.95 -7.68
C LEU C 221 18.54 -5.39 -6.31
N SER C 222 18.10 -6.27 -5.42
CA SER C 222 17.68 -5.86 -4.09
C SER C 222 18.77 -5.12 -3.32
N LEU C 223 20.00 -5.60 -3.42
CA LEU C 223 21.11 -4.99 -2.70
C LEU C 223 22.00 -4.05 -3.53
N ASP C 224 21.47 -3.51 -4.62
CA ASP C 224 22.25 -2.59 -5.45
C ASP C 224 22.22 -1.22 -4.78
N LEU C 225 23.29 -0.91 -4.06
CA LEU C 225 23.42 0.34 -3.33
C LEU C 225 23.37 1.56 -4.25
N TYR C 226 24.01 1.45 -5.42
CA TYR C 226 24.01 2.56 -6.36
C TYR C 226 22.60 2.87 -6.83
N ALA C 227 21.92 1.84 -7.33
CA ALA C 227 20.54 2.01 -7.82
C ALA C 227 19.64 2.57 -6.74
N GLN C 228 19.76 2.05 -5.51
CA GLN C 228 18.95 2.51 -4.38
C GLN C 228 19.20 4.01 -4.15
N TRP C 229 20.47 4.39 -4.12
CA TRP C 229 20.85 5.77 -3.91
C TRP C 229 20.35 6.69 -5.03
N ARG C 230 20.55 6.28 -6.28
CA ARG C 230 20.10 7.07 -7.42
C ARG C 230 18.60 7.32 -7.40
N CYS C 231 17.84 6.34 -6.92
CA CYS C 231 16.39 6.50 -6.85
C CYS C 231 16.01 7.52 -5.79
N GLU C 233 17.93 9.94 -4.82
CA GLU C 233 18.46 11.21 -5.33
C GLU C 233 17.57 11.81 -6.43
N ASP C 234 17.15 10.99 -7.38
CA ASP C 234 16.32 11.47 -8.48
C ASP C 234 14.85 11.63 -8.11
N ASN C 235 14.38 10.86 -7.12
CA ASN C 235 12.97 10.94 -6.77
C ASN C 235 12.63 11.38 -5.35
N HIS C 236 13.37 12.35 -4.84
CA HIS C 236 13.14 12.91 -3.51
C HIS C 236 13.02 11.91 -2.36
N GLY C 237 14.01 11.04 -2.20
CA GLY C 237 14.01 10.09 -1.10
C GLY C 237 13.24 8.80 -1.27
N LYS C 238 12.63 8.62 -2.43
CA LYS C 238 11.84 7.41 -2.70
C LYS C 238 12.68 6.13 -2.67
N TRP C 239 12.16 5.09 -2.01
CA TRP C 239 12.84 3.80 -1.94
C TRP C 239 12.34 3.02 -3.17
N ARG C 240 13.24 2.33 -3.87
CA ARG C 240 12.81 1.58 -5.06
C ARG C 240 11.64 0.64 -4.78
N PHE C 241 11.75 -0.15 -3.72
CA PHE C 241 10.69 -1.08 -3.35
C PHE C 241 10.08 -0.67 -2.02
N THR C 242 9.08 -1.42 -1.57
CA THR C 242 8.40 -1.10 -0.30
C THR C 242 9.40 -0.97 0.85
N SER C 243 9.18 0.04 1.68
CA SER C 243 10.06 0.26 2.83
C SER C 243 9.30 0.07 4.14
N PRO C 244 10.01 -0.23 5.23
CA PRO C 244 9.39 -0.43 6.56
C PRO C 244 9.03 0.92 7.19
N THR C 245 8.05 1.58 6.58
CA THR C 245 7.59 2.89 7.00
C THR C 245 7.49 3.11 8.50
N HIS C 246 6.83 2.19 9.20
CA HIS C 246 6.66 2.29 10.64
C HIS C 246 7.98 2.37 11.39
N THR C 247 8.93 1.54 11.00
CA THR C 247 10.24 1.51 11.64
C THR C 247 11.02 2.78 11.25
N VAL C 248 10.73 3.29 10.06
CA VAL C 248 11.36 4.50 9.57
C VAL C 248 10.85 5.69 10.38
N LEU C 249 9.57 5.65 10.73
CA LEU C 249 8.97 6.70 11.54
C LEU C 249 9.64 6.69 12.91
N ALA C 250 9.88 5.49 13.42
CA ALA C 250 10.51 5.32 14.73
C ALA C 250 11.94 5.82 14.73
N PHE C 251 12.62 5.65 13.61
CA PHE C 251 14.01 6.09 13.48
C PHE C 251 14.09 7.62 13.51
N ALA C 252 13.14 8.29 12.87
CA ALA C 252 13.12 9.75 12.84
C ALA C 252 12.97 10.24 14.29
N GLN C 253 12.09 9.58 15.04
CA GLN C 253 11.87 9.94 16.44
C GLN C 253 13.12 9.66 17.27
N ALA C 254 13.79 8.56 16.94
CA ALA C 254 15.02 8.18 17.63
C ALA C 254 16.09 9.25 17.42
N LEU C 255 16.15 9.79 16.21
CA LEU C 255 17.12 10.84 15.89
C LEU C 255 16.79 12.10 16.66
N LYS C 256 15.48 12.35 16.79
CA LYS C 256 14.94 13.52 17.48
C LYS C 256 15.38 13.45 18.92
N GLU C 257 15.25 12.26 19.51
CA GLU C 257 15.66 12.06 20.90
C GLU C 257 17.19 12.09 21.11
N LEU C 258 17.94 11.75 20.07
CA LEU C 258 19.40 11.79 20.18
C LEU C 258 19.80 13.25 20.28
N ALA C 259 19.17 14.10 19.47
CA ALA C 259 19.46 15.53 19.48
C ALA C 259 19.10 16.14 20.82
N LYS C 260 17.95 15.72 21.38
CA LYS C 260 17.50 16.23 22.67
C LYS C 260 18.42 15.83 23.82
N GLU C 261 19.02 14.65 23.73
CA GLU C 261 19.92 14.18 24.78
C GLU C 261 21.18 15.03 24.78
N GLY C 262 21.55 15.52 23.60
CA GLY C 262 22.75 16.32 23.46
C GLY C 262 23.65 15.85 22.34
N GLY C 263 23.12 15.03 21.44
CA GLY C 263 23.92 14.54 20.34
C GLY C 263 24.83 13.37 20.71
N VAL C 264 25.71 12.99 19.80
CA VAL C 264 26.63 11.88 20.04
C VAL C 264 27.51 12.10 21.27
N ALA C 265 28.05 13.31 21.41
CA ALA C 265 28.90 13.64 22.55
C ALA C 265 28.23 13.30 23.87
N ALA C 266 26.96 13.66 23.97
CA ALA C 266 26.21 13.40 25.19
C ALA C 266 25.91 11.91 25.35
N ARG C 267 25.42 11.29 24.30
CA ARG C 267 25.10 9.86 24.35
C ARG C 267 26.35 9.06 24.69
N HIS C 268 27.48 9.43 24.09
CA HIS C 268 28.74 8.76 24.32
C HIS C 268 29.12 8.80 25.80
N GLN C 269 28.97 9.98 26.42
CA GLN C 269 29.29 10.12 27.83
C GLN C 269 28.45 9.19 28.70
N ARG C 270 27.17 9.05 28.37
CA ARG C 270 26.30 8.16 29.13
C ARG C 270 26.72 6.70 28.93
N TYR C 271 26.92 6.30 27.68
CA TYR C 271 27.33 4.93 27.39
C TYR C 271 28.64 4.58 28.07
N GLN C 272 29.64 5.44 27.87
CA GLN C 272 30.96 5.24 28.45
C GLN C 272 30.92 5.09 29.97
N GLN C 273 30.10 5.89 30.64
CA GLN C 273 30.01 5.80 32.09
C GLN C 273 29.24 4.56 32.55
N ASN C 274 28.22 4.15 31.78
CA ASN C 274 27.47 2.95 32.14
C ASN C 274 28.44 1.77 32.07
N GLN C 275 29.22 1.76 31.00
CA GLN C 275 30.19 0.69 30.73
C GLN C 275 31.22 0.57 31.86
N ARG C 276 31.82 1.71 32.23
CA ARG C 276 32.82 1.74 33.29
C ARG C 276 32.27 1.41 34.67
N SER C 277 31.03 1.82 34.94
CA SER C 277 30.41 1.54 36.22
C SER C 277 30.06 0.06 36.29
N LEU C 278 29.64 -0.49 35.15
CA LEU C 278 29.30 -1.90 35.06
C LEU C 278 30.53 -2.74 35.32
N VAL C 279 31.63 -2.40 34.64
CA VAL C 279 32.88 -3.13 34.78
C VAL C 279 33.37 -3.12 36.24
N ALA C 280 33.37 -1.95 36.86
CA ALA C 280 33.82 -1.81 38.24
C ALA C 280 32.93 -2.64 39.18
N GLY C 281 31.63 -2.60 38.92
CA GLY C 281 30.70 -3.36 39.75
C GLY C 281 30.83 -4.86 39.58
N ARG C 283 33.44 -6.54 38.61
CA ARG C 283 34.71 -6.97 39.16
C ARG C 283 34.61 -7.08 40.69
N ALA C 284 33.94 -6.12 41.31
CA ALA C 284 33.77 -6.13 42.75
C ALA C 284 32.97 -7.35 43.18
N LEU C 285 32.21 -7.92 42.25
CA LEU C 285 31.39 -9.10 42.52
C LEU C 285 32.14 -10.39 42.21
N GLY C 286 33.36 -10.27 41.70
CA GLY C 286 34.15 -11.44 41.41
C GLY C 286 34.32 -11.82 39.95
N PHE C 287 33.64 -11.11 39.04
CA PHE C 287 33.76 -11.42 37.61
C PHE C 287 34.99 -10.76 37.01
N ASN C 288 35.47 -11.32 35.90
CA ASN C 288 36.65 -10.79 35.23
C ASN C 288 36.38 -10.55 33.74
N THR C 289 36.85 -9.41 33.25
CA THR C 289 36.67 -9.03 31.86
C THR C 289 37.55 -9.81 30.89
N LEU C 290 36.99 -10.16 29.74
CA LEU C 290 37.72 -10.88 28.72
C LEU C 290 38.90 -10.05 28.23
N LEU C 291 38.67 -8.75 28.06
CA LEU C 291 39.70 -7.83 27.56
C LEU C 291 40.17 -6.83 28.62
N ASP C 292 41.33 -6.22 28.37
CA ASP C 292 41.86 -5.21 29.28
C ASP C 292 41.08 -3.94 28.97
N ASP C 293 40.95 -3.07 29.95
CA ASP C 293 40.21 -1.82 29.78
C ASP C 293 40.56 -1.04 28.52
N GLU C 294 41.85 -1.06 28.15
CA GLU C 294 42.30 -0.34 26.97
C GLU C 294 41.61 -0.76 25.67
N LEU C 295 41.18 -2.01 25.58
CA LEU C 295 40.52 -2.50 24.36
C LEU C 295 39.01 -2.31 24.39
N HIS C 296 38.47 -1.98 25.56
CA HIS C 296 37.04 -1.79 25.74
C HIS C 296 36.38 -0.75 24.85
N SER C 297 35.12 -1.02 24.51
CA SER C 297 34.31 -0.10 23.72
C SER C 297 33.24 0.32 24.73
N PRO C 298 32.55 1.45 24.49
CA PRO C 298 31.53 1.87 25.45
C PRO C 298 30.11 1.32 25.22
N ILE C 299 29.98 0.24 24.46
CA ILE C 299 28.64 -0.29 24.21
C ILE C 299 28.35 -1.70 24.74
N ILE C 300 29.37 -2.54 24.85
CA ILE C 300 29.14 -3.90 25.36
C ILE C 300 30.40 -4.48 26.01
N THR C 301 30.23 -5.40 26.95
CA THR C 301 31.37 -6.00 27.65
C THR C 301 31.27 -7.51 27.82
N ALA C 302 32.38 -8.20 27.56
CA ALA C 302 32.42 -9.66 27.69
C ALA C 302 33.14 -10.05 28.98
N PHE C 303 32.54 -10.98 29.73
CA PHE C 303 33.11 -11.44 30.99
C PHE C 303 33.30 -12.95 30.93
N TYR C 304 34.36 -13.44 31.56
CA TYR C 304 34.61 -14.87 31.59
C TYR C 304 33.51 -15.56 32.37
N SER C 305 33.00 -16.67 31.84
CA SER C 305 31.96 -17.41 32.54
C SER C 305 32.56 -17.99 33.81
N PRO C 306 31.80 -17.97 34.92
CA PRO C 306 32.35 -18.54 36.16
C PRO C 306 32.71 -20.00 35.90
N GLU C 307 33.79 -20.47 36.52
CA GLU C 307 34.24 -21.85 36.33
C GLU C 307 33.59 -22.82 37.31
N ASP C 308 32.87 -22.30 38.28
CA ASP C 308 32.20 -23.14 39.28
C ASP C 308 31.34 -24.20 38.59
N PRO C 309 31.49 -25.47 38.99
CA PRO C 309 30.72 -26.57 38.39
C PRO C 309 29.21 -26.42 38.41
N GLN C 310 28.70 -25.56 39.30
CA GLN C 310 27.25 -25.34 39.38
C GLN C 310 26.77 -24.30 38.37
N TYR C 311 27.69 -23.49 37.87
CA TYR C 311 27.34 -22.45 36.92
C TYR C 311 26.83 -22.97 35.58
N ARG C 312 25.78 -22.32 35.10
CA ARG C 312 25.15 -22.64 33.82
C ARG C 312 24.57 -21.32 33.35
N PHE C 313 24.97 -20.87 32.17
CA PHE C 313 24.46 -19.59 31.67
C PHE C 313 22.93 -19.58 31.65
N SER C 314 22.32 -20.70 31.28
CA SER C 314 20.88 -20.81 31.22
C SER C 314 20.18 -20.44 32.53
N GLU C 315 20.66 -20.97 33.65
CA GLU C 315 20.06 -20.67 34.94
C GLU C 315 20.40 -19.24 35.37
N PHE C 316 21.64 -18.83 35.12
CA PHE C 316 22.09 -17.48 35.45
C PHE C 316 21.19 -16.50 34.71
N TYR C 317 21.00 -16.75 33.41
CA TYR C 317 20.18 -15.90 32.56
C TYR C 317 18.74 -15.84 33.05
N ARG C 318 18.20 -16.99 33.41
CA ARG C 318 16.83 -17.08 33.90
C ARG C 318 16.62 -16.22 35.14
N ARG C 319 17.48 -16.40 36.14
CA ARG C 319 17.38 -15.65 37.39
C ARG C 319 17.47 -14.14 37.20
N LEU C 320 18.32 -13.70 36.26
CA LEU C 320 18.47 -12.28 35.99
C LEU C 320 17.21 -11.77 35.30
N LYS C 321 16.70 -12.56 34.36
CA LYS C 321 15.49 -12.19 33.62
C LYS C 321 14.31 -12.08 34.59
N GLU C 322 14.17 -13.07 35.46
CA GLU C 322 13.10 -13.07 36.45
C GLU C 322 13.14 -11.77 37.25
N GLN C 323 14.30 -11.12 37.26
CA GLN C 323 14.46 -9.88 37.98
C GLN C 323 14.30 -8.65 37.08
N GLY C 324 14.09 -8.89 35.80
CA GLY C 324 13.90 -7.78 34.87
C GLY C 324 15.12 -7.38 34.04
N PHE C 325 16.12 -8.24 33.99
CA PHE C 325 17.31 -7.92 33.22
C PHE C 325 17.70 -9.06 32.28
N VAL C 326 17.76 -8.75 30.99
CA VAL C 326 18.12 -9.74 29.99
C VAL C 326 19.54 -9.47 29.52
N ILE C 327 20.46 -10.40 29.78
CA ILE C 327 21.83 -10.22 29.33
C ILE C 327 22.05 -10.99 28.04
N TYR C 328 23.30 -11.21 27.67
CA TYR C 328 23.62 -11.88 26.42
C TYR C 328 24.68 -12.97 26.52
N PRO C 329 24.50 -14.07 25.77
CA PRO C 329 25.48 -15.16 25.81
C PRO C 329 26.75 -14.70 25.10
N GLY C 330 27.86 -15.38 25.35
CA GLY C 330 29.10 -15.01 24.72
C GLY C 330 29.51 -16.04 23.68
N LYS C 331 29.91 -15.58 22.51
CA LYS C 331 30.34 -16.50 21.45
C LYS C 331 31.78 -16.22 21.03
N VAL C 332 32.71 -16.59 21.90
CA VAL C 332 34.13 -16.43 21.64
C VAL C 332 34.70 -17.84 21.63
N SER C 333 35.16 -18.29 20.48
CA SER C 333 35.71 -19.63 20.33
C SER C 333 36.85 -19.97 21.29
N GLN C 334 37.69 -18.98 21.62
CA GLN C 334 38.82 -19.22 22.50
C GLN C 334 38.52 -19.14 23.99
N SER C 335 37.31 -18.69 24.34
CA SER C 335 36.95 -18.56 25.75
C SER C 335 35.46 -18.64 26.01
N ASP C 336 35.10 -19.12 27.20
CA ASP C 336 33.70 -19.22 27.58
C ASP C 336 33.33 -17.93 28.29
N CYS C 337 32.47 -17.14 27.66
CA CYS C 337 32.06 -15.86 28.23
C CYS C 337 30.58 -15.59 28.03
N PHE C 338 30.15 -14.48 28.60
CA PHE C 338 28.78 -14.01 28.46
C PHE C 338 28.96 -12.51 28.29
N ARG C 339 27.95 -11.84 27.75
CA ARG C 339 28.05 -10.41 27.52
C ARG C 339 26.92 -9.62 28.15
N ILE C 340 27.22 -8.36 28.42
CA ILE C 340 26.26 -7.43 28.99
C ILE C 340 26.45 -6.11 28.25
N GLY C 341 25.41 -5.68 27.53
CA GLY C 341 25.48 -4.43 26.80
C GLY C 341 25.01 -3.30 27.70
N ASN C 342 25.27 -2.06 27.30
CA ASN C 342 24.84 -0.91 28.10
C ASN C 342 24.26 0.23 27.26
N ILE C 343 23.68 -0.12 26.11
CA ILE C 343 23.10 0.90 25.25
C ILE C 343 21.57 0.79 25.22
N GLY C 344 20.93 1.75 24.58
CA GLY C 344 19.48 1.76 24.55
C GLY C 344 19.07 2.53 25.80
N GLU C 345 17.88 2.26 26.32
CA GLU C 345 17.41 2.96 27.52
C GLU C 345 18.08 2.46 28.81
N VAL C 346 19.39 2.65 28.89
CA VAL C 346 20.15 2.24 30.07
C VAL C 346 20.81 3.45 30.72
N TYR C 347 20.51 3.67 32.00
CA TYR C 347 21.08 4.80 32.73
C TYR C 347 21.77 4.32 34.00
N ALA C 348 22.47 5.25 34.67
CA ALA C 348 23.20 4.93 35.89
C ALA C 348 22.41 4.04 36.85
N ALA C 349 21.19 4.46 37.17
CA ALA C 349 20.33 3.71 38.08
C ALA C 349 20.14 2.26 37.65
N ASP C 350 20.02 2.04 36.34
CA ASP C 350 19.82 0.69 35.81
C ASP C 350 21.05 -0.17 36.10
N ILE C 351 22.23 0.40 35.92
CA ILE C 351 23.48 -0.31 36.17
C ILE C 351 23.50 -0.75 37.63
N THR C 352 23.19 0.18 38.52
CA THR C 352 23.15 -0.09 39.96
C THR C 352 22.13 -1.19 40.22
N ALA C 353 20.95 -1.06 39.62
CA ALA C 353 19.90 -2.05 39.80
C ALA C 353 20.33 -3.40 39.23
N LEU C 354 21.07 -3.38 38.13
CA LEU C 354 21.54 -4.60 37.50
C LEU C 354 22.54 -5.31 38.42
N LEU C 355 23.48 -4.57 38.97
CA LEU C 355 24.48 -5.12 39.87
C LEU C 355 23.84 -5.84 41.05
N THR C 356 22.77 -5.24 41.58
CA THR C 356 22.05 -5.84 42.69
C THR C 356 21.43 -7.16 42.25
N ALA C 357 20.92 -7.18 41.02
CA ALA C 357 20.30 -8.38 40.48
C ALA C 357 21.34 -9.47 40.26
N ILE C 358 22.53 -9.07 39.79
CA ILE C 358 23.61 -10.02 39.53
C ILE C 358 23.95 -10.77 40.82
N ARG C 359 24.17 -10.03 41.89
CA ARG C 359 24.49 -10.63 43.18
C ARG C 359 23.43 -11.64 43.58
N THR C 360 22.17 -11.25 43.41
CA THR C 360 21.04 -12.11 43.75
C THR C 360 21.02 -13.38 42.91
N ALA C 361 21.42 -13.26 41.65
CA ALA C 361 21.43 -14.38 40.72
C ALA C 361 22.64 -15.31 40.87
N TYR C 363 23.74 -17.82 42.18
CA TYR C 363 23.31 -19.00 42.95
C TYR C 363 24.42 -19.99 43.27
N TRP C 364 25.46 -20.01 42.46
CA TRP C 364 26.57 -20.94 42.65
C TRP C 364 27.49 -20.54 43.81
N THR C 365 27.18 -19.42 44.45
CA THR C 365 27.99 -18.94 45.56
C THR C 365 27.14 -18.76 46.81
N ASN D 4 -8.40 9.69 9.78
CA ASN D 4 -8.04 10.93 9.04
C ASN D 4 -7.79 10.60 7.56
N TYR D 5 -7.03 9.53 7.31
CA TYR D 5 -6.74 9.10 5.95
C TYR D 5 -6.95 7.61 5.75
N LEU D 6 -7.46 7.24 4.58
CA LEU D 6 -7.68 5.84 4.23
C LEU D 6 -6.80 5.55 3.01
N LEU D 7 -5.95 4.54 3.13
CA LEU D 7 -5.04 4.19 2.05
C LEU D 7 -5.59 3.16 1.06
N LEU D 8 -6.08 3.64 -0.09
CA LEU D 8 -6.60 2.75 -1.13
C LEU D 8 -5.42 2.37 -2.00
N THR D 9 -4.40 1.81 -1.37
CA THR D 9 -3.19 1.40 -2.06
C THR D 9 -3.10 -0.12 -2.04
N PRO D 10 -2.11 -0.67 -2.76
CA PRO D 10 -1.95 -2.13 -2.78
C PRO D 10 -1.07 -2.55 -1.59
N GLY D 11 -0.83 -1.63 -0.67
CA GLY D 11 0.01 -1.91 0.48
C GLY D 11 1.40 -1.35 0.29
N PRO D 12 2.06 -0.79 1.33
CA PRO D 12 1.58 -0.63 2.71
C PRO D 12 0.20 0.02 2.71
N LEU D 13 -0.67 -0.42 3.62
CA LEU D 13 -2.03 0.09 3.66
C LEU D 13 -2.48 0.54 5.06
N THR D 14 -3.78 0.78 5.20
CA THR D 14 -4.32 1.18 6.48
C THR D 14 -4.53 -0.07 7.33
N THR D 15 -3.80 -0.17 8.43
CA THR D 15 -3.90 -1.31 9.32
C THR D 15 -4.83 -0.97 10.48
N SER D 16 -5.32 -1.99 11.17
CA SER D 16 -6.20 -1.79 12.32
C SER D 16 -5.41 -1.16 13.46
N ARG D 17 -6.13 -0.56 14.41
CA ARG D 17 -5.49 0.06 15.56
C ARG D 17 -4.74 -1.01 16.36
N THR D 18 -5.36 -2.18 16.50
CA THR D 18 -4.76 -3.28 17.26
C THR D 18 -3.49 -3.89 16.64
N VAL D 19 -3.42 -3.92 15.31
CA VAL D 19 -2.22 -4.45 14.66
C VAL D 19 -1.06 -3.54 15.00
N LYS D 20 -1.30 -2.23 15.02
CA LYS D 20 -0.24 -1.27 15.34
C LYS D 20 0.19 -1.35 16.80
N GLU D 21 -0.77 -1.39 17.71
CA GLU D 21 -0.46 -1.45 19.14
C GLU D 21 0.32 -2.72 19.49
N ALA D 22 0.23 -3.72 18.62
CA ALA D 22 0.93 -4.97 18.83
C ALA D 22 2.43 -4.76 18.66
N LEU D 24 4.08 -2.27 20.07
CA LEU D 24 4.59 -1.60 21.26
C LEU D 24 5.31 -2.45 22.31
N PHE D 25 6.24 -3.28 21.85
CA PHE D 25 7.02 -4.16 22.73
C PHE D 25 8.40 -4.37 22.13
N ASP D 26 9.42 -4.39 22.98
CA ASP D 26 10.78 -4.64 22.51
C ASP D 26 11.06 -6.11 22.80
N SER D 27 11.52 -6.84 21.78
CA SER D 27 11.78 -8.26 21.94
C SER D 27 13.25 -8.62 21.91
N CYS D 28 13.62 -9.68 22.61
CA CYS D 28 15.00 -10.14 22.62
C CYS D 28 15.10 -11.22 21.54
N THR D 29 15.91 -10.96 20.52
CA THR D 29 16.06 -11.90 19.41
C THR D 29 16.68 -13.25 19.78
N TRP D 30 17.28 -13.33 20.96
CA TRP D 30 17.90 -14.58 21.40
C TRP D 30 17.00 -15.39 22.32
N ASP D 31 15.95 -14.77 22.84
CA ASP D 31 15.03 -15.43 23.76
C ASP D 31 13.92 -16.26 23.09
N ASP D 32 13.56 -17.37 23.72
CA ASP D 32 12.51 -18.25 23.20
C ASP D 32 11.14 -17.58 23.15
N ASP D 33 10.93 -16.58 24.01
CA ASP D 33 9.65 -15.88 24.04
C ASP D 33 9.32 -15.33 22.65
N TYR D 34 10.37 -14.95 21.92
CA TYR D 34 10.22 -14.41 20.58
C TYR D 34 10.29 -15.50 19.52
N ASN D 35 11.41 -16.22 19.50
CA ASN D 35 11.62 -17.28 18.51
C ASN D 35 10.57 -18.39 18.53
N ILE D 36 10.21 -18.87 19.72
CA ILE D 36 9.21 -19.92 19.84
C ILE D 36 7.81 -19.34 20.05
N GLY D 37 7.70 -18.41 21.00
CA GLY D 37 6.42 -17.80 21.31
C GLY D 37 5.78 -17.02 20.17
N VAL D 38 6.59 -16.47 19.28
CA VAL D 38 6.04 -15.70 18.17
C VAL D 38 6.42 -16.25 16.80
N VAL D 39 7.71 -16.32 16.51
CA VAL D 39 8.18 -16.79 15.22
C VAL D 39 7.69 -18.17 14.80
N GLU D 40 7.91 -19.18 15.62
CA GLU D 40 7.48 -20.54 15.29
C GLU D 40 5.96 -20.59 15.06
N GLN D 41 5.22 -19.83 15.85
CA GLN D 41 3.77 -19.78 15.72
C GLN D 41 3.41 -19.27 14.33
N ILE D 42 4.05 -18.17 13.94
CA ILE D 42 3.81 -17.58 12.64
C ILE D 42 4.08 -18.58 11.51
N ARG D 43 5.24 -19.23 11.54
CA ARG D 43 5.61 -20.20 10.50
C ARG D 43 4.58 -21.32 10.37
N GLN D 44 4.12 -21.86 11.49
CA GLN D 44 3.13 -22.93 11.47
C GLN D 44 1.82 -22.44 10.89
N GLN D 45 1.40 -21.24 11.29
CA GLN D 45 0.16 -20.66 10.79
C GLN D 45 0.25 -20.38 9.29
N LEU D 46 1.41 -19.92 8.82
CA LEU D 46 1.59 -19.62 7.41
C LEU D 46 1.37 -20.86 6.55
N THR D 47 2.03 -21.95 6.92
CA THR D 47 1.90 -23.20 6.18
C THR D 47 0.47 -23.70 6.22
N ALA D 48 -0.18 -23.54 7.38
CA ALA D 48 -1.56 -23.97 7.53
C ALA D 48 -2.46 -23.16 6.60
N LEU D 49 -2.18 -21.86 6.49
CA LEU D 49 -2.96 -20.99 5.62
C LEU D 49 -2.83 -21.42 4.17
N ALA D 50 -1.61 -21.76 3.78
CA ALA D 50 -1.30 -22.15 2.40
C ALA D 50 -1.82 -23.48 1.91
N THR D 51 -1.84 -24.50 2.76
CA THR D 51 -2.31 -25.81 2.32
C THR D 51 -2.75 -26.74 3.44
N ALA D 52 -3.60 -27.69 3.10
CA ALA D 52 -4.10 -28.67 4.05
C ALA D 52 -3.13 -29.84 4.09
N SER D 53 -2.22 -29.84 3.11
CA SER D 53 -1.23 -30.91 2.97
C SER D 53 0.02 -30.76 3.84
N GLU D 54 0.70 -31.88 4.03
CA GLU D 54 1.93 -31.94 4.79
C GLU D 54 3.08 -31.83 3.79
N GLY D 55 4.29 -31.67 4.28
CA GLY D 55 5.43 -31.58 3.37
C GLY D 55 5.85 -30.17 2.99
N TYR D 56 5.19 -29.17 3.57
CA TYR D 56 5.53 -27.79 3.28
C TYR D 56 6.13 -27.11 4.52
N THR D 57 6.83 -26.01 4.31
CA THR D 57 7.46 -25.29 5.41
C THR D 57 7.57 -23.81 5.08
N SER D 58 7.64 -22.97 6.11
CA SER D 58 7.73 -21.52 5.94
C SER D 58 9.11 -20.96 6.28
N VAL D 59 9.46 -19.86 5.62
CA VAL D 59 10.74 -19.20 5.86
C VAL D 59 10.52 -17.69 5.72
N LEU D 60 10.88 -16.95 6.77
CA LEU D 60 10.71 -15.51 6.78
C LEU D 60 12.04 -14.85 6.43
N LEU D 61 11.97 -13.77 5.66
CA LEU D 61 13.18 -13.07 5.22
C LEU D 61 13.04 -11.55 5.40
N GLN D 62 14.00 -10.95 6.10
CA GLN D 62 13.99 -9.51 6.33
C GLN D 62 14.06 -8.77 5.00
N GLY D 63 13.34 -7.65 4.90
CA GLY D 63 13.34 -6.87 3.68
C GLY D 63 11.99 -6.78 3.02
N SER D 64 11.95 -6.30 1.78
CA SER D 64 10.69 -6.19 1.04
C SER D 64 10.40 -7.48 0.29
N GLY D 65 9.20 -7.58 -0.29
CA GLY D 65 8.83 -8.78 -1.02
C GLY D 65 9.80 -9.12 -2.15
N SER D 66 10.34 -8.10 -2.81
CA SER D 66 11.27 -8.32 -3.91
C SER D 66 12.51 -9.09 -3.45
N TYR D 67 12.90 -8.89 -2.19
CA TYR D 67 14.06 -9.57 -1.63
C TYR D 67 13.79 -11.08 -1.61
N ALA D 68 12.57 -11.44 -1.24
CA ALA D 68 12.18 -12.85 -1.16
C ALA D 68 12.11 -13.46 -2.55
N VAL D 69 11.65 -12.68 -3.52
CA VAL D 69 11.57 -13.16 -4.90
C VAL D 69 13.00 -13.42 -5.38
N GLU D 70 13.90 -12.48 -5.09
CA GLU D 70 15.29 -12.64 -5.50
C GLU D 70 15.90 -13.85 -4.78
N ALA D 71 15.56 -14.00 -3.50
CA ALA D 71 16.07 -15.12 -2.71
C ALA D 71 15.68 -16.46 -3.32
N VAL D 72 14.45 -16.56 -3.81
CA VAL D 72 13.98 -17.80 -4.42
C VAL D 72 14.70 -18.06 -5.74
N LEU D 73 14.88 -17.02 -6.55
CA LEU D 73 15.57 -17.20 -7.83
C LEU D 73 17.03 -17.60 -7.61
N GLY D 74 17.62 -17.09 -6.53
CA GLY D 74 19.01 -17.42 -6.25
C GLY D 74 19.24 -18.65 -5.39
N SER D 75 18.20 -19.12 -4.70
CA SER D 75 18.32 -20.29 -3.83
C SER D 75 17.62 -21.54 -4.37
N ALA D 76 16.47 -21.36 -5.01
CA ALA D 76 15.69 -22.48 -5.52
C ALA D 76 16.22 -23.10 -6.81
N LEU D 77 17.10 -22.40 -7.52
CA LEU D 77 17.65 -22.93 -8.76
C LEU D 77 19.12 -23.30 -8.65
N GLY D 78 19.47 -24.43 -9.25
CA GLY D 78 20.85 -24.88 -9.22
C GLY D 78 21.60 -24.28 -10.39
N PRO D 79 22.94 -24.45 -10.45
CA PRO D 79 23.79 -23.91 -11.52
C PRO D 79 23.38 -24.29 -12.95
N GLN D 80 22.71 -25.42 -13.12
CA GLN D 80 22.29 -25.83 -14.46
C GLN D 80 20.78 -25.79 -14.67
N ASP D 81 20.07 -25.09 -13.79
CA ASP D 81 18.62 -24.98 -13.89
C ASP D 81 18.26 -23.82 -14.82
N LYS D 82 17.04 -23.83 -15.34
CA LYS D 82 16.56 -22.78 -16.23
C LYS D 82 15.10 -22.53 -15.90
N VAL D 83 14.74 -21.25 -15.79
CA VAL D 83 13.37 -20.91 -15.46
C VAL D 83 12.61 -20.15 -16.53
N LEU D 84 11.39 -20.59 -16.78
CA LEU D 84 10.50 -19.96 -17.74
C LEU D 84 9.75 -18.91 -16.92
N ILE D 85 10.09 -17.65 -17.15
CA ILE D 85 9.46 -16.54 -16.42
C ILE D 85 8.39 -15.85 -17.25
N VAL D 86 7.13 -15.92 -16.81
CA VAL D 86 6.09 -15.25 -17.58
C VAL D 86 6.11 -13.79 -17.15
N SER D 87 6.03 -12.89 -18.13
CA SER D 87 6.06 -11.46 -17.85
C SER D 87 4.89 -10.70 -18.49
N ASN D 88 3.94 -10.29 -17.67
CA ASN D 88 2.80 -9.51 -18.13
C ASN D 88 2.52 -8.44 -17.09
N GLY D 89 3.57 -7.69 -16.77
CA GLY D 89 3.46 -6.65 -15.77
C GLY D 89 4.82 -6.32 -15.19
N ALA D 90 4.88 -5.28 -14.37
CA ALA D 90 6.13 -4.83 -13.76
C ALA D 90 6.82 -5.87 -12.89
N TYR D 91 6.03 -6.69 -12.20
CA TYR D 91 6.59 -7.69 -11.29
C TYR D 91 7.09 -8.95 -11.98
N GLY D 92 6.52 -9.25 -13.15
CA GLY D 92 7.00 -10.39 -13.89
C GLY D 92 8.32 -9.92 -14.48
N ALA D 93 8.30 -8.71 -15.02
CA ALA D 93 9.48 -8.10 -15.62
C ALA D 93 10.65 -7.98 -14.64
N ARG D 94 10.36 -7.72 -13.37
CA ARG D 94 11.43 -7.61 -12.39
C ARG D 94 12.16 -8.94 -12.22
N VAL D 96 12.53 -11.18 -14.51
CA VAL D 96 13.36 -11.32 -15.69
C VAL D 96 14.61 -10.46 -15.48
N GLU D 97 14.41 -9.26 -14.95
CA GLU D 97 15.51 -8.34 -14.68
C GLU D 97 16.50 -8.98 -13.68
N ALA D 99 16.94 -12.17 -12.98
CA ALA D 99 17.57 -13.32 -13.62
C ALA D 99 18.74 -12.89 -14.50
N GLY D 100 18.56 -11.80 -15.24
CA GLY D 100 19.61 -11.30 -16.10
C GLY D 100 20.80 -10.81 -15.29
N LEU D 101 20.52 -9.99 -14.28
CA LEU D 101 21.57 -9.46 -13.42
C LEU D 101 22.39 -10.56 -12.74
N GLY D 103 22.41 -13.78 -13.77
CA GLY D 103 22.89 -14.75 -14.75
C GLY D 103 22.40 -16.17 -14.50
N ILE D 104 21.12 -16.30 -14.16
CA ILE D 104 20.52 -17.60 -13.86
C ILE D 104 20.25 -18.55 -15.05
N ALA D 105 19.84 -17.97 -16.19
CA ALA D 105 19.49 -18.73 -17.39
C ALA D 105 17.96 -18.80 -17.32
N HIS D 106 17.30 -18.29 -18.35
CA HIS D 106 15.86 -18.23 -18.34
C HIS D 106 15.29 -17.97 -19.73
N HIS D 107 13.98 -18.01 -19.81
CA HIS D 107 13.25 -17.71 -21.04
C HIS D 107 12.09 -16.80 -20.66
N ALA D 108 12.14 -15.57 -21.12
CA ALA D 108 11.08 -14.62 -20.80
C ALA D 108 9.89 -14.73 -21.74
N TYR D 109 8.73 -15.07 -21.17
CA TYR D 109 7.51 -15.15 -21.95
C TYR D 109 6.76 -13.86 -21.65
N ASP D 110 6.92 -12.88 -22.52
CA ASP D 110 6.28 -11.58 -22.34
C ASP D 110 5.06 -11.43 -23.23
N CYS D 111 3.88 -11.41 -22.63
CA CYS D 111 2.65 -11.27 -23.38
C CYS D 111 1.99 -9.90 -23.18
N GLY D 112 2.76 -8.95 -22.66
CA GLY D 112 2.21 -7.62 -22.47
C GLY D 112 1.55 -7.36 -21.13
N GLU D 113 1.41 -6.08 -20.78
CA GLU D 113 0.81 -5.67 -19.53
C GLU D 113 -0.71 -5.81 -19.42
N VAL D 114 -1.40 -5.81 -20.55
CA VAL D 114 -2.85 -5.94 -20.53
C VAL D 114 -3.35 -7.26 -21.10
N ALA D 115 -2.46 -8.22 -21.27
CA ALA D 115 -2.85 -9.52 -21.81
C ALA D 115 -2.69 -10.65 -20.80
N ARG D 116 -3.65 -11.57 -20.82
CA ARG D 116 -3.64 -12.73 -19.94
C ARG D 116 -2.74 -13.78 -20.56
N PRO D 117 -1.82 -14.37 -19.77
CA PRO D 117 -0.89 -15.38 -20.28
C PRO D 117 -1.59 -16.50 -21.05
N ASP D 118 -1.06 -16.82 -22.23
CA ASP D 118 -1.60 -17.89 -23.06
C ASP D 118 -0.99 -19.22 -22.61
N VAL D 119 -1.78 -20.04 -21.92
CA VAL D 119 -1.30 -21.32 -21.44
C VAL D 119 -0.79 -22.21 -22.57
N GLN D 120 -1.44 -22.12 -23.73
CA GLN D 120 -1.05 -22.91 -24.89
C GLN D 120 0.35 -22.51 -25.36
N ALA D 121 0.62 -21.20 -25.32
CA ALA D 121 1.91 -20.68 -25.73
C ALA D 121 2.99 -21.15 -24.76
N ILE D 122 2.67 -21.16 -23.46
CA ILE D 122 3.61 -21.60 -22.45
C ILE D 122 3.89 -23.10 -22.64
N ASP D 123 2.84 -23.85 -22.94
CA ASP D 123 2.97 -25.28 -23.17
C ASP D 123 3.92 -25.52 -24.34
N ALA D 124 3.80 -24.69 -25.37
CA ALA D 124 4.65 -24.80 -26.56
C ALA D 124 6.11 -24.54 -26.22
N ILE D 125 6.36 -23.54 -25.38
CA ILE D 125 7.72 -23.21 -24.98
C ILE D 125 8.35 -24.39 -24.26
N LEU D 126 7.61 -24.96 -23.31
CA LEU D 126 8.10 -26.10 -22.54
C LEU D 126 8.53 -27.24 -23.46
N ASN D 127 7.74 -27.48 -24.51
CA ASN D 127 8.06 -28.53 -25.47
C ASN D 127 9.28 -28.16 -26.30
N ALA D 128 9.29 -26.93 -26.79
CA ALA D 128 10.40 -26.44 -27.61
C ALA D 128 11.73 -26.44 -26.87
N ASP D 129 11.68 -26.38 -25.54
CA ASP D 129 12.90 -26.37 -24.75
C ASP D 129 12.83 -27.21 -23.48
N PRO D 130 13.35 -28.45 -23.54
CA PRO D 130 13.33 -29.36 -22.39
C PRO D 130 14.36 -29.01 -21.31
N THR D 131 15.22 -28.02 -21.56
CA THR D 131 16.22 -27.64 -20.57
C THR D 131 15.60 -26.77 -19.48
N ILE D 132 14.34 -26.37 -19.68
CA ILE D 132 13.65 -25.54 -18.70
C ILE D 132 13.23 -26.44 -17.55
N SER D 133 13.67 -26.10 -16.34
CA SER D 133 13.33 -26.91 -15.16
C SER D 133 12.37 -26.22 -14.19
N HIS D 134 12.29 -24.89 -14.27
CA HIS D 134 11.41 -24.13 -13.38
C HIS D 134 10.47 -23.20 -14.14
N ILE D 135 9.35 -22.88 -13.50
CA ILE D 135 8.38 -21.97 -14.08
C ILE D 135 7.99 -20.97 -12.99
N ALA D 136 8.07 -19.68 -13.32
CA ALA D 136 7.73 -18.63 -12.37
C ALA D 136 6.71 -17.69 -12.98
N VAL D 138 3.56 -14.47 -11.78
CA VAL D 138 2.91 -13.68 -10.75
C VAL D 138 1.44 -14.08 -10.73
N HIS D 139 0.87 -14.17 -9.53
CA HIS D 139 -0.54 -14.54 -9.41
C HIS D 139 -1.40 -13.31 -9.64
N SER D 140 -1.24 -12.32 -8.78
CA SER D 140 -1.99 -11.07 -8.88
C SER D 140 -1.04 -9.96 -9.32
N GLU D 141 -1.12 -9.61 -10.60
CA GLU D 141 -0.27 -8.54 -11.13
C GLU D 141 -0.82 -7.20 -10.68
N THR D 142 -0.29 -6.72 -9.57
CA THR D 142 -0.72 -5.46 -8.98
C THR D 142 -0.58 -4.29 -9.94
N THR D 143 0.26 -4.47 -10.96
CA THR D 143 0.50 -3.45 -11.97
C THR D 143 -0.81 -2.96 -12.60
N THR D 144 -1.68 -3.90 -12.95
CA THR D 144 -2.95 -3.56 -13.59
C THR D 144 -4.16 -4.17 -12.89
N GLY D 145 -3.91 -5.00 -11.88
CA GLY D 145 -5.03 -5.63 -11.19
C GLY D 145 -5.37 -6.92 -11.92
N LEU D 147 -5.34 -10.81 -12.90
CA LEU D 147 -5.26 -12.06 -12.15
C LEU D 147 -4.86 -13.16 -13.14
N ASN D 148 -3.68 -13.72 -12.97
CA ASN D 148 -3.20 -14.78 -13.87
C ASN D 148 -3.69 -16.17 -13.47
N PRO D 149 -3.78 -17.10 -14.44
CA PRO D 149 -4.23 -18.47 -14.23
C PRO D 149 -3.19 -19.39 -13.60
N ILE D 150 -2.92 -19.22 -12.32
CA ILE D 150 -1.93 -20.04 -11.64
C ILE D 150 -2.29 -21.52 -11.61
N ASP D 151 -3.58 -21.85 -11.69
CA ASP D 151 -3.98 -23.25 -11.67
C ASP D 151 -3.65 -23.97 -12.99
N GLU D 152 -4.00 -23.33 -14.11
CA GLU D 152 -3.73 -23.93 -15.43
C GLU D 152 -2.23 -24.09 -15.65
N VAL D 153 -1.46 -23.08 -15.26
CA VAL D 153 -0.01 -23.15 -15.42
C VAL D 153 0.54 -24.18 -14.45
N GLY D 154 -0.11 -24.32 -13.30
CA GLY D 154 0.31 -25.29 -12.31
C GLY D 154 0.11 -26.71 -12.82
N ALA D 155 -1.05 -26.97 -13.39
CA ALA D 155 -1.35 -28.29 -13.92
C ALA D 155 -0.31 -28.61 -15.01
N LEU D 156 0.05 -27.59 -15.76
CA LEU D 156 1.03 -27.74 -16.83
C LEU D 156 2.42 -28.01 -16.25
N ALA D 157 2.74 -27.36 -15.15
CA ALA D 157 4.04 -27.56 -14.50
C ALA D 157 4.11 -28.98 -13.93
N HIS D 158 3.01 -29.44 -13.36
CA HIS D 158 2.94 -30.76 -12.77
C HIS D 158 2.96 -31.86 -13.83
N ARG D 159 2.43 -31.56 -15.00
CA ARG D 159 2.40 -32.51 -16.09
C ARG D 159 3.79 -32.74 -16.67
N TYR D 160 4.59 -31.68 -16.72
CA TYR D 160 5.95 -31.77 -17.26
C TYR D 160 7.01 -31.92 -16.17
N GLY D 161 6.58 -32.08 -14.93
CA GLY D 161 7.52 -32.24 -13.83
C GLY D 161 8.46 -31.06 -13.62
N LYS D 162 7.92 -29.84 -13.72
CA LYS D 162 8.72 -28.64 -13.54
C LYS D 162 8.47 -28.03 -12.17
N THR D 163 9.49 -27.40 -11.59
CA THR D 163 9.35 -26.76 -10.28
C THR D 163 8.56 -25.47 -10.50
N TYR D 164 7.49 -25.29 -9.73
CA TYR D 164 6.62 -24.14 -9.88
C TYR D 164 6.79 -23.05 -8.80
N ILE D 165 7.13 -21.85 -9.26
CA ILE D 165 7.34 -20.70 -8.38
C ILE D 165 6.24 -19.68 -8.64
N VAL D 166 5.54 -19.27 -7.60
CA VAL D 166 4.47 -18.30 -7.74
C VAL D 166 4.58 -17.09 -6.82
N ASP D 167 4.59 -15.91 -7.42
CA ASP D 167 4.66 -14.65 -6.68
C ASP D 167 3.24 -14.27 -6.33
N ALA D 168 2.80 -14.61 -5.12
CA ALA D 168 1.44 -14.32 -4.67
C ALA D 168 1.46 -13.13 -3.71
N SER D 170 0.41 -10.06 -3.79
CA SER D 170 -0.85 -9.36 -3.58
C SER D 170 -2.11 -10.24 -3.61
N SER D 171 -1.93 -11.56 -3.48
CA SER D 171 -3.09 -12.45 -3.50
C SER D 171 -3.19 -13.32 -2.25
N PHE D 172 -2.06 -13.86 -1.80
CA PHE D 172 -2.04 -14.73 -0.62
C PHE D 172 -2.70 -14.07 0.59
N GLY D 173 -3.69 -14.76 1.15
CA GLY D 173 -4.39 -14.25 2.31
C GLY D 173 -5.69 -13.56 1.92
N GLY D 174 -5.83 -13.27 0.64
CA GLY D 174 -7.03 -12.60 0.16
C GLY D 174 -7.80 -13.38 -0.89
N ILE D 175 -7.19 -14.46 -1.38
CA ILE D 175 -7.84 -15.31 -2.38
C ILE D 175 -7.59 -16.76 -1.98
N PRO D 176 -8.67 -17.53 -1.78
CA PRO D 176 -8.54 -18.93 -1.38
C PRO D 176 -7.60 -19.72 -2.29
N ASP D 178 -4.78 -23.49 -2.20
CA ASP D 178 -4.07 -24.56 -1.53
C ASP D 178 -2.92 -24.84 -2.49
N ILE D 179 -1.73 -24.37 -2.11
CA ILE D 179 -0.57 -24.51 -2.96
C ILE D 179 -0.14 -25.94 -3.28
N ALA D 180 -0.56 -26.90 -2.47
CA ALA D 180 -0.22 -28.29 -2.73
C ALA D 180 -1.05 -28.73 -3.92
N ALA D 181 -2.34 -28.42 -3.87
CA ALA D 181 -3.27 -28.76 -4.93
C ALA D 181 -2.92 -28.03 -6.23
N LEU D 182 -2.42 -26.80 -6.11
CA LEU D 182 -2.05 -26.01 -7.28
C LEU D 182 -0.67 -26.41 -7.79
N HIS D 183 -0.01 -27.33 -7.08
CA HIS D 183 1.31 -27.80 -7.47
C HIS D 183 2.38 -26.73 -7.37
N ILE D 184 2.20 -25.79 -6.46
CA ILE D 184 3.17 -24.72 -6.26
C ILE D 184 4.28 -25.14 -5.31
N ASP D 185 5.51 -25.12 -5.80
CA ASP D 185 6.66 -25.51 -4.99
C ASP D 185 7.20 -24.38 -4.12
N TYR D 186 7.05 -23.14 -4.58
CA TYR D 186 7.50 -21.98 -3.81
C TYR D 186 6.48 -20.85 -3.92
N LEU D 187 5.88 -20.51 -2.78
CA LEU D 187 4.91 -19.44 -2.74
C LEU D 187 5.53 -18.24 -2.02
N ILE D 188 5.63 -17.12 -2.72
CA ILE D 188 6.21 -15.92 -2.15
C ILE D 188 5.10 -14.93 -1.85
N SER D 189 5.10 -14.34 -0.66
CA SER D 189 4.09 -13.36 -0.33
C SER D 189 4.55 -12.29 0.65
N SER D 190 3.72 -11.26 0.81
CA SER D 190 4.02 -10.13 1.66
C SER D 190 3.36 -10.13 3.03
N ALA D 191 3.96 -9.41 3.96
CA ALA D 191 3.41 -9.30 5.29
C ALA D 191 2.44 -8.13 5.33
N ASN D 192 2.57 -7.24 4.36
CA ASN D 192 1.74 -6.03 4.34
C ASN D 192 0.68 -5.83 3.26
N LYS D 193 0.12 -6.91 2.72
CA LYS D 193 -0.93 -6.74 1.72
C LYS D 193 -2.22 -7.42 2.21
N CYS D 194 -2.64 -8.52 1.59
CA CYS D 194 -3.88 -9.19 2.02
C CYS D 194 -3.94 -9.62 3.49
N ILE D 195 -2.81 -10.00 4.06
CA ILE D 195 -2.81 -10.42 5.46
C ILE D 195 -2.99 -9.20 6.35
N GLN D 196 -2.73 -8.02 5.77
CA GLN D 196 -2.89 -6.74 6.44
C GLN D 196 -1.94 -6.47 7.60
N GLY D 197 -0.69 -6.90 7.43
CA GLY D 197 0.31 -6.67 8.46
C GLY D 197 1.05 -5.41 8.10
N VAL D 198 2.25 -5.26 8.65
CA VAL D 198 3.10 -4.10 8.43
C VAL D 198 4.39 -4.52 7.69
N PRO D 199 4.92 -3.66 6.80
CA PRO D 199 6.15 -4.01 6.08
C PRO D 199 7.34 -4.22 7.00
N GLY D 200 8.36 -4.90 6.50
CA GLY D 200 9.56 -5.17 7.28
C GLY D 200 10.19 -6.49 6.89
N PHE D 201 9.36 -7.42 6.43
CA PHE D 201 9.85 -8.72 6.00
C PHE D 201 8.84 -9.38 5.09
N ALA D 202 9.27 -10.43 4.41
CA ALA D 202 8.42 -11.20 3.52
C ALA D 202 8.64 -12.65 3.85
N PHE D 203 7.97 -13.55 3.14
CA PHE D 203 8.12 -14.96 3.41
C PHE D 203 7.90 -15.84 2.21
N VAL D 204 8.41 -17.06 2.31
CA VAL D 204 8.28 -18.06 1.26
C VAL D 204 7.77 -19.33 1.90
N ILE D 205 6.72 -19.90 1.33
CA ILE D 205 6.16 -21.16 1.82
C ILE D 205 6.57 -22.17 0.76
N ALA D 206 7.49 -23.05 1.11
CA ALA D 206 8.01 -24.02 0.15
C ALA D 206 7.74 -25.48 0.46
N ARG D 207 7.78 -26.30 -0.59
CA ARG D 207 7.60 -27.73 -0.44
C ARG D 207 8.95 -28.17 0.09
N GLU D 208 8.97 -28.68 1.31
CA GLU D 208 10.22 -29.08 1.94
C GLU D 208 11.13 -29.96 1.10
N GLN D 209 10.55 -30.90 0.36
CA GLN D 209 11.35 -31.79 -0.48
C GLN D 209 12.22 -31.01 -1.45
N LYS D 210 11.70 -29.90 -1.95
CA LYS D 210 12.44 -29.06 -2.89
C LYS D 210 13.50 -28.18 -2.22
N LEU D 211 13.11 -27.47 -1.17
CA LEU D 211 14.03 -26.56 -0.46
C LEU D 211 15.22 -27.30 0.15
N ALA D 212 14.97 -28.51 0.65
CA ALA D 212 16.00 -29.31 1.30
C ALA D 212 17.22 -29.61 0.41
N ALA D 213 17.06 -29.51 -0.90
CA ALA D 213 18.17 -29.79 -1.81
C ALA D 213 18.80 -28.53 -2.37
N CYS D 214 18.54 -27.38 -1.74
CA CYS D 214 19.07 -26.10 -2.22
C CYS D 214 20.31 -25.54 -1.54
N LYS D 215 20.94 -26.34 -0.69
CA LYS D 215 22.14 -25.88 0.00
C LYS D 215 23.25 -25.51 -0.96
N GLY D 216 23.84 -24.33 -0.76
CA GLY D 216 24.93 -23.90 -1.61
C GLY D 216 24.55 -23.22 -2.91
N HIS D 217 23.26 -23.19 -3.23
CA HIS D 217 22.80 -22.55 -4.46
C HIS D 217 22.98 -21.03 -4.47
N SER D 218 22.68 -20.39 -3.34
CA SER D 218 22.79 -18.94 -3.24
C SER D 218 24.21 -18.40 -3.16
N ARG D 219 24.45 -17.32 -3.88
CA ARG D 219 25.76 -16.68 -3.88
C ARG D 219 25.67 -15.50 -2.89
N SER D 220 24.47 -15.27 -2.40
CA SER D 220 24.21 -14.19 -1.46
C SER D 220 23.98 -14.79 -0.07
N LEU D 221 24.74 -14.31 0.90
CA LEU D 221 24.58 -14.80 2.27
C LEU D 221 23.26 -14.28 2.82
N SER D 222 23.05 -12.97 2.69
CA SER D 222 21.83 -12.33 3.18
C SER D 222 20.56 -12.93 2.60
N LEU D 223 20.59 -13.26 1.32
CA LEU D 223 19.42 -13.82 0.63
C LEU D 223 19.42 -15.34 0.43
N ASP D 224 20.24 -16.06 1.19
CA ASP D 224 20.29 -17.51 1.08
C ASP D 224 19.09 -18.13 1.81
N LEU D 225 18.05 -18.41 1.04
CA LEU D 225 16.82 -18.97 1.60
C LEU D 225 17.05 -20.31 2.30
N TYR D 226 17.96 -21.12 1.77
CA TYR D 226 18.23 -22.41 2.39
C TYR D 226 18.84 -22.26 3.79
N ALA D 227 19.88 -21.43 3.90
CA ALA D 227 20.53 -21.21 5.18
C ALA D 227 19.57 -20.59 6.19
N GLN D 228 18.77 -19.62 5.73
CA GLN D 228 17.80 -18.95 6.60
C GLN D 228 16.81 -19.97 7.14
N TRP D 229 16.33 -20.86 6.26
CA TRP D 229 15.37 -21.90 6.66
C TRP D 229 15.99 -22.89 7.63
N ARG D 230 17.18 -23.40 7.29
CA ARG D 230 17.88 -24.36 8.14
C ARG D 230 18.05 -23.80 9.55
N CYS D 231 18.42 -22.53 9.66
CA CYS D 231 18.60 -21.92 10.96
C CYS D 231 17.32 -21.90 11.80
N GLU D 233 14.90 -23.84 11.37
CA GLU D 233 14.60 -25.26 11.54
C GLU D 233 15.44 -25.87 12.66
N ASP D 234 16.74 -25.57 12.67
CA ASP D 234 17.65 -26.11 13.68
C ASP D 234 17.64 -25.36 15.00
N ASN D 235 17.25 -24.09 14.99
CA ASN D 235 17.28 -23.30 16.21
C ASN D 235 15.96 -22.70 16.69
N HIS D 236 14.87 -23.44 16.50
CA HIS D 236 13.56 -23.03 16.96
C HIS D 236 13.06 -21.66 16.50
N GLY D 237 13.06 -21.43 15.19
CA GLY D 237 12.57 -20.17 14.64
C GLY D 237 13.53 -19.00 14.60
N LYS D 238 14.73 -19.17 15.13
CA LYS D 238 15.70 -18.08 15.15
C LYS D 238 16.07 -17.58 13.75
N TRP D 239 16.19 -16.26 13.62
CA TRP D 239 16.59 -15.66 12.35
C TRP D 239 18.12 -15.58 12.42
N ARG D 240 18.80 -15.86 11.32
CA ARG D 240 20.25 -15.80 11.32
C ARG D 240 20.74 -14.43 11.78
N PHE D 241 20.15 -13.38 11.24
CA PHE D 241 20.55 -12.02 11.60
C PHE D 241 19.38 -11.30 12.28
N THR D 242 19.64 -10.07 12.72
CA THR D 242 18.64 -9.25 13.39
C THR D 242 17.36 -9.18 12.56
N SER D 243 16.21 -9.38 13.22
CA SER D 243 14.92 -9.33 12.55
C SER D 243 14.13 -8.13 13.03
N PRO D 244 13.17 -7.66 12.22
CA PRO D 244 12.35 -6.51 12.58
C PRO D 244 11.23 -6.95 13.53
N THR D 245 11.64 -7.33 14.73
CA THR D 245 10.76 -7.83 15.79
C THR D 245 9.39 -7.16 15.88
N HIS D 246 9.37 -5.84 15.97
CA HIS D 246 8.13 -5.09 16.10
C HIS D 246 7.15 -5.38 14.95
N THR D 247 7.67 -5.43 13.73
CA THR D 247 6.81 -5.70 12.59
C THR D 247 6.36 -7.16 12.60
N VAL D 248 7.19 -8.02 13.20
CA VAL D 248 6.87 -9.43 13.32
C VAL D 248 5.72 -9.61 14.32
N LEU D 249 5.75 -8.82 15.41
CA LEU D 249 4.69 -8.87 16.40
C LEU D 249 3.39 -8.42 15.75
N ALA D 250 3.50 -7.39 14.90
CA ALA D 250 2.33 -6.87 14.20
C ALA D 250 1.72 -7.93 13.29
N PHE D 251 2.58 -8.73 12.65
CA PHE D 251 2.12 -9.78 11.74
C PHE D 251 1.35 -10.87 12.49
N ALA D 252 1.84 -11.24 13.67
CA ALA D 252 1.17 -12.25 14.46
C ALA D 252 -0.24 -11.75 14.80
N GLN D 253 -0.34 -10.46 15.09
CA GLN D 253 -1.62 -9.85 15.41
C GLN D 253 -2.49 -9.85 14.16
N ALA D 254 -1.89 -9.56 13.02
CA ALA D 254 -2.61 -9.53 11.75
C ALA D 254 -3.18 -10.91 11.42
N LEU D 255 -2.42 -11.97 11.73
CA LEU D 255 -2.88 -13.32 11.46
C LEU D 255 -4.07 -13.66 12.35
N LYS D 256 -4.02 -13.22 13.61
CA LYS D 256 -5.10 -13.47 14.54
C LYS D 256 -6.37 -12.76 14.08
N GLU D 257 -6.20 -11.56 13.51
CA GLU D 257 -7.34 -10.80 13.04
C GLU D 257 -7.91 -11.38 11.75
N LEU D 258 -7.08 -12.08 10.99
CA LEU D 258 -7.55 -12.71 9.77
C LEU D 258 -8.44 -13.88 10.15
N ALA D 259 -7.98 -14.68 11.11
CA ALA D 259 -8.74 -15.82 11.59
C ALA D 259 -10.06 -15.35 12.18
N LYS D 260 -10.00 -14.24 12.92
CA LYS D 260 -11.17 -13.65 13.56
C LYS D 260 -12.23 -13.21 12.54
N GLU D 261 -11.77 -12.71 11.39
CA GLU D 261 -12.69 -12.25 10.35
C GLU D 261 -13.39 -13.45 9.70
N GLY D 262 -12.75 -14.61 9.78
CA GLY D 262 -13.33 -15.81 9.21
C GLY D 262 -12.39 -16.50 8.24
N GLY D 263 -11.10 -16.15 8.28
CA GLY D 263 -10.14 -16.78 7.39
C GLY D 263 -10.12 -16.16 6.01
N VAL D 264 -9.28 -16.69 5.13
CA VAL D 264 -9.16 -16.18 3.78
C VAL D 264 -10.50 -16.16 3.04
N ALA D 265 -11.32 -17.19 3.26
CA ALA D 265 -12.62 -17.27 2.60
C ALA D 265 -13.45 -16.02 2.88
N ALA D 266 -13.48 -15.61 4.14
CA ALA D 266 -14.24 -14.43 4.54
C ALA D 266 -13.60 -13.14 4.03
N ARG D 267 -12.28 -13.03 4.14
CA ARG D 267 -11.60 -11.83 3.68
C ARG D 267 -11.78 -11.67 2.18
N HIS D 268 -11.66 -12.77 1.44
CA HIS D 268 -11.84 -12.74 0.00
C HIS D 268 -13.22 -12.20 -0.37
N GLN D 269 -14.23 -12.62 0.38
CA GLN D 269 -15.60 -12.16 0.12
C GLN D 269 -15.70 -10.64 0.26
N ARG D 270 -15.02 -10.11 1.27
CA ARG D 270 -15.03 -8.66 1.50
C ARG D 270 -14.31 -7.95 0.36
N TYR D 271 -13.08 -8.36 0.09
CA TYR D 271 -12.28 -7.76 -0.98
C TYR D 271 -13.01 -7.78 -2.32
N GLN D 272 -13.57 -8.94 -2.65
CA GLN D 272 -14.29 -9.11 -3.90
C GLN D 272 -15.51 -8.19 -4.02
N GLN D 273 -16.26 -8.06 -2.94
CA GLN D 273 -17.45 -7.19 -2.95
C GLN D 273 -17.03 -5.73 -2.99
N ASN D 274 -15.97 -5.39 -2.26
CA ASN D 274 -15.45 -4.01 -2.25
C ASN D 274 -15.12 -3.63 -3.69
N GLN D 275 -14.38 -4.51 -4.33
CA GLN D 275 -13.91 -4.34 -5.70
C GLN D 275 -15.06 -4.18 -6.70
N ARG D 276 -16.04 -5.07 -6.64
CA ARG D 276 -17.18 -4.99 -7.55
C ARG D 276 -18.01 -3.74 -7.33
N SER D 277 -18.27 -3.42 -6.06
CA SER D 277 -19.03 -2.22 -5.74
C SER D 277 -18.28 -1.00 -6.26
N LEU D 278 -16.96 -1.05 -6.18
CA LEU D 278 -16.13 0.06 -6.65
C LEU D 278 -16.25 0.28 -8.15
N VAL D 279 -16.06 -0.79 -8.91
CA VAL D 279 -16.14 -0.73 -10.37
C VAL D 279 -17.49 -0.20 -10.84
N ALA D 280 -18.57 -0.71 -10.27
CA ALA D 280 -19.91 -0.27 -10.64
C ALA D 280 -20.08 1.22 -10.36
N GLY D 281 -19.64 1.64 -9.18
CA GLY D 281 -19.74 3.04 -8.81
C GLY D 281 -18.89 3.94 -9.70
N ARG D 283 -17.91 3.32 -12.75
CA ARG D 283 -18.49 3.34 -14.10
C ARG D 283 -19.68 4.28 -14.09
N ALA D 284 -20.46 4.23 -13.03
CA ALA D 284 -21.63 5.10 -12.89
C ALA D 284 -21.21 6.56 -12.94
N LEU D 285 -19.98 6.84 -12.54
CA LEU D 285 -19.45 8.19 -12.55
C LEU D 285 -18.77 8.57 -13.86
N GLY D 286 -18.69 7.61 -14.80
CA GLY D 286 -18.08 7.90 -16.08
C GLY D 286 -16.68 7.36 -16.33
N PHE D 287 -16.07 6.71 -15.34
CA PHE D 287 -14.73 6.16 -15.53
C PHE D 287 -14.80 4.80 -16.22
N ASN D 288 -13.66 4.33 -16.70
CA ASN D 288 -13.57 3.04 -17.36
C ASN D 288 -12.40 2.23 -16.82
N THR D 289 -12.60 0.92 -16.69
CA THR D 289 -11.57 0.04 -16.20
C THR D 289 -10.61 -0.28 -17.34
N LEU D 290 -9.35 -0.49 -17.00
CA LEU D 290 -8.35 -0.82 -18.00
C LEU D 290 -8.65 -2.22 -18.54
N LEU D 291 -9.03 -3.12 -17.64
CA LEU D 291 -9.32 -4.50 -17.99
C LEU D 291 -10.79 -4.87 -17.85
N ASP D 292 -11.22 -5.88 -18.62
CA ASP D 292 -12.58 -6.35 -18.52
C ASP D 292 -12.66 -7.06 -17.17
N ASP D 293 -13.80 -6.94 -16.50
CA ASP D 293 -14.01 -7.54 -15.18
C ASP D 293 -13.53 -8.98 -15.09
N GLU D 294 -13.68 -9.70 -16.21
CA GLU D 294 -13.27 -11.09 -16.31
C GLU D 294 -11.84 -11.35 -15.83
N LEU D 295 -10.97 -10.37 -16.00
CA LEU D 295 -9.56 -10.52 -15.61
C LEU D 295 -9.19 -9.88 -14.28
N HIS D 296 -10.14 -9.23 -13.63
CA HIS D 296 -9.87 -8.55 -12.36
C HIS D 296 -9.44 -9.43 -11.19
N SER D 297 -8.57 -8.87 -10.36
CA SER D 297 -8.13 -9.55 -9.14
C SER D 297 -8.97 -8.74 -8.16
N PRO D 298 -9.34 -9.31 -7.00
CA PRO D 298 -10.15 -8.55 -6.06
C PRO D 298 -9.41 -7.66 -5.07
N ILE D 299 -8.22 -7.17 -5.42
CA ILE D 299 -7.49 -6.34 -4.46
C ILE D 299 -7.16 -4.94 -4.94
N ILE D 300 -7.11 -4.74 -6.25
CA ILE D 300 -6.82 -3.41 -6.81
C ILE D 300 -7.32 -3.32 -8.26
N THR D 301 -7.75 -2.13 -8.66
CA THR D 301 -8.28 -1.92 -10.01
C THR D 301 -7.69 -0.70 -10.71
N ALA D 302 -7.31 -0.88 -11.97
CA ALA D 302 -6.76 0.21 -12.77
C ALA D 302 -7.86 0.83 -13.62
N PHE D 303 -7.93 2.15 -13.61
CA PHE D 303 -8.93 2.91 -14.38
C PHE D 303 -8.21 3.85 -15.34
N TYR D 304 -8.80 4.07 -16.52
CA TYR D 304 -8.21 4.97 -17.49
C TYR D 304 -8.29 6.40 -16.97
N SER D 305 -7.21 7.16 -17.14
CA SER D 305 -7.19 8.55 -16.71
C SER D 305 -8.17 9.32 -17.59
N PRO D 306 -8.95 10.24 -17.01
CA PRO D 306 -9.88 10.98 -17.86
C PRO D 306 -9.09 11.71 -18.95
N GLU D 307 -9.64 11.80 -20.15
CA GLU D 307 -8.96 12.46 -21.25
C GLU D 307 -9.19 13.97 -21.26
N ASP D 308 -10.13 14.45 -20.45
CA ASP D 308 -10.42 15.87 -20.36
C ASP D 308 -9.13 16.66 -20.18
N PRO D 309 -8.90 17.69 -21.02
CA PRO D 309 -7.71 18.54 -20.96
C PRO D 309 -7.45 19.19 -19.61
N GLN D 310 -8.47 19.27 -18.77
CA GLN D 310 -8.31 19.87 -17.45
C GLN D 310 -7.81 18.87 -16.42
N TYR D 311 -7.94 17.58 -16.74
CA TYR D 311 -7.52 16.54 -15.80
C TYR D 311 -6.02 16.45 -15.53
N ARG D 312 -5.69 16.28 -14.25
CA ARG D 312 -4.33 16.15 -13.77
C ARG D 312 -4.42 15.23 -12.56
N PHE D 313 -3.67 14.15 -12.56
CA PHE D 313 -3.72 13.22 -11.44
C PHE D 313 -3.33 13.86 -10.11
N SER D 314 -2.28 14.66 -10.13
CA SER D 314 -1.83 15.33 -8.91
C SER D 314 -2.97 16.11 -8.26
N GLU D 315 -3.70 16.87 -9.08
CA GLU D 315 -4.82 17.66 -8.57
C GLU D 315 -5.98 16.75 -8.13
N PHE D 316 -6.24 15.70 -8.90
CA PHE D 316 -7.30 14.74 -8.56
C PHE D 316 -6.91 14.09 -7.23
N TYR D 317 -5.66 13.66 -7.15
CA TYR D 317 -5.14 13.00 -5.95
C TYR D 317 -5.25 13.92 -4.73
N ARG D 318 -4.87 15.18 -4.91
CA ARG D 318 -4.91 16.16 -3.83
C ARG D 318 -6.34 16.34 -3.29
N ARG D 319 -7.29 16.54 -4.19
CA ARG D 319 -8.68 16.73 -3.78
C ARG D 319 -9.26 15.52 -3.06
N LEU D 320 -8.78 14.31 -3.41
CA LEU D 320 -9.26 13.11 -2.74
C LEU D 320 -8.62 13.00 -1.36
N LYS D 321 -7.31 13.22 -1.31
CA LYS D 321 -6.59 13.14 -0.05
C LYS D 321 -7.21 14.12 0.96
N GLU D 322 -7.46 15.34 0.48
CA GLU D 322 -8.06 16.39 1.30
C GLU D 322 -9.38 15.93 1.93
N GLN D 323 -9.96 14.89 1.36
CA GLN D 323 -11.22 14.34 1.86
C GLN D 323 -11.01 13.09 2.70
N GLY D 324 -9.75 12.68 2.84
CA GLY D 324 -9.45 11.50 3.63
C GLY D 324 -9.17 10.22 2.84
N PHE D 325 -9.13 10.32 1.52
CA PHE D 325 -8.87 9.13 0.71
C PHE D 325 -7.60 9.24 -0.13
N VAL D 326 -6.71 8.26 0.03
CA VAL D 326 -5.46 8.25 -0.70
C VAL D 326 -5.47 7.21 -1.82
N ILE D 327 -5.50 7.70 -3.05
CA ILE D 327 -5.52 6.87 -4.25
C ILE D 327 -4.09 6.50 -4.69
N TYR D 328 -3.96 5.75 -5.78
CA TYR D 328 -2.64 5.33 -6.24
C TYR D 328 -2.39 5.64 -7.71
N PRO D 329 -1.14 6.00 -8.05
CA PRO D 329 -0.81 6.31 -9.44
C PRO D 329 -0.80 5.03 -10.29
N GLY D 330 -1.05 5.19 -11.58
CA GLY D 330 -1.05 4.02 -12.44
C GLY D 330 0.28 3.96 -13.15
N LYS D 331 0.86 2.77 -13.28
CA LYS D 331 2.15 2.65 -13.96
C LYS D 331 2.11 1.65 -15.10
N VAL D 332 1.28 1.96 -16.10
CA VAL D 332 1.16 1.13 -17.29
C VAL D 332 1.75 1.99 -18.40
N SER D 333 2.77 1.49 -19.06
CA SER D 333 3.42 2.24 -20.14
C SER D 333 2.56 2.36 -21.38
N GLN D 334 1.73 1.36 -21.64
CA GLN D 334 0.87 1.35 -22.83
C GLN D 334 -0.30 2.32 -22.76
N SER D 335 -0.65 2.78 -21.56
CA SER D 335 -1.76 3.71 -21.42
C SER D 335 -1.76 4.51 -20.11
N ASP D 336 -2.53 5.60 -20.11
CA ASP D 336 -2.63 6.48 -18.95
C ASP D 336 -3.71 5.99 -17.97
N CYS D 337 -3.29 5.59 -16.77
CA CYS D 337 -4.21 5.09 -15.76
C CYS D 337 -3.83 5.50 -14.34
N PHE D 338 -4.77 5.26 -13.43
CA PHE D 338 -4.56 5.50 -12.01
C PHE D 338 -5.13 4.25 -11.37
N ARG D 339 -4.79 3.99 -10.12
CA ARG D 339 -5.28 2.79 -9.45
C ARG D 339 -5.94 3.08 -8.12
N ILE D 340 -6.82 2.16 -7.71
CA ILE D 340 -7.52 2.25 -6.45
C ILE D 340 -7.56 0.86 -5.84
N GLY D 341 -6.88 0.69 -4.71
CA GLY D 341 -6.86 -0.60 -4.04
C GLY D 341 -8.05 -0.69 -3.11
N ASN D 342 -8.42 -1.91 -2.71
CA ASN D 342 -9.55 -2.07 -1.81
C ASN D 342 -9.27 -3.07 -0.69
N ILE D 343 -8.01 -3.13 -0.27
CA ILE D 343 -7.59 -4.02 0.81
C ILE D 343 -7.18 -3.22 2.03
N GLY D 344 -7.00 -3.91 3.16
CA GLY D 344 -6.66 -3.24 4.40
C GLY D 344 -7.96 -2.92 5.11
N GLU D 345 -7.98 -1.85 5.90
CA GLU D 345 -9.22 -1.49 6.60
C GLU D 345 -10.22 -0.82 5.66
N VAL D 346 -10.66 -1.57 4.65
CA VAL D 346 -11.63 -1.07 3.68
C VAL D 346 -12.87 -1.94 3.69
N TYR D 347 -14.02 -1.33 3.97
CA TYR D 347 -15.29 -2.05 4.02
C TYR D 347 -16.33 -1.39 3.12
N ALA D 348 -17.48 -2.04 2.97
CA ALA D 348 -18.55 -1.51 2.12
C ALA D 348 -18.83 -0.04 2.37
N ALA D 349 -18.92 0.36 3.64
CA ALA D 349 -19.18 1.76 3.97
C ALA D 349 -18.10 2.68 3.41
N ASP D 350 -16.86 2.22 3.43
CA ASP D 350 -15.75 3.02 2.92
C ASP D 350 -15.85 3.21 1.42
N ILE D 351 -16.20 2.16 0.69
CA ILE D 351 -16.33 2.25 -0.76
C ILE D 351 -17.36 3.32 -1.13
N THR D 352 -18.51 3.29 -0.47
CA THR D 352 -19.54 4.27 -0.78
C THR D 352 -19.08 5.69 -0.41
N ALA D 353 -18.31 5.81 0.67
CA ALA D 353 -17.82 7.12 1.07
C ALA D 353 -16.79 7.60 0.04
N LEU D 354 -15.98 6.65 -0.45
CA LEU D 354 -14.95 6.94 -1.44
C LEU D 354 -15.60 7.45 -2.73
N LEU D 355 -16.67 6.81 -3.16
CA LEU D 355 -17.37 7.20 -4.38
C LEU D 355 -17.91 8.62 -4.26
N THR D 356 -18.35 9.00 -3.05
CA THR D 356 -18.87 10.34 -2.83
C THR D 356 -17.73 11.35 -2.99
N ALA D 357 -16.57 11.00 -2.46
CA ALA D 357 -15.40 11.86 -2.53
C ALA D 357 -14.92 11.97 -3.98
N ILE D 358 -14.98 10.86 -4.72
CA ILE D 358 -14.56 10.87 -6.12
C ILE D 358 -15.39 11.92 -6.89
N ARG D 359 -16.71 11.86 -6.71
CA ARG D 359 -17.60 12.79 -7.39
C ARG D 359 -17.24 14.23 -7.04
N THR D 360 -17.05 14.49 -5.75
CA THR D 360 -16.69 15.82 -5.29
C THR D 360 -15.36 16.26 -5.87
N ALA D 361 -14.49 15.30 -6.17
CA ALA D 361 -13.17 15.58 -6.71
C ALA D 361 -13.12 15.75 -8.23
N TYR D 363 -13.35 17.75 -10.59
CA TYR D 363 -13.37 19.18 -10.90
C TYR D 363 -13.44 19.50 -12.39
N TRP D 364 -12.96 18.58 -13.23
CA TRP D 364 -12.98 18.79 -14.66
C TRP D 364 -14.39 18.56 -15.22
N THR D 365 -15.32 18.31 -14.32
CA THR D 365 -16.72 18.07 -14.66
C THR D 365 -17.51 17.69 -13.41
N TYR E 5 -4.87 -4.86 30.60
CA TYR E 5 -6.29 -4.82 31.06
C TYR E 5 -7.00 -3.58 30.53
N LEU E 6 -8.29 -3.74 30.24
CA LEU E 6 -9.11 -2.63 29.78
C LEU E 6 -10.10 -2.39 30.92
N LEU E 7 -10.13 -1.16 31.43
CA LEU E 7 -11.02 -0.81 32.53
C LEU E 7 -12.39 -0.37 32.07
N LEU E 8 -13.37 -1.26 32.20
CA LEU E 8 -14.74 -0.95 31.81
C LEU E 8 -15.48 -0.46 33.04
N THR E 9 -14.87 0.51 33.71
CA THR E 9 -15.43 1.10 34.92
C THR E 9 -15.89 2.52 34.61
N PRO E 10 -16.49 3.20 35.60
CA PRO E 10 -16.94 4.56 35.34
C PRO E 10 -15.79 5.57 35.57
N GLY E 11 -14.60 5.04 35.83
CA GLY E 11 -13.44 5.89 36.07
C GLY E 11 -13.05 5.85 37.55
N PRO E 12 -11.76 5.85 37.90
CA PRO E 12 -10.58 5.89 37.02
C PRO E 12 -10.69 4.83 35.93
N LEU E 13 -10.28 5.20 34.72
CA LEU E 13 -10.36 4.30 33.59
C LEU E 13 -9.05 4.12 32.85
N THR E 14 -9.13 3.50 31.69
CA THR E 14 -7.95 3.28 30.86
C THR E 14 -7.69 4.57 30.10
N THR E 15 -6.56 5.20 30.39
CA THR E 15 -6.19 6.45 29.73
C THR E 15 -5.23 6.13 28.58
N SER E 16 -5.09 7.07 27.65
CA SER E 16 -4.18 6.86 26.52
C SER E 16 -2.77 6.81 27.07
N ARG E 17 -1.84 6.28 26.27
CA ARG E 17 -0.47 6.20 26.73
C ARG E 17 0.18 7.58 26.71
N THR E 18 -0.36 8.47 25.90
CA THR E 18 0.18 9.83 25.81
C THR E 18 -0.29 10.69 26.99
N VAL E 19 -1.50 10.42 27.50
CA VAL E 19 -1.99 11.18 28.64
C VAL E 19 -1.10 10.86 29.84
N LYS E 20 -0.72 9.59 30.00
CA LYS E 20 0.13 9.18 31.10
C LYS E 20 1.57 9.68 30.93
N GLU E 21 2.05 9.72 29.70
CA GLU E 21 3.40 10.18 29.40
C GLU E 21 3.57 11.64 29.76
N ALA E 22 2.48 12.39 29.68
CA ALA E 22 2.50 13.82 29.99
C ALA E 22 2.74 14.06 31.48
N LEU E 24 5.16 12.66 33.21
CA LEU E 24 6.59 12.52 33.47
C LEU E 24 7.43 13.80 33.53
N PHE E 25 6.94 14.79 34.28
CA PHE E 25 7.64 16.07 34.43
C PHE E 25 7.33 16.68 35.79
N ASP E 26 8.35 17.21 36.45
CA ASP E 26 8.15 17.86 37.74
C ASP E 26 7.95 19.35 37.49
N SER E 27 6.96 19.95 38.14
CA SER E 27 6.67 21.37 37.96
C SER E 27 6.86 22.18 39.23
N CYS E 28 7.21 23.45 39.07
CA CYS E 28 7.38 24.35 40.20
C CYS E 28 6.04 25.08 40.34
N THR E 29 5.35 24.85 41.45
CA THR E 29 4.05 25.46 41.66
C THR E 29 4.03 26.99 41.71
N TRP E 30 5.19 27.60 41.83
CA TRP E 30 5.28 29.06 41.91
C TRP E 30 5.61 29.70 40.56
N ASP E 31 6.07 28.88 39.62
CA ASP E 31 6.46 29.38 38.30
C ASP E 31 5.33 29.60 37.30
N ASP E 32 5.45 30.66 36.50
CA ASP E 32 4.46 30.99 35.49
C ASP E 32 4.30 29.89 34.44
N ASP E 33 5.36 29.11 34.23
CA ASP E 33 5.32 28.02 33.27
C ASP E 33 4.17 27.09 33.60
N TYR E 34 3.96 26.85 34.89
CA TYR E 34 2.90 25.97 35.35
C TYR E 34 1.57 26.73 35.46
N ASN E 35 1.54 27.72 36.33
CA ASN E 35 0.33 28.50 36.56
C ASN E 35 -0.30 29.13 35.30
N ILE E 36 0.50 29.81 34.50
CA ILE E 36 0.00 30.45 33.29
C ILE E 36 0.05 29.50 32.10
N GLY E 37 1.20 28.85 31.90
CA GLY E 37 1.35 27.95 30.77
C GLY E 37 0.47 26.71 30.81
N VAL E 38 0.01 26.33 32.00
CA VAL E 38 -0.83 25.14 32.12
C VAL E 38 -2.17 25.39 32.79
N VAL E 39 -2.17 25.81 34.04
CA VAL E 39 -3.41 26.05 34.79
C VAL E 39 -4.38 27.00 34.09
N GLU E 40 -3.92 28.20 33.76
CA GLU E 40 -4.79 29.17 33.09
C GLU E 40 -5.32 28.63 31.76
N GLN E 41 -4.50 27.87 31.03
CA GLN E 41 -4.94 27.30 29.77
C GLN E 41 -6.08 26.31 30.01
N ILE E 42 -5.94 25.49 31.04
CA ILE E 42 -6.98 24.52 31.39
C ILE E 42 -8.29 25.21 31.77
N ARG E 43 -8.18 26.25 32.60
CA ARG E 43 -9.35 26.98 33.04
C ARG E 43 -10.14 27.60 31.87
N GLN E 44 -9.42 28.17 30.91
CA GLN E 44 -10.07 28.78 29.75
C GLN E 44 -10.74 27.74 28.86
N GLN E 45 -10.08 26.61 28.67
CA GLN E 45 -10.62 25.54 27.84
C GLN E 45 -11.86 24.89 28.46
N LEU E 46 -11.86 24.80 29.79
CA LEU E 46 -12.97 24.21 30.54
C LEU E 46 -14.24 25.03 30.34
N THR E 47 -14.11 26.34 30.50
CA THR E 47 -15.25 27.24 30.34
C THR E 47 -15.74 27.22 28.89
N ALA E 48 -14.80 27.18 27.94
CA ALA E 48 -15.13 27.16 26.53
C ALA E 48 -15.84 25.86 26.17
N LEU E 49 -15.47 24.77 26.83
CA LEU E 49 -16.11 23.49 26.58
C LEU E 49 -17.54 23.49 27.10
N ALA E 50 -17.73 24.13 28.26
CA ALA E 50 -19.03 24.19 28.92
C ALA E 50 -20.09 25.08 28.28
N THR E 51 -19.68 26.21 27.70
CA THR E 51 -20.66 27.11 27.10
C THR E 51 -20.07 28.07 26.09
N ALA E 52 -20.91 28.54 25.16
CA ALA E 52 -20.50 29.49 24.13
C ALA E 52 -20.72 30.90 24.64
N SER E 53 -21.27 31.01 25.84
CA SER E 53 -21.56 32.30 26.44
C SER E 53 -20.47 32.82 27.39
N GLU E 54 -20.49 34.13 27.62
CA GLU E 54 -19.55 34.76 28.52
C GLU E 54 -20.20 34.74 29.90
N GLY E 55 -19.48 35.22 30.91
CA GLY E 55 -20.04 35.25 32.25
C GLY E 55 -19.71 34.07 33.16
N TYR E 56 -19.03 33.07 32.63
CA TYR E 56 -18.67 31.90 33.42
C TYR E 56 -17.18 31.86 33.72
N THR E 57 -16.82 31.04 34.70
CA THR E 57 -15.43 30.91 35.12
C THR E 57 -15.19 29.53 35.71
N SER E 58 -13.95 29.06 35.64
CA SER E 58 -13.60 27.74 36.16
C SER E 58 -12.73 27.85 37.41
N VAL E 59 -12.86 26.85 38.28
CA VAL E 59 -12.06 26.80 39.50
C VAL E 59 -11.68 25.34 39.73
N LEU E 60 -10.39 25.09 39.91
CA LEU E 60 -9.90 23.74 40.12
C LEU E 60 -9.71 23.49 41.62
N LEU E 61 -10.00 22.26 42.05
CA LEU E 61 -9.88 21.92 43.46
C LEU E 61 -9.20 20.57 43.67
N GLN E 62 -8.20 20.53 44.54
CA GLN E 62 -7.50 19.27 44.83
C GLN E 62 -8.48 18.31 45.51
N GLY E 63 -8.35 17.03 45.23
CA GLY E 63 -9.22 16.03 45.82
C GLY E 63 -10.05 15.28 44.80
N SER E 64 -11.01 14.48 45.28
CA SER E 64 -11.87 13.71 44.40
C SER E 64 -13.09 14.55 44.04
N GLY E 65 -13.91 14.05 43.13
CA GLY E 65 -15.11 14.78 42.72
C GLY E 65 -16.00 15.18 43.87
N SER E 66 -16.17 14.27 44.83
CA SER E 66 -17.01 14.53 45.99
C SER E 66 -16.57 15.78 46.74
N TYR E 67 -15.27 16.05 46.76
CA TYR E 67 -14.75 17.24 47.43
C TYR E 67 -15.34 18.48 46.78
N ALA E 68 -15.40 18.48 45.45
CA ALA E 68 -15.93 19.62 44.71
C ALA E 68 -17.43 19.78 44.95
N VAL E 69 -18.14 18.65 45.09
CA VAL E 69 -19.57 18.70 45.35
C VAL E 69 -19.81 19.28 46.75
N GLU E 70 -18.97 18.88 47.70
CA GLU E 70 -19.09 19.38 49.06
C GLU E 70 -18.70 20.87 49.07
N ALA E 71 -17.67 21.22 48.30
CA ALA E 71 -17.22 22.60 48.22
C ALA E 71 -18.31 23.52 47.71
N VAL E 72 -19.12 23.02 46.78
CA VAL E 72 -20.20 23.83 46.23
C VAL E 72 -21.32 23.99 47.26
N LEU E 73 -21.64 22.92 47.97
CA LEU E 73 -22.68 22.98 48.99
C LEU E 73 -22.26 23.92 50.12
N GLY E 74 -20.97 23.91 50.44
CA GLY E 74 -20.47 24.76 51.51
C GLY E 74 -20.13 26.19 51.10
N SER E 75 -19.92 26.42 49.81
CA SER E 75 -19.57 27.75 49.33
C SER E 75 -20.68 28.49 48.56
N ALA E 76 -21.47 27.74 47.80
CA ALA E 76 -22.53 28.34 47.00
C ALA E 76 -23.77 28.75 47.79
N LEU E 77 -23.88 28.27 49.03
CA LEU E 77 -25.03 28.62 49.84
C LEU E 77 -24.68 29.43 51.07
N GLY E 78 -25.52 30.41 51.37
CA GLY E 78 -25.33 31.25 52.55
C GLY E 78 -26.13 30.65 53.70
N PRO E 79 -26.07 31.23 54.91
CA PRO E 79 -26.80 30.74 56.08
C PRO E 79 -28.32 30.68 55.93
N GLN E 80 -28.89 31.58 55.14
CA GLN E 80 -30.35 31.61 54.96
C GLN E 80 -30.84 30.75 53.80
N ASP E 81 -29.91 30.21 53.02
CA ASP E 81 -30.26 29.40 51.86
C ASP E 81 -30.73 27.99 52.19
N LYS E 82 -31.47 27.38 51.26
CA LYS E 82 -31.99 26.03 51.44
C LYS E 82 -31.98 25.33 50.08
N VAL E 83 -31.38 24.15 50.03
CA VAL E 83 -31.28 23.44 48.77
C VAL E 83 -32.19 22.23 48.60
N LEU E 84 -32.87 22.18 47.46
CA LEU E 84 -33.73 21.06 47.12
C LEU E 84 -32.78 20.08 46.46
N ILE E 85 -32.63 18.90 47.04
CA ILE E 85 -31.73 17.90 46.48
C ILE E 85 -32.50 16.73 45.91
N VAL E 86 -32.49 16.59 44.58
CA VAL E 86 -33.20 15.48 43.98
C VAL E 86 -32.26 14.29 44.13
N SER E 87 -32.81 13.15 44.53
CA SER E 87 -32.00 11.98 44.75
C SER E 87 -32.58 10.71 44.13
N ASN E 88 -31.77 10.06 43.29
CA ASN E 88 -32.16 8.81 42.65
C ASN E 88 -30.89 8.02 42.35
N GLY E 89 -30.10 7.80 43.40
CA GLY E 89 -28.86 7.08 43.27
C GLY E 89 -27.90 7.48 44.38
N ALA E 90 -26.80 6.75 44.49
CA ALA E 90 -25.79 6.99 45.53
C ALA E 90 -25.21 8.40 45.55
N TYR E 91 -25.10 9.02 44.38
CA TYR E 91 -24.52 10.35 44.31
C TYR E 91 -25.50 11.46 44.64
N GLY E 92 -26.79 11.18 44.48
CA GLY E 92 -27.79 12.16 44.85
C GLY E 92 -27.88 12.05 46.36
N ALA E 93 -27.86 10.81 46.85
CA ALA E 93 -27.93 10.53 48.28
C ALA E 93 -26.72 11.08 49.04
N ARG E 94 -25.56 11.10 48.40
CA ARG E 94 -24.36 11.60 49.05
C ARG E 94 -24.49 13.09 49.35
N VAL E 96 -27.25 14.66 50.00
CA VAL E 96 -28.17 14.77 51.13
C VAL E 96 -27.37 14.50 52.39
N GLU E 97 -26.51 13.50 52.32
CA GLU E 97 -25.67 13.13 53.46
C GLU E 97 -24.78 14.31 53.84
N ALA E 99 -25.20 17.55 53.22
CA ALA E 99 -26.02 18.64 53.75
C ALA E 99 -26.40 18.41 55.21
N GLY E 100 -26.70 17.15 55.54
CA GLY E 100 -27.07 16.82 56.91
C GLY E 100 -25.90 17.01 57.86
N LEU E 101 -24.72 16.55 57.46
CA LEU E 101 -23.52 16.67 58.28
C LEU E 101 -23.12 18.13 58.50
N GLY E 103 -25.11 20.68 58.41
CA GLY E 103 -26.18 21.47 58.98
C GLY E 103 -26.77 22.47 57.99
N ILE E 104 -26.74 22.12 56.71
CA ILE E 104 -27.28 22.98 55.66
C ILE E 104 -28.75 22.69 55.43
N ALA E 105 -29.57 23.73 55.44
CA ALA E 105 -31.01 23.57 55.20
C ALA E 105 -31.21 22.92 53.84
N HIS E 106 -32.11 21.94 53.79
CA HIS E 106 -32.36 21.24 52.54
C HIS E 106 -33.61 20.38 52.63
N HIS E 107 -34.04 19.88 51.48
CA HIS E 107 -35.16 18.96 51.39
C HIS E 107 -34.80 17.99 50.28
N ALA E 108 -34.97 16.71 50.56
CA ALA E 108 -34.63 15.69 49.57
C ALA E 108 -35.85 15.19 48.81
N TYR E 109 -35.74 15.18 47.49
CA TYR E 109 -36.80 14.67 46.63
C TYR E 109 -36.25 13.33 46.18
N ASP E 110 -36.58 12.28 46.92
CA ASP E 110 -36.09 10.94 46.59
C ASP E 110 -37.11 10.15 45.80
N CYS E 111 -36.81 9.91 44.53
CA CYS E 111 -37.72 9.16 43.66
C CYS E 111 -37.22 7.75 43.40
N GLY E 112 -36.29 7.28 44.22
CA GLY E 112 -35.75 5.94 44.05
C GLY E 112 -34.66 5.82 43.00
N GLU E 113 -33.88 4.75 43.09
CA GLU E 113 -32.77 4.50 42.17
C GLU E 113 -33.12 4.08 40.75
N VAL E 114 -34.36 3.65 40.51
CA VAL E 114 -34.72 3.22 39.16
C VAL E 114 -35.76 4.13 38.50
N ALA E 115 -36.07 5.24 39.14
CA ALA E 115 -37.04 6.17 38.60
C ALA E 115 -36.40 7.48 38.15
N ARG E 116 -36.94 8.05 37.08
CA ARG E 116 -36.47 9.31 36.55
C ARG E 116 -37.16 10.43 37.32
N PRO E 117 -36.40 11.47 37.70
CA PRO E 117 -36.99 12.59 38.45
C PRO E 117 -38.18 13.18 37.70
N ASP E 118 -39.34 13.24 38.37
CA ASP E 118 -40.54 13.80 37.76
C ASP E 118 -40.46 15.32 37.78
N VAL E 119 -40.38 15.93 36.60
CA VAL E 119 -40.28 17.38 36.48
C VAL E 119 -41.46 18.12 37.10
N GLN E 120 -42.67 17.66 36.81
CA GLN E 120 -43.84 18.31 37.39
C GLN E 120 -43.85 18.21 38.91
N ALA E 121 -43.35 17.10 39.44
CA ALA E 121 -43.29 16.93 40.89
C ALA E 121 -42.34 17.96 41.50
N ILE E 122 -41.24 18.23 40.79
CA ILE E 122 -40.26 19.21 41.26
C ILE E 122 -40.90 20.59 41.24
N ASP E 123 -41.74 20.84 40.24
CA ASP E 123 -42.43 22.12 40.13
C ASP E 123 -43.35 22.30 41.33
N ALA E 124 -44.02 21.20 41.71
CA ALA E 124 -44.95 21.25 42.85
C ALA E 124 -44.18 21.57 44.13
N ILE E 125 -43.01 20.96 44.30
CA ILE E 125 -42.20 21.20 45.49
C ILE E 125 -41.82 22.67 45.58
N LEU E 126 -41.38 23.23 44.44
CA LEU E 126 -40.98 24.63 44.40
C LEU E 126 -42.14 25.57 44.75
N ASN E 127 -43.36 25.17 44.38
CA ASN E 127 -44.53 26.00 44.69
C ASN E 127 -44.92 25.81 46.14
N ALA E 128 -44.84 24.56 46.61
CA ALA E 128 -45.19 24.23 47.98
C ALA E 128 -44.27 24.88 49.01
N ASP E 129 -42.97 24.90 48.72
CA ASP E 129 -42.01 25.46 49.64
C ASP E 129 -41.18 26.60 49.03
N PRO E 130 -41.68 27.84 49.11
CA PRO E 130 -40.99 29.01 48.56
C PRO E 130 -39.67 29.32 49.27
N THR E 131 -39.41 28.61 50.37
CA THR E 131 -38.18 28.80 51.13
C THR E 131 -36.96 28.23 50.42
N ILE E 132 -37.20 27.30 49.49
CA ILE E 132 -36.11 26.69 48.73
C ILE E 132 -35.45 27.78 47.85
N SER E 133 -34.13 27.82 47.85
CA SER E 133 -33.41 28.81 47.07
C SER E 133 -32.46 28.18 46.07
N HIS E 134 -32.12 26.92 46.27
CA HIS E 134 -31.22 26.20 45.39
C HIS E 134 -31.78 24.84 44.99
N ILE E 135 -31.32 24.35 43.84
CA ILE E 135 -31.73 23.05 43.31
C ILE E 135 -30.44 22.32 42.91
N ALA E 136 -30.27 21.11 43.42
CA ALA E 136 -29.09 20.31 43.10
C ALA E 136 -29.54 18.96 42.55
N VAL E 138 -28.01 15.38 40.02
CA VAL E 138 -26.96 14.71 39.29
C VAL E 138 -27.41 14.57 37.84
N HIS E 139 -26.50 14.78 36.91
CA HIS E 139 -26.84 14.66 35.49
C HIS E 139 -26.84 13.18 35.12
N SER E 140 -25.65 12.58 35.20
CA SER E 140 -25.48 11.16 34.89
C SER E 140 -25.30 10.38 36.20
N GLU E 141 -26.34 9.66 36.59
CA GLU E 141 -26.28 8.87 37.82
C GLU E 141 -25.62 7.52 37.53
N THR E 142 -24.31 7.49 37.73
CA THR E 142 -23.48 6.32 37.48
C THR E 142 -23.88 5.07 38.25
N THR E 143 -24.69 5.25 39.28
CA THR E 143 -25.16 4.14 40.11
C THR E 143 -25.92 3.13 39.27
N THR E 144 -26.72 3.63 38.33
CA THR E 144 -27.54 2.78 37.49
C THR E 144 -27.42 3.06 35.99
N GLY E 145 -26.70 4.12 35.63
CA GLY E 145 -26.55 4.46 34.23
C GLY E 145 -27.73 5.33 33.82
N LEU E 147 -29.90 8.73 33.27
CA LEU E 147 -29.60 10.09 32.81
C LEU E 147 -30.76 11.00 33.22
N ASN E 148 -30.47 11.99 34.06
CA ASN E 148 -31.52 12.90 34.52
C ASN E 148 -31.75 14.09 33.60
N PRO E 149 -32.95 14.68 33.64
CA PRO E 149 -33.32 15.82 32.80
C PRO E 149 -32.86 17.18 33.33
N ILE E 150 -31.55 17.44 33.25
CA ILE E 150 -31.00 18.69 33.74
C ILE E 150 -31.58 19.87 32.96
N ASP E 151 -31.94 19.61 31.71
CA ASP E 151 -32.53 20.60 30.83
C ASP E 151 -33.87 21.13 31.38
N GLU E 152 -34.82 20.23 31.54
CA GLU E 152 -36.14 20.59 32.04
C GLU E 152 -36.10 21.18 33.45
N VAL E 153 -35.24 20.63 34.31
CA VAL E 153 -35.16 21.14 35.67
C VAL E 153 -34.54 22.53 35.67
N GLY E 154 -33.65 22.79 34.71
CA GLY E 154 -33.04 24.11 34.61
C GLY E 154 -34.06 25.17 34.24
N ALA E 155 -35.01 24.80 33.37
CA ALA E 155 -36.06 25.73 32.96
C ALA E 155 -36.85 26.09 34.21
N LEU E 156 -37.06 25.10 35.06
CA LEU E 156 -37.78 25.28 36.31
C LEU E 156 -36.99 26.22 37.22
N ALA E 157 -35.68 25.97 37.32
CA ALA E 157 -34.82 26.80 38.15
C ALA E 157 -34.88 28.25 37.68
N HIS E 158 -34.90 28.43 36.37
CA HIS E 158 -34.93 29.76 35.78
C HIS E 158 -36.29 30.43 36.01
N ARG E 159 -37.36 29.67 35.82
CA ARG E 159 -38.71 30.20 36.01
C ARG E 159 -38.91 30.73 37.43
N TYR E 160 -38.49 29.95 38.43
CA TYR E 160 -38.65 30.36 39.83
C TYR E 160 -37.45 31.08 40.44
N GLY E 161 -36.46 31.38 39.63
CA GLY E 161 -35.29 32.09 40.12
C GLY E 161 -34.47 31.39 41.19
N LYS E 162 -34.19 30.10 41.01
CA LYS E 162 -33.40 29.35 41.97
C LYS E 162 -31.99 29.12 41.42
N THR E 163 -31.00 29.01 42.31
CA THR E 163 -29.64 28.76 41.90
C THR E 163 -29.58 27.27 41.59
N TYR E 164 -29.09 26.93 40.39
CA TYR E 164 -29.04 25.55 39.92
C TYR E 164 -27.65 24.90 39.97
N ILE E 165 -27.53 23.81 40.72
CA ILE E 165 -26.28 23.07 40.87
C ILE E 165 -26.41 21.72 40.18
N VAL E 166 -25.47 21.41 39.29
CA VAL E 166 -25.52 20.14 38.58
C VAL E 166 -24.24 19.32 38.71
N ASP E 167 -24.39 18.10 39.22
CA ASP E 167 -23.26 17.18 39.36
C ASP E 167 -23.14 16.44 38.03
N ALA E 168 -22.26 16.90 37.15
CA ALA E 168 -22.05 16.27 35.86
C ALA E 168 -20.72 15.52 35.85
N SER E 170 -19.94 12.38 35.63
CA SER E 170 -19.81 11.37 34.58
C SER E 170 -20.45 11.71 33.25
N SER E 171 -20.71 12.98 33.00
CA SER E 171 -21.32 13.37 31.72
C SER E 171 -20.54 14.45 31.00
N PHE E 172 -20.06 15.45 31.75
CA PHE E 172 -19.31 16.55 31.14
C PHE E 172 -18.12 16.04 30.34
N GLY E 173 -18.03 16.47 29.09
CA GLY E 173 -16.95 16.04 28.22
C GLY E 173 -17.38 14.86 27.36
N GLY E 174 -18.48 14.23 27.73
CA GLY E 174 -18.97 13.09 26.96
C GLY E 174 -20.36 13.28 26.39
N ILE E 175 -21.07 14.31 26.85
CA ILE E 175 -22.42 14.60 26.37
C ILE E 175 -22.52 16.10 26.10
N PRO E 176 -22.91 16.47 24.87
CA PRO E 176 -23.03 17.89 24.51
C PRO E 176 -23.91 18.67 25.47
N ASP E 178 -24.50 23.08 27.05
CA ASP E 178 -24.10 24.48 27.18
C ASP E 178 -24.78 24.86 28.48
N ILE E 179 -24.00 24.91 29.55
CA ILE E 179 -24.54 25.22 30.86
C ILE E 179 -25.24 26.57 30.97
N ALA E 180 -24.91 27.50 30.09
CA ALA E 180 -25.54 28.82 30.11
C ALA E 180 -26.98 28.66 29.66
N ALA E 181 -27.18 27.95 28.56
CA ALA E 181 -28.52 27.73 28.02
C ALA E 181 -29.36 26.87 28.96
N LEU E 182 -28.70 26.01 29.72
CA LEU E 182 -29.39 25.13 30.66
C LEU E 182 -29.63 25.82 32.00
N HIS E 183 -29.21 27.09 32.08
CA HIS E 183 -29.38 27.88 33.30
C HIS E 183 -28.65 27.28 34.50
N ILE E 184 -27.49 26.68 34.24
CA ILE E 184 -26.72 26.07 35.32
C ILE E 184 -25.74 27.07 35.93
N ASP E 185 -25.83 27.23 37.24
CA ASP E 185 -24.98 28.16 37.97
C ASP E 185 -23.67 27.54 38.44
N TYR E 186 -23.70 26.25 38.71
CA TYR E 186 -22.51 25.53 39.15
C TYR E 186 -22.50 24.15 38.51
N LEU E 187 -21.49 23.91 37.67
CA LEU E 187 -21.33 22.64 36.99
C LEU E 187 -20.13 21.95 37.61
N ILE E 188 -20.37 20.79 38.20
CA ILE E 188 -19.31 20.04 38.85
C ILE E 188 -18.93 18.85 37.98
N SER E 189 -17.65 18.63 37.77
CA SER E 189 -17.23 17.48 36.97
C SER E 189 -15.88 16.93 37.39
N SER E 190 -15.51 15.79 36.79
CA SER E 190 -14.29 15.09 37.10
C SER E 190 -13.19 15.23 36.06
N ALA E 191 -11.96 14.99 36.49
CA ALA E 191 -10.83 15.06 35.59
C ALA E 191 -10.55 13.69 35.00
N ASN E 192 -11.06 12.64 35.66
CA ASN E 192 -10.81 11.27 35.21
C ASN E 192 -11.95 10.45 34.64
N LYS E 193 -12.93 11.10 34.00
CA LYS E 193 -14.02 10.35 33.40
C LYS E 193 -14.12 10.65 31.91
N CYS E 194 -15.18 11.32 31.48
CA CYS E 194 -15.36 11.61 30.06
C CYS E 194 -14.20 12.38 29.43
N ILE E 195 -13.52 13.22 30.20
CA ILE E 195 -12.40 13.97 29.66
C ILE E 195 -11.21 13.04 29.50
N GLN E 196 -11.28 11.89 30.18
CA GLN E 196 -10.25 10.87 30.13
C GLN E 196 -8.91 11.31 30.68
N GLY E 197 -8.96 12.16 31.70
CA GLY E 197 -7.75 12.61 32.34
C GLY E 197 -7.45 11.60 33.44
N VAL E 198 -6.59 12.00 34.37
CA VAL E 198 -6.19 11.14 35.47
C VAL E 198 -6.71 11.75 36.78
N PRO E 199 -7.06 10.93 37.78
CA PRO E 199 -7.56 11.48 39.05
C PRO E 199 -6.52 12.31 39.80
N GLY E 200 -6.99 13.18 40.68
CA GLY E 200 -6.10 14.03 41.44
C GLY E 200 -6.75 15.33 41.85
N PHE E 201 -7.67 15.81 41.03
CA PHE E 201 -8.39 17.03 41.31
C PHE E 201 -9.70 17.01 40.53
N ALA E 202 -10.62 17.90 40.90
CA ALA E 202 -11.90 18.00 40.22
C ALA E 202 -12.08 19.48 39.91
N PHE E 203 -13.23 19.88 39.36
CA PHE E 203 -13.41 21.28 39.03
C PHE E 203 -14.86 21.72 38.96
N VAL E 204 -15.06 23.02 39.10
CA VAL E 204 -16.39 23.60 39.05
C VAL E 204 -16.39 24.78 38.08
N ILE E 205 -17.32 24.75 37.13
CA ILE E 205 -17.46 25.83 36.16
C ILE E 205 -18.70 26.56 36.65
N ALA E 206 -18.53 27.80 37.08
CA ALA E 206 -19.65 28.55 37.62
C ALA E 206 -19.93 29.88 36.96
N ARG E 207 -21.14 30.39 37.16
CA ARG E 207 -21.53 31.68 36.61
C ARG E 207 -20.84 32.64 37.57
N GLU E 208 -19.93 33.45 37.04
CA GLU E 208 -19.18 34.38 37.87
C GLU E 208 -20.03 35.26 38.79
N GLN E 209 -21.17 35.73 38.28
CA GLN E 209 -22.04 36.59 39.07
C GLN E 209 -22.49 35.90 40.36
N LYS E 210 -22.62 34.58 40.31
CA LYS E 210 -23.03 33.81 41.48
C LYS E 210 -21.88 33.58 42.45
N LEU E 211 -20.78 33.03 41.94
CA LEU E 211 -19.61 32.73 42.76
C LEU E 211 -19.04 33.98 43.42
N ALA E 212 -19.04 35.09 42.69
CA ALA E 212 -18.51 36.36 43.20
C ALA E 212 -19.14 36.81 44.51
N ALA E 213 -20.32 36.29 44.84
CA ALA E 213 -21.00 36.68 46.06
C ALA E 213 -20.90 35.63 47.17
N CYS E 214 -19.95 34.71 47.05
CA CYS E 214 -19.82 33.66 48.05
C CYS E 214 -18.69 33.81 49.08
N LYS E 215 -18.15 35.02 49.20
CA LYS E 215 -17.07 35.25 50.16
C LYS E 215 -17.52 35.02 51.59
N GLY E 216 -16.82 34.15 52.32
CA GLY E 216 -17.17 33.88 53.69
C GLY E 216 -18.25 32.86 53.92
N HIS E 217 -18.71 32.21 52.86
CA HIS E 217 -19.75 31.19 53.00
C HIS E 217 -19.20 29.90 53.60
N SER E 218 -18.05 29.46 53.11
CA SER E 218 -17.43 28.21 53.55
C SER E 218 -16.82 28.23 54.95
N ARG E 219 -17.16 27.23 55.74
CA ARG E 219 -16.62 27.13 57.08
C ARG E 219 -15.36 26.29 56.98
N SER E 220 -15.11 25.84 55.75
CA SER E 220 -13.94 25.03 55.46
C SER E 220 -12.89 25.80 54.66
N LEU E 221 -11.66 25.82 55.15
CA LEU E 221 -10.59 26.51 54.44
C LEU E 221 -10.23 25.76 53.17
N SER E 222 -9.99 24.45 53.29
CA SER E 222 -9.63 23.61 52.16
C SER E 222 -10.65 23.59 51.02
N LEU E 223 -11.92 23.55 51.38
CA LEU E 223 -13.00 23.49 50.40
C LEU E 223 -13.70 24.82 50.15
N ASP E 224 -13.00 25.93 50.37
CA ASP E 224 -13.61 27.24 50.14
C ASP E 224 -13.47 27.58 48.66
N LEU E 225 -14.50 27.23 47.89
CA LEU E 225 -14.51 27.47 46.46
C LEU E 225 -14.30 28.94 46.10
N TYR E 226 -14.78 29.85 46.93
CA TYR E 226 -14.60 31.27 46.64
C TYR E 226 -13.14 31.69 46.78
N ALA E 227 -12.53 31.35 47.92
CA ALA E 227 -11.13 31.69 48.16
C ALA E 227 -10.22 31.07 47.10
N GLN E 228 -10.49 29.81 46.78
CA GLN E 228 -9.72 29.09 45.76
C GLN E 228 -9.79 29.86 44.45
N TRP E 229 -11.00 30.24 44.06
CA TRP E 229 -11.22 30.97 42.81
C TRP E 229 -10.56 32.34 42.76
N ARG E 230 -10.68 33.11 43.83
CA ARG E 230 -10.09 34.44 43.85
C ARG E 230 -8.57 34.40 43.77
N CYS E 231 -7.97 33.34 44.30
CA CYS E 231 -6.52 33.21 44.24
C CYS E 231 -6.09 32.95 42.80
N GLU E 233 -7.80 33.78 40.21
CA GLU E 233 -8.19 35.00 39.51
C GLU E 233 -7.20 36.14 39.77
N ASP E 234 -6.74 36.25 41.02
CA ASP E 234 -5.80 37.31 41.38
C ASP E 234 -4.34 36.99 41.12
N ASN E 235 -3.98 35.71 41.13
CA ASN E 235 -2.59 35.34 40.95
C ASN E 235 -2.27 34.45 39.75
N HIS E 236 -2.85 34.79 38.61
CA HIS E 236 -2.61 34.06 37.37
C HIS E 236 -2.72 32.54 37.45
N GLY E 237 -3.82 32.04 38.00
CA GLY E 237 -4.03 30.61 38.10
C GLY E 237 -3.42 29.86 39.27
N LYS E 238 -2.74 30.57 40.15
CA LYS E 238 -2.12 29.92 41.29
C LYS E 238 -3.11 29.24 42.24
N TRP E 239 -2.76 28.02 42.65
CA TRP E 239 -3.60 27.27 43.59
C TRP E 239 -3.14 27.74 44.97
N ARG E 240 -4.08 27.92 45.91
CA ARG E 240 -3.72 28.35 47.25
C ARG E 240 -2.70 27.42 47.89
N PHE E 241 -2.98 26.12 47.83
CA PHE E 241 -2.10 25.11 48.40
C PHE E 241 -1.49 24.24 47.30
N THR E 242 -0.60 23.33 47.69
CA THR E 242 0.06 22.45 46.72
C THR E 242 -0.96 21.72 45.86
N SER E 243 -0.69 21.68 44.55
CA SER E 243 -1.58 21.00 43.62
C SER E 243 -0.90 19.76 43.05
N PRO E 244 -1.71 18.79 42.55
CA PRO E 244 -1.14 17.57 41.98
C PRO E 244 -0.69 17.86 40.55
N THR E 245 0.38 18.65 40.43
CA THR E 245 0.93 19.07 39.15
C THR E 245 0.97 17.99 38.05
N HIS E 246 1.49 16.82 38.39
CA HIS E 246 1.59 15.73 37.43
C HIS E 246 0.24 15.38 36.80
N THR E 247 -0.79 15.27 37.65
CA THR E 247 -2.12 14.94 37.18
C THR E 247 -2.70 16.10 36.37
N VAL E 248 -2.26 17.31 36.67
CA VAL E 248 -2.73 18.49 35.96
C VAL E 248 -2.12 18.49 34.56
N LEU E 249 -0.85 18.10 34.45
CA LEU E 249 -0.21 18.04 33.15
C LEU E 249 -0.95 17.01 32.30
N ALA E 250 -1.36 15.93 32.95
CA ALA E 250 -2.08 14.86 32.26
C ALA E 250 -3.43 15.35 31.75
N PHE E 251 -4.10 16.17 32.56
CA PHE E 251 -5.41 16.70 32.18
C PHE E 251 -5.28 17.59 30.95
N ALA E 252 -4.20 18.37 30.90
CA ALA E 252 -3.98 19.26 29.75
C ALA E 252 -3.88 18.41 28.50
N GLN E 253 -3.18 17.28 28.61
CA GLN E 253 -3.02 16.38 27.47
C GLN E 253 -4.36 15.73 27.09
N ALA E 254 -5.14 15.35 28.09
CA ALA E 254 -6.44 14.73 27.84
C ALA E 254 -7.34 15.73 27.12
N LEU E 255 -7.20 17.01 27.49
CA LEU E 255 -7.96 18.09 26.89
C LEU E 255 -7.58 18.24 25.41
N LYS E 256 -6.27 18.15 25.13
CA LYS E 256 -5.77 18.26 23.76
C LYS E 256 -6.25 17.09 22.91
N GLU E 257 -6.28 15.91 23.50
CA GLU E 257 -6.71 14.71 22.77
C GLU E 257 -8.23 14.71 22.54
N LEU E 258 -8.97 15.38 23.42
CA LEU E 258 -10.41 15.48 23.27
C LEU E 258 -10.65 16.36 22.04
N ALA E 259 -9.85 17.42 21.91
CA ALA E 259 -9.97 18.33 20.78
C ALA E 259 -9.61 17.60 19.50
N LYS E 260 -8.55 16.80 19.55
CA LYS E 260 -8.10 16.04 18.39
C LYS E 260 -9.16 15.03 17.93
N GLU E 261 -9.88 14.45 18.87
CA GLU E 261 -10.91 13.47 18.53
C GLU E 261 -12.09 14.14 17.82
N GLY E 262 -12.28 15.43 18.08
CA GLY E 262 -13.37 16.15 17.46
C GLY E 262 -14.29 16.81 18.47
N GLY E 263 -13.82 16.95 19.71
CA GLY E 263 -14.63 17.58 20.74
C GLY E 263 -15.69 16.68 21.34
N VAL E 264 -16.52 17.25 22.21
CA VAL E 264 -17.58 16.50 22.88
C VAL E 264 -18.51 15.79 21.88
N ALA E 265 -18.85 16.48 20.80
CA ALA E 265 -19.74 15.91 19.78
C ALA E 265 -19.24 14.56 19.28
N ALA E 266 -17.95 14.48 18.99
CA ALA E 266 -17.36 13.24 18.48
C ALA E 266 -17.20 12.20 19.58
N ARG E 267 -16.73 12.60 20.75
CA ARG E 267 -16.55 11.64 21.85
C ARG E 267 -17.91 11.09 22.26
N HIS E 268 -18.93 11.94 22.23
CA HIS E 268 -20.28 11.53 22.59
C HIS E 268 -20.74 10.46 21.59
N GLN E 269 -20.49 10.68 20.31
CA GLN E 269 -20.88 9.71 19.30
C GLN E 269 -20.20 8.36 19.55
N ARG E 270 -18.92 8.40 19.93
CA ARG E 270 -18.19 7.16 20.20
C ARG E 270 -18.78 6.43 21.41
N TYR E 271 -18.97 7.17 22.51
CA TYR E 271 -19.52 6.59 23.73
C TYR E 271 -20.91 6.00 23.50
N GLN E 272 -21.77 6.79 22.87
CA GLN E 272 -23.14 6.38 22.59
C GLN E 272 -23.20 5.10 21.75
N GLN E 273 -22.42 5.04 20.68
CA GLN E 273 -22.42 3.86 19.83
C GLN E 273 -21.93 2.61 20.54
N ASN E 274 -20.88 2.75 21.35
CA ASN E 274 -20.35 1.60 22.07
C ASN E 274 -21.28 1.13 23.19
N GLN E 275 -22.08 2.04 23.71
CA GLN E 275 -23.03 1.71 24.78
C GLN E 275 -24.20 0.95 24.16
N ARG E 276 -24.64 1.38 22.98
CA ARG E 276 -25.73 0.72 22.28
C ARG E 276 -25.30 -0.64 21.73
N SER E 277 -24.05 -0.75 21.32
CA SER E 277 -23.54 -2.02 20.81
C SER E 277 -23.33 -2.99 21.96
N LEU E 278 -22.95 -2.45 23.11
CA LEU E 278 -22.75 -3.28 24.29
C LEU E 278 -24.09 -3.86 24.73
N VAL E 279 -25.09 -2.99 24.85
CA VAL E 279 -26.42 -3.42 25.26
C VAL E 279 -26.96 -4.51 24.35
N ALA E 280 -26.93 -4.27 23.03
CA ALA E 280 -27.42 -5.25 22.06
C ALA E 280 -26.69 -6.58 22.20
N GLY E 281 -25.36 -6.52 22.31
CA GLY E 281 -24.59 -7.73 22.44
C GLY E 281 -24.87 -8.53 23.71
N ARG E 283 -27.60 -8.48 25.51
CA ARG E 283 -28.96 -9.01 25.45
C ARG E 283 -28.97 -10.28 24.62
N ALA E 284 -28.17 -10.30 23.55
CA ALA E 284 -28.09 -11.47 22.69
C ALA E 284 -27.47 -12.65 23.45
N LEU E 285 -26.71 -12.33 24.50
CA LEU E 285 -26.07 -13.36 25.31
C LEU E 285 -26.96 -13.81 26.47
N GLY E 286 -28.12 -13.17 26.61
CA GLY E 286 -29.04 -13.54 27.67
C GLY E 286 -29.19 -12.58 28.82
N PHE E 287 -28.37 -11.53 28.86
CA PHE E 287 -28.46 -10.55 29.95
C PHE E 287 -29.56 -9.52 29.70
N ASN E 288 -30.09 -8.97 30.78
CA ASN E 288 -31.14 -7.97 30.71
C ASN E 288 -30.73 -6.71 31.46
N THR E 289 -31.00 -5.56 30.86
CA THR E 289 -30.66 -4.28 31.46
C THR E 289 -31.59 -3.94 32.61
N LEU E 290 -31.06 -3.23 33.60
CA LEU E 290 -31.84 -2.82 34.76
C LEU E 290 -32.87 -1.78 34.33
N LEU E 291 -32.45 -0.86 33.47
CA LEU E 291 -33.34 0.21 33.01
C LEU E 291 -33.75 0.10 31.54
N ASP E 292 -34.84 0.77 31.20
CA ASP E 292 -35.34 0.80 29.83
C ASP E 292 -34.38 1.68 29.05
N ASP E 293 -34.20 1.37 27.77
CA ASP E 293 -33.29 2.10 26.92
C ASP E 293 -33.47 3.62 26.93
N GLU E 294 -34.70 4.08 27.03
CA GLU E 294 -34.98 5.52 27.02
C GLU E 294 -34.33 6.23 28.22
N LEU E 295 -34.03 5.47 29.27
CA LEU E 295 -33.43 6.03 30.47
C LEU E 295 -31.89 5.90 30.49
N HIS E 296 -31.36 5.22 29.49
CA HIS E 296 -29.91 4.99 29.38
C HIS E 296 -29.07 6.23 29.14
N SER E 297 -27.85 6.20 29.67
CA SER E 297 -26.89 7.28 29.45
C SER E 297 -25.83 6.58 28.59
N PRO E 298 -25.00 7.34 27.87
CA PRO E 298 -23.98 6.70 27.04
C PRO E 298 -22.68 6.47 27.80
N ILE E 299 -22.77 6.45 29.13
CA ILE E 299 -21.59 6.30 29.97
C ILE E 299 -21.37 4.92 30.58
N ILE E 300 -22.42 4.36 31.18
CA ILE E 300 -22.32 3.05 31.81
C ILE E 300 -23.68 2.37 31.81
N THR E 301 -23.69 1.04 31.95
CA THR E 301 -24.94 0.28 31.95
C THR E 301 -24.97 -0.77 33.04
N ALA E 302 -26.12 -0.91 33.67
CA ALA E 302 -26.31 -1.89 34.74
C ALA E 302 -27.13 -3.06 34.22
N PHE E 303 -26.66 -4.28 34.50
CA PHE E 303 -27.37 -5.47 34.06
C PHE E 303 -27.70 -6.33 35.28
N TYR E 304 -28.83 -7.03 35.22
CA TYR E 304 -29.23 -7.89 36.32
C TYR E 304 -28.23 -9.04 36.42
N SER E 305 -27.88 -9.39 37.65
CA SER E 305 -26.95 -10.49 37.86
C SER E 305 -27.68 -11.78 37.57
N PRO E 306 -27.02 -12.75 36.91
CA PRO E 306 -27.69 -14.02 36.62
C PRO E 306 -28.22 -14.62 37.93
N GLU E 307 -29.34 -15.33 37.87
CA GLU E 307 -29.90 -15.93 39.06
C GLU E 307 -29.45 -17.37 39.26
N ASP E 308 -28.73 -17.91 38.27
CA ASP E 308 -28.23 -19.27 38.35
C ASP E 308 -27.48 -19.43 39.68
N PRO E 309 -27.81 -20.48 40.45
CA PRO E 309 -27.14 -20.72 41.74
C PRO E 309 -25.62 -20.79 41.67
N GLN E 310 -25.09 -21.13 40.49
CA GLN E 310 -23.64 -21.23 40.30
C GLN E 310 -22.99 -19.86 40.14
N TYR E 311 -23.77 -18.86 39.74
CA TYR E 311 -23.23 -17.53 39.53
C TYR E 311 -22.71 -16.84 40.78
N ARG E 312 -21.56 -16.17 40.61
CA ARG E 312 -20.89 -15.41 41.66
C ARG E 312 -20.16 -14.28 40.93
N PHE E 313 -20.42 -13.03 41.31
CA PHE E 313 -19.76 -11.92 40.64
C PHE E 313 -18.25 -12.07 40.71
N SER E 314 -17.75 -12.48 41.88
CA SER E 314 -16.32 -12.64 42.07
C SER E 314 -15.70 -13.55 41.02
N GLU E 315 -16.29 -14.71 40.77
CA GLU E 315 -15.73 -15.63 39.78
C GLU E 315 -15.89 -15.08 38.36
N PHE E 316 -17.08 -14.55 38.05
CA PHE E 316 -17.34 -13.97 36.74
C PHE E 316 -16.33 -12.87 36.45
N TYR E 317 -16.10 -12.01 37.44
CA TYR E 317 -15.16 -10.90 37.32
C TYR E 317 -13.75 -11.40 37.05
N ARG E 318 -13.32 -12.41 37.80
CA ARG E 318 -11.98 -12.99 37.64
C ARG E 318 -11.77 -13.56 36.23
N ARG E 319 -12.72 -14.36 35.77
CA ARG E 319 -12.62 -14.97 34.44
C ARG E 319 -12.51 -13.91 33.34
N LEU E 320 -13.19 -12.79 33.53
CA LEU E 320 -13.14 -11.70 32.55
C LEU E 320 -11.78 -10.99 32.61
N LYS E 321 -11.25 -10.83 33.83
CA LYS E 321 -9.95 -10.18 34.00
C LYS E 321 -8.87 -10.96 33.25
N GLU E 322 -8.90 -12.28 33.40
CA GLU E 322 -7.93 -13.14 32.74
C GLU E 322 -7.90 -12.86 31.25
N GLN E 323 -9.04 -12.45 30.70
CA GLN E 323 -9.15 -12.16 29.28
C GLN E 323 -8.82 -10.72 28.93
N GLY E 324 -8.51 -9.92 29.94
CA GLY E 324 -8.16 -8.53 29.71
C GLY E 324 -9.26 -7.50 29.89
N PHE E 325 -10.34 -7.86 30.57
CA PHE E 325 -11.44 -6.92 30.77
C PHE E 325 -11.84 -6.82 32.24
N VAL E 326 -11.87 -5.58 32.73
CA VAL E 326 -12.24 -5.32 34.12
C VAL E 326 -13.65 -4.75 34.18
N ILE E 327 -14.56 -5.53 34.77
CA ILE E 327 -15.95 -5.14 34.91
C ILE E 327 -16.16 -4.42 36.24
N TYR E 328 -17.38 -3.98 36.52
CA TYR E 328 -17.66 -3.26 37.75
C TYR E 328 -18.83 -3.82 38.55
N PRO E 329 -18.71 -3.83 39.88
CA PRO E 329 -19.80 -4.37 40.70
C PRO E 329 -20.99 -3.41 40.64
N GLY E 330 -22.17 -3.91 40.96
CA GLY E 330 -23.35 -3.08 40.94
C GLY E 330 -23.89 -2.91 42.34
N LYS E 331 -24.10 -1.67 42.75
CA LYS E 331 -24.64 -1.43 44.08
C LYS E 331 -26.00 -0.77 44.00
N VAL E 332 -26.97 -1.52 43.49
CA VAL E 332 -28.34 -1.04 43.39
C VAL E 332 -29.07 -1.64 44.58
N SER E 333 -29.48 -0.79 45.50
CA SER E 333 -30.17 -1.23 46.70
C SER E 333 -31.32 -2.20 46.45
N GLN E 334 -32.22 -1.82 45.55
CA GLN E 334 -33.40 -2.64 45.25
C GLN E 334 -33.17 -3.92 44.45
N SER E 335 -32.07 -4.00 43.70
CA SER E 335 -31.83 -5.20 42.89
C SER E 335 -30.37 -5.63 42.82
N ASP E 336 -30.15 -6.86 42.37
CA ASP E 336 -28.82 -7.41 42.23
C ASP E 336 -28.31 -7.21 40.81
N CYS E 337 -27.36 -6.30 40.63
CA CYS E 337 -26.81 -6.00 39.30
C CYS E 337 -25.29 -5.90 39.31
N PHE E 338 -24.74 -5.72 38.12
CA PHE E 338 -23.31 -5.52 37.92
C PHE E 338 -23.28 -4.46 36.83
N ARG E 339 -22.15 -3.77 36.68
CA ARG E 339 -22.06 -2.72 35.68
C ARG E 339 -20.89 -2.85 34.72
N ILE E 340 -21.06 -2.26 33.55
CA ILE E 340 -20.03 -2.24 32.52
C ILE E 340 -19.99 -0.84 31.90
N GLY E 341 -18.91 -0.12 32.19
CA GLY E 341 -18.76 1.21 31.65
C GLY E 341 -18.20 1.11 30.25
N ASN E 342 -18.33 2.17 29.46
CA ASN E 342 -17.83 2.16 28.09
C ASN E 342 -17.08 3.44 27.72
N ILE E 343 -16.53 4.11 28.72
CA ILE E 343 -15.79 5.35 28.47
C ILE E 343 -14.29 5.13 28.64
N GLY E 344 -13.51 6.12 28.22
CA GLY E 344 -12.07 6.00 28.30
C GLY E 344 -11.59 5.42 26.98
N GLU E 345 -10.46 4.71 26.99
CA GLU E 345 -9.94 4.13 25.76
C GLU E 345 -10.71 2.88 25.34
N VAL E 346 -12.00 3.06 25.04
CA VAL E 346 -12.88 1.98 24.60
C VAL E 346 -13.41 2.28 23.22
N TYR E 347 -13.20 1.36 22.28
CA TYR E 347 -13.68 1.54 20.91
C TYR E 347 -14.50 0.34 20.46
N ALA E 348 -15.13 0.46 19.29
CA ALA E 348 -15.96 -0.60 18.73
C ALA E 348 -15.32 -1.99 18.85
N ALA E 349 -14.08 -2.11 18.40
CA ALA E 349 -13.37 -3.39 18.47
C ALA E 349 -13.27 -3.91 19.89
N ASP E 350 -13.22 -3.00 20.86
CA ASP E 350 -13.12 -3.38 22.26
C ASP E 350 -14.43 -3.99 22.76
N ILE E 351 -15.54 -3.41 22.35
CA ILE E 351 -16.84 -3.92 22.73
C ILE E 351 -17.02 -5.32 22.16
N THR E 352 -16.68 -5.47 20.88
CA THR E 352 -16.79 -6.77 20.23
C THR E 352 -15.92 -7.78 20.97
N ALA E 353 -14.69 -7.39 21.28
CA ALA E 353 -13.78 -8.27 21.99
C ALA E 353 -14.34 -8.61 23.38
N LEU E 354 -14.97 -7.63 24.00
CA LEU E 354 -15.56 -7.82 25.32
C LEU E 354 -16.69 -8.85 25.28
N LEU E 355 -17.57 -8.74 24.29
CA LEU E 355 -18.68 -9.67 24.15
C LEU E 355 -18.19 -11.11 24.06
N THR E 356 -17.10 -11.31 23.32
CA THR E 356 -16.51 -12.64 23.17
C THR E 356 -16.02 -13.15 24.53
N ALA E 357 -15.40 -12.27 25.30
CA ALA E 357 -14.87 -12.62 26.60
C ALA E 357 -15.99 -13.00 27.56
N ILE E 358 -17.13 -12.33 27.42
CA ILE E 358 -18.29 -12.58 28.27
C ILE E 358 -18.80 -14.01 28.06
N ARG E 359 -18.98 -14.40 26.80
CA ARG E 359 -19.46 -15.74 26.49
C ARG E 359 -18.52 -16.78 27.10
N THR E 360 -17.22 -16.52 27.00
CA THR E 360 -16.21 -17.43 27.54
C THR E 360 -16.27 -17.47 29.07
N ALA E 361 -16.68 -16.38 29.68
CA ALA E 361 -16.76 -16.28 31.13
C ALA E 361 -18.09 -16.78 31.72
N TYR E 363 -19.48 -19.31 32.80
CA TYR E 363 -19.25 -20.66 33.30
C TYR E 363 -20.50 -21.39 33.79
N TRP E 364 -21.51 -20.65 34.22
CA TRP E 364 -22.74 -21.26 34.72
C TRP E 364 -23.64 -21.75 33.58
N THR E 365 -23.15 -21.60 32.35
CA THR E 365 -23.89 -22.04 31.17
C THR E 365 -23.42 -23.43 30.75
N ASN F 4 17.07 20.92 31.37
CA ASN F 4 16.85 20.27 32.69
C ASN F 4 16.86 21.30 33.82
N TYR F 5 16.01 21.09 34.82
CA TYR F 5 15.95 22.00 35.96
C TYR F 5 15.98 21.22 37.27
N LEU F 6 16.56 21.84 38.29
CA LEU F 6 16.62 21.22 39.61
C LEU F 6 15.78 22.10 40.52
N LEU F 7 14.76 21.51 41.13
CA LEU F 7 13.89 22.26 42.03
C LEU F 7 14.38 22.29 43.48
N LEU F 8 14.89 23.46 43.88
CA LEU F 8 15.37 23.66 45.24
C LEU F 8 14.22 24.28 46.01
N THR F 9 13.09 23.60 45.98
CA THR F 9 11.87 24.05 46.63
C THR F 9 11.59 23.14 47.82
N PRO F 10 10.56 23.48 48.60
CA PRO F 10 10.21 22.64 49.76
C PRO F 10 9.27 21.53 49.29
N GLY F 11 9.09 21.44 47.97
CA GLY F 11 8.21 20.44 47.40
C GLY F 11 6.91 21.11 46.94
N PRO F 12 6.30 20.68 45.81
CA PRO F 12 6.71 19.60 44.91
C PRO F 12 8.16 19.80 44.50
N LEU F 13 8.90 18.71 44.39
CA LEU F 13 10.30 18.80 44.05
C LEU F 13 10.73 17.93 42.88
N THR F 14 12.05 17.80 42.70
CA THR F 14 12.59 16.98 41.63
C THR F 14 12.61 15.54 42.09
N THR F 15 11.75 14.72 41.49
CA THR F 15 11.67 13.31 41.83
C THR F 15 12.55 12.51 40.89
N SER F 16 12.84 11.27 41.26
CA SER F 16 13.67 10.40 40.41
C SER F 16 12.90 10.01 39.17
N ARG F 17 13.63 9.55 38.14
CA ARG F 17 13.01 9.11 36.90
C ARG F 17 12.09 7.92 37.17
N THR F 18 12.57 6.99 37.99
CA THR F 18 11.80 5.80 38.33
C THR F 18 10.54 6.06 39.14
N VAL F 19 10.56 7.08 39.99
CA VAL F 19 9.36 7.39 40.78
C VAL F 19 8.26 7.83 39.81
N LYS F 20 8.64 8.63 38.82
CA LYS F 20 7.67 9.10 37.84
C LYS F 20 7.19 8.00 36.89
N GLU F 21 8.10 7.11 36.47
CA GLU F 21 7.72 6.03 35.57
C GLU F 21 6.80 5.04 36.28
N ALA F 22 6.79 5.08 37.60
CA ALA F 22 5.93 4.20 38.38
C ALA F 22 4.47 4.62 38.21
N LEU F 24 3.04 5.24 35.32
CA LEU F 24 2.54 4.78 34.03
C LEU F 24 1.67 3.53 34.03
N PHE F 25 0.66 3.51 34.89
CA PHE F 25 -0.24 2.37 35.00
C PHE F 25 -1.61 2.86 35.48
N ASP F 26 -2.68 2.35 34.87
CA ASP F 26 -4.03 2.70 35.28
C ASP F 26 -4.48 1.60 36.23
N SER F 27 -4.94 1.98 37.42
CA SER F 27 -5.39 1.00 38.41
C SER F 27 -6.90 1.01 38.60
N CYS F 28 -7.44 -0.14 38.97
CA CYS F 28 -8.88 -0.24 39.23
C CYS F 28 -9.05 -0.09 40.74
N THR F 29 -9.77 0.95 41.16
CA THR F 29 -9.97 1.22 42.57
C THR F 29 -10.78 0.19 43.37
N TRP F 30 -11.37 -0.78 42.68
CA TRP F 30 -12.16 -1.81 43.35
C TRP F 30 -11.40 -3.13 43.46
N ASP F 31 -10.32 -3.24 42.70
CA ASP F 31 -9.52 -4.46 42.68
C ASP F 31 -8.47 -4.57 43.78
N ASP F 32 -8.31 -5.77 44.33
CA ASP F 32 -7.34 -6.01 45.39
C ASP F 32 -5.90 -5.72 44.95
N ASP F 33 -5.64 -5.77 43.63
CA ASP F 33 -4.31 -5.50 43.13
C ASP F 33 -3.87 -4.12 43.60
N TYR F 34 -4.81 -3.19 43.65
CA TYR F 34 -4.55 -1.82 44.08
C TYR F 34 -4.65 -1.64 45.59
N ASN F 35 -5.84 -1.91 46.13
CA ASN F 35 -6.08 -1.75 47.56
C ASN F 35 -5.16 -2.57 48.46
N ILE F 36 -5.04 -3.87 48.18
CA ILE F 36 -4.18 -4.73 48.98
C ILE F 36 -2.73 -4.70 48.50
N GLY F 37 -2.54 -4.90 47.19
CA GLY F 37 -1.19 -4.91 46.64
C GLY F 37 -0.43 -3.61 46.76
N VAL F 38 -1.14 -2.49 46.82
CA VAL F 38 -0.47 -1.20 46.92
C VAL F 38 -0.83 -0.39 48.18
N VAL F 39 -2.09 -0.06 48.34
CA VAL F 39 -2.53 0.75 49.48
C VAL F 39 -2.15 0.16 50.83
N GLU F 40 -2.55 -1.09 51.10
CA GLU F 40 -2.25 -1.72 52.38
C GLU F 40 -0.74 -1.78 52.63
N GLN F 41 0.03 -1.99 51.56
CA GLN F 41 1.49 -2.05 51.69
C GLN F 41 2.00 -0.70 52.17
N ILE F 42 1.49 0.37 51.56
CA ILE F 42 1.90 1.72 51.92
C ILE F 42 1.53 2.02 53.37
N ARG F 43 0.31 1.66 53.77
CA ARG F 43 -0.14 1.92 55.14
C ARG F 43 0.76 1.27 56.19
N GLN F 44 1.14 0.01 55.97
CA GLN F 44 1.99 -0.70 56.92
C GLN F 44 3.38 -0.05 56.99
N GLN F 45 3.93 0.30 55.83
CA GLN F 45 5.23 0.93 55.76
C GLN F 45 5.28 2.30 56.42
N LEU F 46 4.21 3.08 56.28
CA LEU F 46 4.17 4.41 56.88
C LEU F 46 4.21 4.28 58.40
N THR F 47 3.41 3.36 58.93
CA THR F 47 3.36 3.13 60.36
C THR F 47 4.70 2.63 60.87
N ALA F 48 5.31 1.70 60.15
CA ALA F 48 6.61 1.15 60.53
C ALA F 48 7.69 2.23 60.52
N LEU F 49 7.58 3.18 59.59
CA LEU F 49 8.55 4.27 59.51
C LEU F 49 8.40 5.24 60.68
N ALA F 50 7.15 5.46 61.09
CA ALA F 50 6.82 6.38 62.15
C ALA F 50 7.17 5.94 63.57
N THR F 51 7.13 4.64 63.84
CA THR F 51 7.41 4.15 65.19
C THR F 51 7.75 2.67 65.25
N ALA F 52 8.39 2.28 66.34
CA ALA F 52 8.77 0.89 66.57
C ALA F 52 7.67 0.22 67.38
N SER F 53 6.73 1.02 67.89
CA SER F 53 5.64 0.51 68.71
C SER F 53 4.42 0.05 67.93
N GLU F 54 3.56 -0.70 68.61
CA GLU F 54 2.31 -1.17 68.05
C GLU F 54 1.30 -0.12 68.55
N GLY F 55 0.05 -0.23 68.11
CA GLY F 55 -0.94 0.73 68.57
C GLY F 55 -1.22 1.88 67.62
N TYR F 56 -0.47 1.98 66.53
CA TYR F 56 -0.69 3.04 65.57
C TYR F 56 -1.25 2.51 64.27
N THR F 57 -1.82 3.41 63.46
CA THR F 57 -2.41 3.05 62.18
C THR F 57 -2.31 4.24 61.24
N SER F 58 -2.31 3.97 59.94
CA SER F 58 -2.21 5.03 58.94
C SER F 58 -3.48 5.20 58.13
N VAL F 59 -3.76 6.45 57.76
CA VAL F 59 -4.92 6.77 56.94
C VAL F 59 -4.48 7.75 55.87
N LEU F 60 -4.85 7.46 54.62
CA LEU F 60 -4.49 8.32 53.49
C LEU F 60 -5.68 9.18 53.12
N LEU F 61 -5.42 10.42 52.72
CA LEU F 61 -6.50 11.35 52.36
C LEU F 61 -6.20 12.12 51.08
N GLN F 62 -7.15 12.10 50.15
CA GLN F 62 -7.00 12.82 48.88
C GLN F 62 -6.88 14.32 49.13
N GLY F 63 -6.03 14.98 48.34
CA GLY F 63 -5.85 16.41 48.50
C GLY F 63 -4.44 16.82 48.91
N SER F 64 -4.28 18.07 49.31
CA SER F 64 -2.97 18.56 49.74
C SER F 64 -2.81 18.35 51.24
N GLY F 65 -1.62 18.63 51.75
CA GLY F 65 -1.36 18.45 53.17
C GLY F 65 -2.31 19.21 54.09
N SER F 66 -2.66 20.42 53.69
CA SER F 66 -3.56 21.24 54.50
C SER F 66 -4.91 20.56 54.70
N TYR F 67 -5.30 19.74 53.72
CA TYR F 67 -6.56 19.00 53.81
C TYR F 67 -6.48 18.02 54.98
N ALA F 68 -5.34 17.34 55.09
CA ALA F 68 -5.13 16.37 56.17
C ALA F 68 -5.04 17.09 57.50
N VAL F 69 -4.46 18.28 57.50
CA VAL F 69 -4.36 19.07 58.72
C VAL F 69 -5.77 19.48 59.14
N GLU F 70 -6.58 19.90 58.15
CA GLU F 70 -7.95 20.31 58.45
C GLU F 70 -8.75 19.09 58.90
N ALA F 71 -8.51 17.94 58.26
CA ALA F 71 -9.19 16.70 58.60
C ALA F 71 -8.95 16.30 60.04
N VAL F 72 -7.72 16.48 60.51
CA VAL F 72 -7.38 16.13 61.89
C VAL F 72 -8.12 17.05 62.86
N LEU F 73 -8.10 18.36 62.59
CA LEU F 73 -8.77 19.32 63.44
C LEU F 73 -10.26 19.04 63.51
N GLY F 74 -10.84 18.57 62.41
CA GLY F 74 -12.27 18.29 62.39
C GLY F 74 -12.65 16.89 62.82
N SER F 75 -11.70 15.95 62.78
CA SER F 75 -11.99 14.57 63.15
C SER F 75 -11.42 14.16 64.50
N ALA F 76 -10.25 14.66 64.85
CA ALA F 76 -9.61 14.31 66.11
C ALA F 76 -10.21 15.00 67.33
N LEU F 77 -10.98 16.06 67.11
CA LEU F 77 -11.61 16.78 68.21
C LEU F 77 -13.13 16.69 68.21
N GLY F 78 -13.69 16.57 69.40
CA GLY F 78 -15.13 16.49 69.54
C GLY F 78 -15.67 17.91 69.71
N PRO F 79 -17.00 18.09 69.83
CA PRO F 79 -17.59 19.42 69.99
C PRO F 79 -17.22 20.15 71.28
N GLN F 80 -16.84 19.40 72.32
CA GLN F 80 -16.46 20.01 73.60
C GLN F 80 -14.96 20.16 73.81
N ASP F 81 -14.16 19.70 72.84
CA ASP F 81 -12.71 19.78 72.95
C ASP F 81 -12.18 21.18 72.62
N LYS F 82 -10.93 21.43 72.99
CA LYS F 82 -10.26 22.71 72.76
C LYS F 82 -8.79 22.44 72.50
N VAL F 83 -8.24 23.06 71.45
CA VAL F 83 -6.84 22.83 71.10
C VAL F 83 -5.92 24.02 71.25
N LEU F 84 -4.79 23.78 71.92
CA LEU F 84 -3.77 24.80 72.11
C LEU F 84 -2.91 24.72 70.86
N ILE F 85 -2.97 25.76 70.04
CA ILE F 85 -2.19 25.79 68.80
C ILE F 85 -0.98 26.70 68.92
N VAL F 86 0.22 26.15 68.77
CA VAL F 86 1.39 27.01 68.83
C VAL F 86 1.61 27.54 67.42
N SER F 87 1.84 28.84 67.32
CA SER F 87 2.02 29.46 66.02
C SER F 87 3.29 30.32 65.95
N ASN F 88 4.21 29.92 65.07
CA ASN F 88 5.44 30.66 64.85
C ASN F 88 5.83 30.45 63.39
N GLY F 89 4.86 30.69 62.51
CA GLY F 89 5.05 30.52 61.09
C GLY F 89 3.71 30.48 60.40
N ALA F 90 3.70 30.51 59.08
CA ALA F 90 2.47 30.49 58.31
C ALA F 90 1.63 29.23 58.50
N TYR F 91 2.30 28.10 58.71
CA TYR F 91 1.59 26.84 58.87
C TYR F 91 0.97 26.66 60.24
N GLY F 92 1.54 27.30 61.25
CA GLY F 92 0.94 27.22 62.56
C GLY F 92 -0.25 28.17 62.51
N ALA F 93 -0.05 29.30 61.82
CA ALA F 93 -1.10 30.31 61.67
C ALA F 93 -2.30 29.77 60.91
N ARG F 94 -2.04 28.95 59.89
CA ARG F 94 -3.13 28.37 59.12
C ARG F 94 -3.99 27.46 60.01
N VAL F 96 -4.59 27.97 63.14
CA VAL F 96 -5.40 28.90 63.92
C VAL F 96 -6.51 29.43 63.03
N GLU F 97 -6.20 29.63 61.76
CA GLU F 97 -7.17 30.11 60.79
C GLU F 97 -8.28 29.08 60.63
N ALA F 99 -9.17 26.59 62.65
CA ALA F 99 -9.94 26.46 63.88
C ALA F 99 -10.98 27.57 63.99
N GLY F 100 -10.59 28.79 63.64
CA GLY F 100 -11.51 29.92 63.71
C GLY F 100 -12.68 29.77 62.76
N LEU F 101 -12.41 29.36 61.53
CA LEU F 101 -13.45 29.18 60.51
C LEU F 101 -14.42 28.08 60.92
N GLY F 103 -15.03 27.06 63.82
CA GLY F 103 -15.66 27.31 65.10
C GLY F 103 -15.17 26.40 66.21
N ILE F 104 -13.94 25.92 66.07
CA ILE F 104 -13.34 25.02 67.07
C ILE F 104 -12.66 25.81 68.19
N ALA F 105 -12.99 25.48 69.43
CA ALA F 105 -12.40 26.14 70.59
C ALA F 105 -10.88 25.99 70.55
N HIS F 106 -10.16 27.06 70.85
CA HIS F 106 -8.70 26.99 70.81
C HIS F 106 -8.02 28.14 71.53
N HIS F 107 -6.71 28.00 71.71
CA HIS F 107 -5.89 29.02 72.31
C HIS F 107 -4.65 29.11 71.44
N ALA F 108 -4.45 30.25 70.81
CA ALA F 108 -3.30 30.42 69.95
C ALA F 108 -2.11 30.96 70.73
N TYR F 109 -1.01 30.23 70.71
CA TYR F 109 0.21 30.65 71.37
C TYR F 109 1.15 31.06 70.24
N ASP F 110 1.18 32.36 69.96
CA ASP F 110 2.00 32.91 68.89
C ASP F 110 3.26 33.51 69.48
N CYS F 111 4.42 33.09 68.97
CA CYS F 111 5.69 33.61 69.46
C CYS F 111 6.54 34.23 68.36
N GLY F 112 5.93 34.52 67.21
CA GLY F 112 6.68 35.12 66.13
C GLY F 112 7.29 34.13 65.16
N GLU F 113 7.63 34.61 63.97
CA GLU F 113 8.20 33.79 62.90
C GLU F 113 9.67 33.43 63.04
N VAL F 114 10.39 34.08 63.96
CA VAL F 114 11.81 33.79 64.11
C VAL F 114 12.21 33.39 65.52
N ALA F 115 11.22 33.03 66.34
CA ALA F 115 11.49 32.64 67.71
C ALA F 115 11.04 31.21 67.98
N ARG F 116 11.84 30.49 68.76
CA ARG F 116 11.53 29.12 69.12
C ARG F 116 10.48 29.16 70.23
N PRO F 117 9.44 28.31 70.13
CA PRO F 117 8.39 28.31 71.16
C PRO F 117 8.96 28.11 72.57
N ASP F 118 8.38 28.81 73.53
CA ASP F 118 8.83 28.71 74.91
C ASP F 118 8.06 27.63 75.65
N VAL F 119 8.71 26.49 75.84
CA VAL F 119 8.07 25.35 76.51
C VAL F 119 7.53 25.70 77.90
N GLN F 120 8.21 26.58 78.63
CA GLN F 120 7.75 26.97 79.96
C GLN F 120 6.43 27.72 79.86
N ALA F 121 6.32 28.57 78.84
CA ALA F 121 5.11 29.34 78.63
C ALA F 121 3.96 28.40 78.29
N ILE F 122 4.23 27.38 77.49
CA ILE F 122 3.22 26.41 77.10
C ILE F 122 2.75 25.63 78.33
N ASP F 123 3.68 25.30 79.22
CA ASP F 123 3.34 24.58 80.44
C ASP F 123 2.40 25.45 81.28
N ALA F 124 2.73 26.73 81.36
CA ALA F 124 1.92 27.69 82.12
C ALA F 124 0.50 27.78 81.57
N ILE F 125 0.36 27.69 80.25
CA ILE F 125 -0.95 27.74 79.60
C ILE F 125 -1.76 26.51 79.97
N LEU F 126 -1.13 25.34 79.86
CA LEU F 126 -1.80 24.07 80.17
C LEU F 126 -2.24 24.03 81.63
N ASN F 127 -1.38 24.49 82.53
CA ASN F 127 -1.69 24.49 83.96
C ASN F 127 -2.83 25.46 84.26
N ALA F 128 -2.83 26.59 83.58
CA ALA F 128 -3.86 27.62 83.77
C ALA F 128 -5.24 27.30 83.21
N ASP F 129 -5.29 26.56 82.10
CA ASP F 129 -6.57 26.24 81.47
C ASP F 129 -6.79 24.74 81.27
N PRO F 130 -7.53 24.10 82.19
CA PRO F 130 -7.85 22.68 82.15
C PRO F 130 -8.81 22.27 81.02
N THR F 131 -9.47 23.26 80.41
CA THR F 131 -10.41 22.95 79.34
C THR F 131 -9.67 22.56 78.05
N ILE F 132 -8.37 22.82 78.01
CA ILE F 132 -7.58 22.45 76.83
C ILE F 132 -7.43 20.94 76.83
N SER F 133 -7.78 20.32 75.71
CA SER F 133 -7.71 18.87 75.59
C SER F 133 -6.69 18.42 74.55
N HIS F 134 -6.36 19.31 73.61
CA HIS F 134 -5.43 18.98 72.55
C HIS F 134 -4.32 20.02 72.40
N ILE F 135 -3.20 19.57 71.83
CA ILE F 135 -2.05 20.43 71.59
C ILE F 135 -1.60 20.17 70.15
N ALA F 136 -1.42 21.23 69.39
CA ALA F 136 -1.01 21.11 68.00
C ALA F 136 0.18 22.03 67.70
N VAL F 138 3.64 22.66 64.64
CA VAL F 138 4.34 22.32 63.42
C VAL F 138 5.77 21.90 63.80
N HIS F 139 6.26 20.81 63.22
CA HIS F 139 7.61 20.34 63.53
C HIS F 139 8.63 21.21 62.80
N SER F 140 8.55 21.20 61.48
CA SER F 140 9.44 21.97 60.63
C SER F 140 8.66 23.06 59.91
N GLU F 141 8.83 24.30 60.36
CA GLU F 141 8.15 25.44 59.76
C GLU F 141 8.87 25.86 58.48
N THR F 142 8.43 25.29 57.37
CA THR F 142 9.01 25.56 56.07
C THR F 142 9.07 27.05 55.75
N THR F 143 8.28 27.84 56.46
CA THR F 143 8.24 29.29 56.29
C THR F 143 9.62 29.89 56.42
N THR F 144 10.29 29.54 57.51
CA THR F 144 11.61 30.06 57.81
C THR F 144 12.70 29.00 57.87
N GLY F 145 12.30 27.73 57.85
CA GLY F 145 13.29 26.67 57.94
C GLY F 145 13.56 26.39 59.40
N LEU F 147 13.04 24.72 63.10
CA LEU F 147 12.70 23.40 63.60
C LEU F 147 12.21 23.55 65.05
N ASN F 148 10.99 23.09 65.30
CA ASN F 148 10.39 23.20 66.63
C ASN F 148 10.64 21.95 67.49
N PRO F 149 10.70 22.13 68.82
CA PRO F 149 10.94 21.06 69.79
C PRO F 149 9.72 20.19 70.05
N ILE F 150 9.40 19.31 69.12
CA ILE F 150 8.24 18.45 69.29
C ILE F 150 8.45 17.49 70.47
N ASP F 151 9.71 17.17 70.73
CA ASP F 151 10.05 16.26 71.83
C ASP F 151 9.66 16.85 73.19
N GLU F 152 10.11 18.07 73.47
CA GLU F 152 9.80 18.72 74.72
C GLU F 152 8.31 19.01 74.87
N VAL F 153 7.65 19.38 73.77
CA VAL F 153 6.22 19.67 73.81
C VAL F 153 5.44 18.38 74.02
N GLY F 154 5.94 17.28 73.47
CA GLY F 154 5.28 16.00 73.64
C GLY F 154 5.36 15.58 75.10
N ALA F 155 6.44 15.98 75.76
CA ALA F 155 6.64 15.66 77.17
C ALA F 155 5.54 16.35 77.98
N LEU F 156 5.22 17.59 77.61
CA LEU F 156 4.17 18.33 78.29
C LEU F 156 2.83 17.68 78.03
N ALA F 157 2.60 17.28 76.78
CA ALA F 157 1.36 16.64 76.41
C ALA F 157 1.11 15.42 77.28
N HIS F 158 2.16 14.62 77.47
CA HIS F 158 2.07 13.41 78.29
C HIS F 158 1.79 13.77 79.75
N ARG F 159 2.52 14.75 80.28
CA ARG F 159 2.35 15.18 81.66
C ARG F 159 0.92 15.66 81.95
N TYR F 160 0.32 16.33 80.97
CA TYR F 160 -1.05 16.84 81.14
C TYR F 160 -2.12 15.94 80.53
N GLY F 161 -1.69 14.80 79.99
CA GLY F 161 -2.63 13.87 79.38
C GLY F 161 -3.44 14.45 78.24
N LYS F 162 -2.80 15.27 77.40
CA LYS F 162 -3.48 15.89 76.27
C LYS F 162 -3.15 15.19 74.95
N THR F 163 -4.10 15.24 74.02
CA THR F 163 -3.92 14.64 72.71
C THR F 163 -2.96 15.55 71.93
N TYR F 164 -1.86 14.97 71.46
CA TYR F 164 -0.83 15.72 70.76
C TYR F 164 -0.89 15.56 69.25
N ILE F 165 -1.01 16.68 68.55
CA ILE F 165 -1.09 16.70 67.09
C ILE F 165 0.16 17.38 66.52
N VAL F 166 0.83 16.70 65.60
CA VAL F 166 2.03 17.28 65.01
C VAL F 166 1.98 17.33 63.48
N ASP F 167 2.24 18.52 62.95
CA ASP F 167 2.29 18.75 61.51
C ASP F 167 3.75 18.55 61.12
N ALA F 168 4.08 17.36 60.65
CA ALA F 168 5.44 17.03 60.25
C ALA F 168 5.52 16.96 58.73
N SER F 170 7.01 18.71 56.46
CA SER F 170 8.34 18.81 55.86
C SER F 170 9.48 18.21 56.68
N SER F 171 9.15 17.27 57.55
CA SER F 171 10.18 16.63 58.37
C SER F 171 10.10 15.09 58.33
N PHE F 172 8.88 14.55 58.37
CA PHE F 172 8.71 13.10 58.34
C PHE F 172 9.39 12.50 57.13
N GLY F 173 10.23 11.50 57.36
CA GLY F 173 10.93 10.85 56.26
C GLY F 173 12.32 11.42 56.06
N GLY F 174 12.53 12.63 56.57
CA GLY F 174 13.83 13.28 56.43
C GLY F 174 14.53 13.49 57.77
N ILE F 175 13.81 13.30 58.86
CA ILE F 175 14.37 13.46 60.19
C ILE F 175 13.94 12.30 61.06
N PRO F 176 14.89 11.57 61.65
CA PRO F 176 14.59 10.43 62.51
C PRO F 176 13.59 10.76 63.61
N ASP F 178 10.36 8.73 66.38
CA ASP F 178 9.48 7.64 66.78
C ASP F 178 8.36 8.38 67.47
N ILE F 179 7.23 8.47 66.79
CA ILE F 179 6.08 9.20 67.32
C ILE F 179 5.50 8.65 68.61
N ALA F 180 5.77 7.39 68.91
CA ALA F 180 5.27 6.80 70.15
C ALA F 180 6.10 7.38 71.30
N ALA F 181 7.41 7.36 71.13
CA ALA F 181 8.32 7.90 72.14
C ALA F 181 8.11 9.40 72.34
N LEU F 182 7.63 10.07 71.29
CA LEU F 182 7.38 11.51 71.33
C LEU F 182 5.97 11.82 71.84
N HIS F 183 5.22 10.76 72.12
CA HIS F 183 3.86 10.91 72.63
C HIS F 183 2.93 11.59 71.63
N ILE F 184 3.22 11.41 70.35
CA ILE F 184 2.40 12.02 69.30
C ILE F 184 1.21 11.12 68.98
N ASP F 185 0.02 11.71 68.99
CA ASP F 185 -1.21 10.97 68.70
C ASP F 185 -1.63 11.03 67.23
N TYR F 186 -1.31 12.15 66.57
CA TYR F 186 -1.62 12.32 65.17
C TYR F 186 -0.43 12.96 64.48
N LEU F 187 0.19 12.22 63.58
CA LEU F 187 1.34 12.71 62.82
C LEU F 187 0.85 12.95 61.40
N ILE F 188 0.92 14.20 60.96
CA ILE F 188 0.49 14.55 59.62
C ILE F 188 1.71 14.83 58.75
N SER F 189 1.73 14.27 57.55
CA SER F 189 2.84 14.52 56.65
C SER F 189 2.45 14.44 55.18
N SER F 190 3.38 14.85 54.32
CA SER F 190 3.16 14.91 52.88
C SER F 190 3.72 13.74 52.08
N ALA F 191 3.17 13.56 50.89
CA ALA F 191 3.62 12.51 50.01
C ALA F 191 4.72 13.05 49.11
N ASN F 192 4.82 14.38 49.02
CA ASN F 192 5.80 14.98 48.12
C ASN F 192 6.96 15.79 48.69
N LYS F 193 7.37 15.51 49.93
CA LYS F 193 8.51 16.24 50.47
C LYS F 193 9.66 15.28 50.77
N CYS F 194 10.00 15.09 52.03
CA CYS F 194 11.10 14.18 52.38
C CYS F 194 11.01 12.76 51.82
N ILE F 195 9.79 12.24 51.69
CA ILE F 195 9.63 10.89 51.15
C ILE F 195 9.88 10.92 49.63
N GLN F 196 9.86 12.13 49.07
CA GLN F 196 10.12 12.37 47.66
C GLN F 196 9.17 11.72 46.66
N GLY F 197 7.88 11.72 47.00
CA GLY F 197 6.88 11.19 46.10
C GLY F 197 6.33 12.38 45.34
N VAL F 198 5.15 12.24 44.75
CA VAL F 198 4.53 13.35 44.02
C VAL F 198 3.24 13.77 44.72
N PRO F 199 2.81 15.02 44.53
CA PRO F 199 1.57 15.50 45.17
C PRO F 199 0.34 14.75 44.68
N GLY F 200 -0.72 14.78 45.47
CA GLY F 200 -1.95 14.09 45.09
C GLY F 200 -2.75 13.69 46.31
N PHE F 201 -2.04 13.36 47.39
CA PHE F 201 -2.68 12.96 48.64
C PHE F 201 -1.70 13.17 49.78
N ALA F 202 -2.22 13.17 51.00
CA ALA F 202 -1.40 13.32 52.20
C ALA F 202 -1.84 12.22 53.15
N PHE F 203 -1.22 12.15 54.32
CA PHE F 203 -1.58 11.09 55.27
C PHE F 203 -1.46 11.48 56.72
N VAL F 204 -2.05 10.65 57.58
CA VAL F 204 -2.02 10.86 59.01
C VAL F 204 -1.71 9.52 59.68
N ILE F 205 -0.67 9.49 60.49
CA ILE F 205 -0.30 8.29 61.21
C ILE F 205 -0.77 8.57 62.63
N ALA F 206 -1.77 7.83 63.08
CA ALA F 206 -2.35 8.07 64.39
C ALA F 206 -2.42 6.89 65.35
N ARG F 207 -2.52 7.21 66.64
CA ARG F 207 -2.64 6.19 67.66
C ARG F 207 -4.07 5.67 67.51
N GLU F 208 -4.21 4.40 67.16
CA GLU F 208 -5.52 3.82 66.94
C GLU F 208 -6.49 4.04 68.10
N GLN F 209 -6.00 3.94 69.32
CA GLN F 209 -6.84 4.14 70.50
C GLN F 209 -7.51 5.51 70.48
N LYS F 210 -6.82 6.51 69.94
CA LYS F 210 -7.36 7.85 69.86
C LYS F 210 -8.35 7.99 68.70
N LEU F 211 -7.91 7.63 67.50
CA LEU F 211 -8.74 7.72 66.31
C LEU F 211 -10.01 6.89 66.45
N ALA F 212 -9.88 5.72 67.06
CA ALA F 212 -11.01 4.81 67.24
C ALA F 212 -12.21 5.44 67.93
N ALA F 213 -12.00 6.53 68.65
CA ALA F 213 -13.10 7.18 69.36
C ALA F 213 -13.60 8.46 68.69
N CYS F 214 -13.29 8.64 67.41
CA CYS F 214 -13.68 9.86 66.70
C CYS F 214 -14.88 9.80 65.77
N LYS F 215 -15.65 8.71 65.83
CA LYS F 215 -16.81 8.58 64.97
C LYS F 215 -17.80 9.74 65.17
N GLY F 216 -18.22 10.34 64.08
CA GLY F 216 -19.18 11.45 64.16
C GLY F 216 -18.63 12.81 64.50
N HIS F 217 -17.33 12.90 64.76
CA HIS F 217 -16.71 14.19 65.10
C HIS F 217 -16.72 15.16 63.92
N SER F 218 -16.34 14.67 62.75
CA SER F 218 -16.28 15.51 61.56
C SER F 218 -17.63 15.94 61.01
N ARG F 219 -17.71 17.21 60.61
CA ARG F 219 -18.93 17.74 60.02
C ARG F 219 -18.75 17.75 58.51
N SER F 220 -17.59 17.28 58.07
CA SER F 220 -17.25 17.20 56.66
C SER F 220 -17.15 15.74 56.26
N LEU F 221 -17.88 15.35 55.23
CA LEU F 221 -17.82 13.97 54.77
C LEU F 221 -16.48 13.71 54.10
N SER F 222 -16.10 14.61 53.20
CA SER F 222 -14.84 14.48 52.48
C SER F 222 -13.61 14.37 53.38
N LEU F 223 -13.59 15.17 54.45
CA LEU F 223 -12.45 15.17 55.35
C LEU F 223 -12.66 14.40 56.66
N ASP F 224 -13.59 13.46 56.66
CA ASP F 224 -13.85 12.67 57.86
C ASP F 224 -12.77 11.60 57.97
N LEU F 225 -11.74 11.88 58.77
CA LEU F 225 -10.62 10.97 58.96
C LEU F 225 -11.03 9.63 59.56
N TYR F 226 -12.02 9.63 60.43
CA TYR F 226 -12.48 8.39 61.05
C TYR F 226 -13.15 7.47 60.02
N ALA F 227 -14.07 8.04 59.24
CA ALA F 227 -14.78 7.26 58.22
C ALA F 227 -13.82 6.75 57.15
N GLN F 228 -12.85 7.57 56.79
CA GLN F 228 -11.86 7.19 55.78
C GLN F 228 -11.08 5.99 56.31
N TRP F 229 -10.61 6.11 57.56
CA TRP F 229 -9.84 5.06 58.21
C TRP F 229 -10.66 3.77 58.35
N ARG F 230 -11.89 3.90 58.81
CA ARG F 230 -12.76 2.74 59.00
C ARG F 230 -12.95 1.96 57.69
N CYS F 231 -13.09 2.69 56.59
CA CYS F 231 -13.27 2.04 55.30
C CYS F 231 -12.00 1.25 54.92
N GLU F 233 -9.85 0.04 56.97
CA GLU F 233 -9.76 -1.06 57.92
C GLU F 233 -10.71 -2.20 57.58
N ASP F 234 -11.95 -1.87 57.23
CA ASP F 234 -12.94 -2.89 56.92
C ASP F 234 -12.85 -3.44 55.50
N ASN F 235 -12.38 -2.62 54.58
CA ASN F 235 -12.31 -3.05 53.20
C ASN F 235 -10.93 -3.15 52.57
N HIS F 236 -10.01 -3.74 53.32
CA HIS F 236 -8.65 -3.97 52.85
C HIS F 236 -7.97 -2.80 52.13
N GLY F 237 -7.98 -1.62 52.75
CA GLY F 237 -7.33 -0.47 52.16
C GLY F 237 -8.09 0.38 51.16
N LYS F 238 -9.34 0.04 50.88
CA LYS F 238 -10.13 0.81 49.94
C LYS F 238 -10.40 2.25 50.38
N TRP F 239 -10.30 3.19 49.45
CA TRP F 239 -10.58 4.58 49.75
C TRP F 239 -12.08 4.75 49.53
N ARG F 240 -12.74 5.55 50.36
CA ARG F 240 -14.18 5.76 50.20
C ARG F 240 -14.52 6.31 48.82
N PHE F 241 -13.76 7.29 48.36
CA PHE F 241 -14.00 7.90 47.07
C PHE F 241 -12.81 7.66 46.15
N THR F 242 -12.90 8.16 44.92
CA THR F 242 -11.82 7.99 43.96
C THR F 242 -10.51 8.51 44.55
N SER F 243 -9.44 7.76 44.34
CA SER F 243 -8.13 8.15 44.85
C SER F 243 -7.18 8.41 43.68
N PRO F 244 -6.13 9.23 43.89
CA PRO F 244 -5.18 9.53 42.82
C PRO F 244 -4.23 8.35 42.67
N THR F 245 -4.76 7.24 42.13
CA THR F 245 -4.03 6.00 41.95
C THR F 245 -2.61 6.13 41.42
N HIS F 246 -2.43 6.94 40.39
CA HIS F 246 -1.11 7.12 39.78
C HIS F 246 -0.11 7.69 40.78
N THR F 247 -0.51 8.73 41.51
CA THR F 247 0.37 9.36 42.48
C THR F 247 0.64 8.39 43.63
N VAL F 248 -0.32 7.49 43.87
CA VAL F 248 -0.18 6.49 44.93
C VAL F 248 0.86 5.47 44.50
N LEU F 249 0.87 5.11 43.21
CA LEU F 249 1.84 4.18 42.68
C LEU F 249 3.24 4.80 42.81
N ALA F 250 3.32 6.11 42.54
CA ALA F 250 4.59 6.82 42.64
C ALA F 250 5.06 6.83 44.08
N PHE F 251 4.12 6.94 45.02
CA PHE F 251 4.49 6.98 46.43
C PHE F 251 5.09 5.66 46.89
N ALA F 252 4.52 4.56 46.41
CA ALA F 252 5.02 3.24 46.76
C ALA F 252 6.47 3.14 46.30
N GLN F 253 6.73 3.59 45.08
CA GLN F 253 8.07 3.56 44.53
C GLN F 253 8.98 4.50 45.32
N ALA F 254 8.41 5.58 45.83
CA ALA F 254 9.19 6.53 46.61
C ALA F 254 9.63 5.86 47.91
N LEU F 255 8.72 5.10 48.52
CA LEU F 255 9.03 4.39 49.77
C LEU F 255 10.13 3.36 49.54
N LYS F 256 10.05 2.64 48.42
CA LYS F 256 11.05 1.63 48.09
C LYS F 256 12.41 2.27 47.89
N GLU F 257 12.45 3.45 47.30
CA GLU F 257 13.70 4.14 47.06
C GLU F 257 14.28 4.74 48.35
N LEU F 258 13.39 5.04 49.30
CA LEU F 258 13.83 5.58 50.58
C LEU F 258 14.53 4.45 51.33
N ALA F 259 13.95 3.26 51.25
CA ALA F 259 14.53 2.10 51.91
C ALA F 259 15.87 1.76 51.28
N LYS F 260 15.94 1.84 49.96
CA LYS F 260 17.17 1.54 49.24
C LYS F 260 18.28 2.53 49.60
N GLU F 261 17.91 3.75 49.94
CA GLU F 261 18.91 4.75 50.30
C GLU F 261 19.48 4.46 51.69
N GLY F 262 18.71 3.77 52.51
CA GLY F 262 19.16 3.45 53.86
C GLY F 262 18.18 3.89 54.93
N GLY F 263 16.97 4.27 54.51
CA GLY F 263 15.97 4.70 55.47
C GLY F 263 16.09 6.16 55.85
N VAL F 264 15.25 6.61 56.79
CA VAL F 264 15.27 7.99 57.24
C VAL F 264 16.65 8.42 57.74
N ALA F 265 17.34 7.53 58.45
CA ALA F 265 18.67 7.85 58.97
C ALA F 265 19.61 8.29 57.87
N ALA F 266 19.64 7.56 56.77
CA ALA F 266 20.51 7.87 55.65
C ALA F 266 20.07 9.14 54.91
N ARG F 267 18.77 9.27 54.68
CA ARG F 267 18.27 10.46 53.97
C ARG F 267 18.56 11.70 54.81
N HIS F 268 18.35 11.59 56.11
CA HIS F 268 18.60 12.70 57.02
C HIS F 268 20.05 13.17 56.89
N GLN F 269 20.97 12.21 56.78
CA GLN F 269 22.39 12.53 56.64
C GLN F 269 22.65 13.33 55.37
N ARG F 270 22.03 12.92 54.26
CA ARG F 270 22.20 13.62 52.99
C ARG F 270 21.62 15.03 53.08
N TYR F 271 20.41 15.13 53.63
CA TYR F 271 19.75 16.41 53.76
C TYR F 271 20.56 17.36 54.64
N GLN F 272 20.96 16.88 55.81
CA GLN F 272 21.74 17.68 56.75
C GLN F 272 23.05 18.18 56.13
N GLN F 273 23.75 17.30 55.43
CA GLN F 273 25.00 17.68 54.79
C GLN F 273 24.77 18.68 53.66
N ASN F 274 23.72 18.46 52.87
CA ASN F 274 23.37 19.36 51.78
C ASN F 274 23.21 20.78 52.35
N GLN F 275 22.35 20.88 53.35
CA GLN F 275 22.03 22.13 54.02
C GLN F 275 23.26 22.85 54.57
N ARG F 276 24.11 22.12 55.29
CA ARG F 276 25.32 22.72 55.86
C ARG F 276 26.30 23.19 54.80
N SER F 277 26.47 22.42 53.73
CA SER F 277 27.37 22.80 52.65
C SER F 277 26.82 24.01 51.91
N LEU F 278 25.49 24.11 51.84
CA LEU F 278 24.85 25.24 51.17
C LEU F 278 25.08 26.53 51.95
N VAL F 279 24.82 26.47 53.25
CA VAL F 279 25.00 27.65 54.12
C VAL F 279 26.43 28.17 54.05
N ALA F 280 27.40 27.26 54.18
CA ALA F 280 28.81 27.63 54.13
C ALA F 280 29.15 28.32 52.83
N GLY F 281 28.70 27.74 51.72
CA GLY F 281 28.96 28.31 50.42
C GLY F 281 28.25 29.64 50.22
N ARG F 283 27.29 31.72 52.60
CA ARG F 283 27.95 32.67 53.47
C ARG F 283 29.27 33.12 52.83
N ALA F 284 29.95 32.18 52.18
CA ALA F 284 31.21 32.49 51.52
C ALA F 284 30.97 33.48 50.39
N LEU F 285 29.77 33.45 49.81
CA LEU F 285 29.44 34.35 48.72
C LEU F 285 28.93 35.70 49.23
N GLY F 286 28.81 35.82 50.55
CA GLY F 286 28.35 37.08 51.13
C GLY F 286 26.93 37.11 51.63
N PHE F 287 26.21 35.99 51.52
CA PHE F 287 24.83 35.97 51.99
C PHE F 287 24.78 35.66 53.49
N ASN F 288 23.64 35.91 54.10
CA ASN F 288 23.44 35.63 55.52
C ASN F 288 22.13 34.88 55.75
N THR F 289 22.12 33.97 56.71
CA THR F 289 20.91 33.21 57.01
C THR F 289 20.02 34.00 57.96
N LEU F 290 18.71 33.85 57.80
CA LEU F 290 17.76 34.54 58.65
C LEU F 290 17.92 34.07 60.11
N LEU F 291 18.07 32.75 60.28
CA LEU F 291 18.21 32.16 61.61
C LEU F 291 19.62 31.65 61.88
N ASP F 292 19.96 31.50 63.16
CA ASP F 292 21.27 30.96 63.52
C ASP F 292 21.17 29.46 63.22
N ASP F 293 22.28 28.84 62.86
CA ASP F 293 22.31 27.42 62.52
C ASP F 293 21.62 26.52 63.55
N GLU F 294 21.69 26.91 64.81
CA GLU F 294 21.10 26.13 65.90
C GLU F 294 19.60 25.85 65.68
N LEU F 295 18.91 26.76 65.02
CA LEU F 295 17.47 26.62 64.79
C LEU F 295 17.11 26.03 63.42
N HIS F 296 18.12 25.75 62.60
CA HIS F 296 17.90 25.22 61.25
C HIS F 296 17.27 23.82 61.16
N SER F 297 16.36 23.66 60.20
CA SER F 297 15.76 22.36 59.93
C SER F 297 16.64 21.95 58.76
N PRO F 298 16.83 20.65 58.53
CA PRO F 298 17.68 20.25 57.40
C PRO F 298 17.07 20.15 56.01
N ILE F 299 15.89 20.74 55.80
CA ILE F 299 15.28 20.62 54.46
C ILE F 299 15.19 21.92 53.65
N ILE F 300 15.26 23.07 54.31
CA ILE F 300 15.20 24.34 53.61
C ILE F 300 15.83 25.46 54.47
N THR F 301 16.40 26.45 53.80
CA THR F 301 17.06 27.56 54.49
C THR F 301 16.60 28.91 53.94
N ALA F 302 16.43 29.88 54.82
CA ALA F 302 16.02 31.21 54.41
C ALA F 302 17.22 32.15 54.52
N PHE F 303 17.44 32.93 53.46
CA PHE F 303 18.55 33.87 53.42
C PHE F 303 18.01 35.29 53.26
N TYR F 304 18.72 36.27 53.80
CA TYR F 304 18.31 37.66 53.66
C TYR F 304 18.47 38.10 52.22
N SER F 305 17.48 38.83 51.72
CA SER F 305 17.54 39.33 50.35
C SER F 305 18.58 40.44 50.29
N PRO F 306 19.38 40.47 49.22
CA PRO F 306 20.40 41.52 49.12
C PRO F 306 19.71 42.88 49.15
N GLU F 307 20.36 43.85 49.79
CA GLU F 307 19.78 45.18 49.90
C GLU F 307 20.19 46.11 48.75
N ASP F 308 21.12 45.65 47.91
CA ASP F 308 21.56 46.46 46.78
C ASP F 308 20.35 46.88 45.93
N PRO F 309 20.26 48.17 45.59
CA PRO F 309 19.16 48.71 44.79
C PRO F 309 18.87 47.99 43.48
N GLN F 310 19.90 47.38 42.89
CA GLN F 310 19.73 46.65 41.64
C GLN F 310 19.08 45.28 41.82
N TYR F 311 19.13 44.75 43.05
CA TYR F 311 18.55 43.44 43.31
C TYR F 311 17.04 43.33 43.15
N ARG F 312 16.63 42.23 42.53
CA ARG F 312 15.22 41.91 42.30
C ARG F 312 15.16 40.38 42.30
N PHE F 313 14.34 39.80 43.18
CA PHE F 313 14.25 38.35 43.23
C PHE F 313 13.88 37.76 41.87
N SER F 314 12.93 38.40 41.17
CA SER F 314 12.51 37.91 39.86
C SER F 314 13.67 37.74 38.90
N GLU F 315 14.59 38.71 38.89
CA GLU F 315 15.75 38.62 37.99
C GLU F 315 16.75 37.57 38.47
N PHE F 316 17.05 37.59 39.76
CA PHE F 316 17.96 36.63 40.36
C PHE F 316 17.42 35.22 40.07
N TYR F 317 16.12 35.07 40.24
CA TYR F 317 15.45 33.80 40.00
C TYR F 317 15.57 33.37 38.54
N ARG F 318 15.42 34.31 37.62
CA ARG F 318 15.52 34.03 36.20
C ARG F 318 16.92 33.54 35.84
N ARG F 319 17.94 34.29 36.26
CA ARG F 319 19.32 33.92 35.97
C ARG F 319 19.70 32.56 36.52
N LEU F 320 19.08 32.17 37.62
CA LEU F 320 19.35 30.87 38.21
C LEU F 320 18.66 29.76 37.40
N LYS F 321 17.37 29.94 37.14
CA LYS F 321 16.59 28.96 36.38
C LYS F 321 17.27 28.75 35.04
N GLU F 322 17.68 29.87 34.45
CA GLU F 322 18.37 29.89 33.17
C GLU F 322 19.56 28.93 33.20
N GLN F 323 20.11 28.71 34.39
CA GLN F 323 21.26 27.82 34.57
C GLN F 323 20.85 26.42 35.01
N GLY F 324 19.55 26.20 35.20
CA GLY F 324 19.09 24.90 35.61
C GLY F 324 18.76 24.74 37.08
N PHE F 325 18.62 25.86 37.79
CA PHE F 325 18.30 25.80 39.21
C PHE F 325 17.13 26.69 39.56
N VAL F 326 16.13 26.09 40.20
CA VAL F 326 14.92 26.79 40.60
C VAL F 326 14.89 27.00 42.12
N ILE F 327 15.04 28.25 42.56
CA ILE F 327 14.99 28.51 44.00
C ILE F 327 13.58 28.94 44.40
N TYR F 328 13.42 29.40 45.63
CA TYR F 328 12.09 29.75 46.10
C TYR F 328 12.01 31.12 46.77
N PRO F 329 10.84 31.79 46.66
CA PRO F 329 10.67 33.11 47.25
C PRO F 329 10.53 33.02 48.77
N GLY F 330 10.74 34.15 49.44
CA GLY F 330 10.62 34.18 50.89
C GLY F 330 9.24 34.68 51.27
N LYS F 331 8.70 34.18 52.38
CA LYS F 331 7.38 34.60 52.85
C LYS F 331 7.39 35.04 54.30
N VAL F 332 8.46 35.74 54.68
CA VAL F 332 8.59 36.24 56.04
C VAL F 332 8.10 37.68 56.02
N SER F 333 7.35 38.08 57.04
CA SER F 333 6.81 39.44 57.11
C SER F 333 7.73 40.47 57.75
N GLN F 334 8.52 40.05 58.74
CA GLN F 334 9.41 40.98 59.43
C GLN F 334 10.72 41.21 58.69
N SER F 335 10.96 40.47 57.61
CA SER F 335 12.20 40.65 56.85
C SER F 335 12.07 40.13 55.42
N ASP F 336 12.86 40.70 54.52
CA ASP F 336 12.84 40.31 53.12
C ASP F 336 13.85 39.17 52.89
N CYS F 337 13.34 38.00 52.56
CA CYS F 337 14.19 36.82 52.32
C CYS F 337 13.78 36.04 51.08
N PHE F 338 14.57 35.01 50.80
CA PHE F 338 14.31 34.08 49.71
C PHE F 338 14.73 32.75 50.31
N ARG F 339 14.30 31.65 49.71
CA ARG F 339 14.63 30.34 50.25
C ARG F 339 15.24 29.37 49.26
N ILE F 340 16.02 28.44 49.79
CA ILE F 340 16.65 27.41 48.97
C ILE F 340 16.48 26.09 49.69
N GLY F 341 15.68 25.20 49.13
CA GLY F 341 15.47 23.90 49.73
C GLY F 341 16.59 22.99 49.31
N ASN F 342 16.72 21.83 49.96
CA ASN F 342 17.78 20.92 49.58
C ASN F 342 17.32 19.47 49.68
N ILE F 343 16.05 19.24 49.37
CA ILE F 343 15.48 17.90 49.41
C ILE F 343 15.10 17.45 48.01
N GLY F 344 14.81 16.16 47.88
CA GLY F 344 14.47 15.61 46.57
C GLY F 344 15.77 15.10 45.98
N GLU F 345 15.86 15.04 44.65
CA GLU F 345 17.08 14.57 44.00
C GLU F 345 18.20 15.61 44.09
N VAL F 346 18.60 15.92 45.31
CA VAL F 346 19.67 16.88 45.54
C VAL F 346 20.81 16.20 46.30
N TYR F 347 22.00 16.28 45.72
CA TYR F 347 23.17 15.67 46.33
C TYR F 347 24.31 16.66 46.41
N ALA F 348 25.38 16.26 47.10
CA ALA F 348 26.56 17.11 47.27
C ALA F 348 26.97 17.79 45.96
N ALA F 349 27.04 16.99 44.89
CA ALA F 349 27.43 17.52 43.58
C ALA F 349 26.52 18.65 43.11
N ASP F 350 25.24 18.55 43.44
CA ASP F 350 24.27 19.56 43.05
C ASP F 350 24.46 20.85 43.82
N ILE F 351 24.77 20.74 45.11
CA ILE F 351 24.99 21.92 45.93
C ILE F 351 26.17 22.70 45.36
N THR F 352 27.21 21.98 44.95
CA THR F 352 28.39 22.61 44.38
C THR F 352 28.06 23.37 43.09
N ALA F 353 27.29 22.73 42.22
CA ALA F 353 26.91 23.36 40.96
C ALA F 353 26.01 24.56 41.20
N LEU F 354 25.21 24.48 42.27
CA LEU F 354 24.30 25.55 42.63
C LEU F 354 25.09 26.80 43.01
N LEU F 355 26.06 26.62 43.90
CA LEU F 355 26.89 27.72 44.36
C LEU F 355 27.60 28.42 43.21
N THR F 356 28.03 27.66 42.21
CA THR F 356 28.68 28.24 41.04
C THR F 356 27.63 29.06 40.29
N ALA F 357 26.42 28.52 40.18
CA ALA F 357 25.33 29.20 39.48
C ALA F 357 24.95 30.48 40.23
N ILE F 358 24.94 30.41 41.56
CA ILE F 358 24.61 31.55 42.39
C ILE F 358 25.59 32.69 42.12
N ARG F 359 26.89 32.38 42.18
CA ARG F 359 27.91 33.39 41.93
C ARG F 359 27.71 34.02 40.55
N THR F 360 27.40 33.19 39.57
CA THR F 360 27.18 33.66 38.20
C THR F 360 25.94 34.54 38.09
N ALA F 361 24.97 34.31 38.98
CA ALA F 361 23.72 35.07 38.95
C ALA F 361 23.75 36.38 39.75
N TYR F 363 24.31 39.42 39.56
CA TYR F 363 24.48 40.52 38.62
C TYR F 363 24.61 41.89 39.28
N TRP F 364 24.07 42.03 40.48
CA TRP F 364 24.11 43.30 41.19
C TRP F 364 25.48 43.55 41.80
N THR F 365 26.31 42.53 41.80
CA THR F 365 27.65 42.64 42.38
C THR F 365 28.72 42.60 41.29
#